data_7JJ4
# 
_entry.id   7JJ4 
# 
_audit_conform.dict_name       mmcif_pdbx.dic 
_audit_conform.dict_version    5.380 
_audit_conform.dict_location   http://mmcif.pdb.org/dictionaries/ascii/mmcif_pdbx.dic 
# 
loop_
_database_2.database_id 
_database_2.database_code 
_database_2.pdbx_database_accession 
_database_2.pdbx_DOI 
PDB   7JJ4         pdb_00007jj4 10.2210/pdb7jj4/pdb 
WWPDB D_1000250814 ?            ?                   
# 
_pdbx_database_status.status_code                     REL 
_pdbx_database_status.status_code_sf                  REL 
_pdbx_database_status.status_code_mr                  ? 
_pdbx_database_status.entry_id                        7JJ4 
_pdbx_database_status.recvd_initial_deposition_date   2020-07-24 
_pdbx_database_status.SG_entry                        N 
_pdbx_database_status.deposit_site                    RCSB 
_pdbx_database_status.process_site                    RCSB 
_pdbx_database_status.status_code_cs                  ? 
_pdbx_database_status.status_code_nmr_data            ? 
_pdbx_database_status.methods_development_category    ? 
_pdbx_database_status.pdb_format_compatible           Y 
# 
loop_
_audit_author.name 
_audit_author.pdbx_ordinal 
_audit_author.identifier_ORCID 
'Simmons, C.R.'      1 0000-0002-2290-6132 
'MacCulloch, T.'     2 0000-0001-5875-3361 
'Stephanopoulos, N.' 3 0000-0001-7859-410X 
'Yan, H.'            4 0000-0001-7397-9852 
# 
_citation.abstract                  ? 
_citation.abstract_id_CAS           ? 
_citation.book_id_ISBN              ? 
_citation.book_publisher            ? 
_citation.book_publisher_city       ? 
_citation.book_title                ? 
_citation.coordinate_linkage        ? 
_citation.country                   UK 
_citation.database_id_Medline       ? 
_citation.details                   ? 
_citation.id                        primary 
_citation.journal_abbrev            'Nat Commun' 
_citation.journal_id_ASTM           ? 
_citation.journal_id_CSD            ? 
_citation.journal_id_ISSN           2041-1723 
_citation.journal_full              ? 
_citation.journal_issue             ? 
_citation.journal_volume            13 
_citation.language                  ? 
_citation.page_first                3112 
_citation.page_last                 3112 
_citation.title                     'The influence of Holliday junction sequence and dynamics on DNA crystal self-assembly.' 
_citation.year                      2022 
_citation.database_id_CSD           ? 
_citation.pdbx_database_id_DOI      10.1038/s41467-022-30779-6 
_citation.pdbx_database_id_PubMed   35662248 
_citation.unpublished_flag          ? 
# 
loop_
_citation_author.citation_id 
_citation_author.name 
_citation_author.ordinal 
_citation_author.identifier_ORCID 
primary 'Simmons, C.R.'      1  ?                   
primary 'MacCulloch, T.'     2  ?                   
primary 'Krepl, M.'          3  0000-0002-9833-4281 
primary 'Matthies, M.'       4  ?                   
primary 'Buchberger, A.'     5  ?                   
primary 'Crawford, I.'       6  ?                   
primary 'Sponer, J.'         7  0000-0001-6558-6186 
primary 'Sulc, P.'           8  0000-0003-1565-6769 
primary 'Stephanopoulos, N.' 9  0000-0001-7859-410X 
primary 'Yan, H.'            10 0000-0001-7397-9852 
# 
_cell.angle_alpha                  90.000 
_cell.angle_alpha_esd              ? 
_cell.angle_beta                   90.000 
_cell.angle_beta_esd               ? 
_cell.angle_gamma                  120.000 
_cell.angle_gamma_esd              ? 
_cell.entry_id                     7JJ4 
_cell.details                      ? 
_cell.formula_units_Z              ? 
_cell.length_a                     112.747 
_cell.length_a_esd                 ? 
_cell.length_b                     112.747 
_cell.length_b_esd                 ? 
_cell.length_c                     51.059 
_cell.length_c_esd                 ? 
_cell.volume                       ? 
_cell.volume_esd                   ? 
_cell.Z_PDB                        9 
_cell.reciprocal_angle_alpha       ? 
_cell.reciprocal_angle_beta        ? 
_cell.reciprocal_angle_gamma       ? 
_cell.reciprocal_angle_alpha_esd   ? 
_cell.reciprocal_angle_beta_esd    ? 
_cell.reciprocal_angle_gamma_esd   ? 
_cell.reciprocal_length_a          ? 
_cell.reciprocal_length_b          ? 
_cell.reciprocal_length_c          ? 
_cell.reciprocal_length_a_esd      ? 
_cell.reciprocal_length_b_esd      ? 
_cell.reciprocal_length_c_esd      ? 
_cell.pdbx_unique_axis             ? 
# 
_symmetry.entry_id                         7JJ4 
_symmetry.cell_setting                     ? 
_symmetry.Int_Tables_number                146 
_symmetry.space_group_name_Hall            ? 
_symmetry.space_group_name_H-M             'H 3' 
_symmetry.pdbx_full_space_group_name_H-M   ? 
# 
loop_
_entity.id 
_entity.type 
_entity.src_method 
_entity.pdbx_description 
_entity.formula_weight 
_entity.pdbx_number_of_molecules 
_entity.pdbx_ec 
_entity.pdbx_mutation 
_entity.pdbx_fragment 
_entity.details 
1 polymer     syn 
;DNA (5'-D(*GP*AP*AP*CP*GP*AP*CP*AP*GP*AP*GP*A)-3')
;
3729.470 1 ? ? ? ? 
2 polymer     syn 
;DNA (5'-D(P*CP*GP*CP*CP*GP*AP*CP*TP*C)-3')
;
2676.763 1 ? ? ? ? 
3 polymer     syn 
;DNA (5'-D(P*TP*CP*TP*GP*CP*G)-3')
;
1800.203 1 ? ? ? ? 
4 polymer     syn 
;DNA (5'-D(*TP*CP*GP*AP*GP*TP*CP*GP*CP*TP*GP*TP*CP*GP*T)-3')
;
4591.969 1 ? ? ? ? 
5 non-polymer syn 'CACODYLATE ION'                                              136.989  2 ? ? ? ? 
# 
loop_
_entity_poly.entity_id 
_entity_poly.type 
_entity_poly.nstd_linkage 
_entity_poly.nstd_monomer 
_entity_poly.pdbx_seq_one_letter_code 
_entity_poly.pdbx_seq_one_letter_code_can 
_entity_poly.pdbx_strand_id 
_entity_poly.pdbx_target_identifier 
1 polydeoxyribonucleotide no no '(DG)(DA)(DA)(DC)(DG)(DA)(DC)(DA)(DG)(DA)(DG)(DA)'             GAACGACAGAGA    A ? 
2 polydeoxyribonucleotide no no '(DC)(DG)(DC)(DC)(DG)(DA)(DC)(DT)(DC)'                         CGCCGACTC       B ? 
3 polydeoxyribonucleotide no no '(DT)(DC)(DT)(DG)(DC)(DG)'                                     TCTGCG          C ? 
4 polydeoxyribonucleotide no no '(DT)(DC)(DG)(DA)(DG)(DT)(DC)(DG)(DC)(DT)(DG)(DT)(DC)(DG)(DT)' TCGAGTCGCTGTCGT D ? 
# 
loop_
_entity_poly_seq.entity_id 
_entity_poly_seq.num 
_entity_poly_seq.mon_id 
_entity_poly_seq.hetero 
1 1  DG n 
1 2  DA n 
1 3  DA n 
1 4  DC n 
1 5  DG n 
1 6  DA n 
1 7  DC n 
1 8  DA n 
1 9  DG n 
1 10 DA n 
1 11 DG n 
1 12 DA n 
2 1  DC n 
2 2  DG n 
2 3  DC n 
2 4  DC n 
2 5  DG n 
2 6  DA n 
2 7  DC n 
2 8  DT n 
2 9  DC n 
3 1  DT n 
3 2  DC n 
3 3  DT n 
3 4  DG n 
3 5  DC n 
3 6  DG n 
4 1  DT n 
4 2  DC n 
4 3  DG n 
4 4  DA n 
4 5  DG n 
4 6  DT n 
4 7  DC n 
4 8  DG n 
4 9  DC n 
4 10 DT n 
4 11 DG n 
4 12 DT n 
4 13 DC n 
4 14 DG n 
4 15 DT n 
# 
loop_
_pdbx_entity_src_syn.entity_id 
_pdbx_entity_src_syn.pdbx_src_id 
_pdbx_entity_src_syn.pdbx_alt_source_flag 
_pdbx_entity_src_syn.pdbx_beg_seq_num 
_pdbx_entity_src_syn.pdbx_end_seq_num 
_pdbx_entity_src_syn.organism_scientific 
_pdbx_entity_src_syn.organism_common_name 
_pdbx_entity_src_syn.ncbi_taxonomy_id 
_pdbx_entity_src_syn.details 
1 1 sample 1 12 'synthetic construct' ? 32630 ? 
2 1 sample 1 9  'synthetic construct' ? 32630 ? 
3 1 sample 1 6  'synthetic construct' ? 32630 ? 
4 1 sample 1 15 'synthetic construct' ? 32630 ? 
# 
loop_
_struct_ref.id 
_struct_ref.db_name 
_struct_ref.db_code 
_struct_ref.pdbx_db_accession 
_struct_ref.pdbx_db_isoform 
_struct_ref.entity_id 
_struct_ref.pdbx_seq_one_letter_code 
_struct_ref.pdbx_align_begin 
1 PDB 7JJ4 7JJ4 ? 1 ? 1 
2 PDB 7JJ4 7JJ4 ? 2 ? 1 
3 PDB 7JJ4 7JJ4 ? 3 ? 1 
4 PDB 7JJ4 7JJ4 ? 4 ? 1 
# 
loop_
_struct_ref_seq.align_id 
_struct_ref_seq.ref_id 
_struct_ref_seq.pdbx_PDB_id_code 
_struct_ref_seq.pdbx_strand_id 
_struct_ref_seq.seq_align_beg 
_struct_ref_seq.pdbx_seq_align_beg_ins_code 
_struct_ref_seq.seq_align_end 
_struct_ref_seq.pdbx_seq_align_end_ins_code 
_struct_ref_seq.pdbx_db_accession 
_struct_ref_seq.db_align_beg 
_struct_ref_seq.pdbx_db_align_beg_ins_code 
_struct_ref_seq.db_align_end 
_struct_ref_seq.pdbx_db_align_end_ins_code 
_struct_ref_seq.pdbx_auth_seq_align_beg 
_struct_ref_seq.pdbx_auth_seq_align_end 
1 1 7JJ4 A 1 ? 12 ? 7JJ4 1  ? 12 ? 1  12 
2 2 7JJ4 B 1 ? 9  ? 7JJ4 12 ? 20 ? 12 20 
3 3 7JJ4 C 1 ? 6  ? 7JJ4 0  ? 5  ? 0  5  
4 4 7JJ4 D 1 ? 15 ? 7JJ4 2  ? 16 ? 2  16 
# 
loop_
_chem_comp.id 
_chem_comp.type 
_chem_comp.mon_nstd_flag 
_chem_comp.name 
_chem_comp.pdbx_synonyms 
_chem_comp.formula 
_chem_comp.formula_weight 
CAC non-polymer   . 'CACODYLATE ION'                     dimethylarsinate 'C2 H6 As O2 -1'  136.989 
DA  'DNA linking' y "2'-DEOXYADENOSINE-5'-MONOPHOSPHATE" ?                'C10 H14 N5 O6 P' 331.222 
DC  'DNA linking' y "2'-DEOXYCYTIDINE-5'-MONOPHOSPHATE"  ?                'C9 H14 N3 O7 P'  307.197 
DG  'DNA linking' y "2'-DEOXYGUANOSINE-5'-MONOPHOSPHATE" ?                'C10 H14 N5 O7 P' 347.221 
DT  'DNA linking' y "THYMIDINE-5'-MONOPHOSPHATE"         ?                'C10 H15 N2 O8 P' 322.208 
# 
_exptl.absorpt_coefficient_mu     ? 
_exptl.absorpt_correction_T_max   ? 
_exptl.absorpt_correction_T_min   ? 
_exptl.absorpt_correction_type    ? 
_exptl.absorpt_process_details    ? 
_exptl.entry_id                   7JJ4 
_exptl.crystals_number            1 
_exptl.details                    ? 
_exptl.method                     'X-RAY DIFFRACTION' 
_exptl.method_details             ? 
# 
_exptl_crystal.colour                      ? 
_exptl_crystal.density_diffrn              ? 
_exptl_crystal.density_Matthews            4.88 
_exptl_crystal.density_method              ? 
_exptl_crystal.density_percent_sol         74.79 
_exptl_crystal.description                 ? 
_exptl_crystal.F_000                       ? 
_exptl_crystal.id                          1 
_exptl_crystal.preparation                 ? 
_exptl_crystal.size_max                    ? 
_exptl_crystal.size_mid                    ? 
_exptl_crystal.size_min                    ? 
_exptl_crystal.size_rad                    ? 
_exptl_crystal.colour_lustre               ? 
_exptl_crystal.colour_modifier             ? 
_exptl_crystal.colour_primary              ? 
_exptl_crystal.density_meas                ? 
_exptl_crystal.density_meas_esd            ? 
_exptl_crystal.density_meas_gt             ? 
_exptl_crystal.density_meas_lt             ? 
_exptl_crystal.density_meas_temp           ? 
_exptl_crystal.density_meas_temp_esd       ? 
_exptl_crystal.density_meas_temp_gt        ? 
_exptl_crystal.density_meas_temp_lt        ? 
_exptl_crystal.pdbx_crystal_image_url      ? 
_exptl_crystal.pdbx_crystal_image_format   ? 
_exptl_crystal.pdbx_mosaicity              ? 
_exptl_crystal.pdbx_mosaicity_esd          ? 
# 
_exptl_crystal_grow.apparatus       ? 
_exptl_crystal_grow.atmosphere      ? 
_exptl_crystal_grow.crystal_id      1 
_exptl_crystal_grow.details         ? 
_exptl_crystal_grow.method          'VAPOR DIFFUSION, SITTING DROP' 
_exptl_crystal_grow.method_ref      ? 
_exptl_crystal_grow.pH              ? 
_exptl_crystal_grow.pressure        ? 
_exptl_crystal_grow.pressure_esd    ? 
_exptl_crystal_grow.seeding         ? 
_exptl_crystal_grow.seeding_ref     ? 
_exptl_crystal_grow.temp            298 
_exptl_crystal_grow.temp_details    'temperature gradient generated from 60 to 25 C at 0.3 degrees per hour' 
_exptl_crystal_grow.temp_esd        ? 
_exptl_crystal_grow.time            ? 
_exptl_crystal_grow.pdbx_details    
;0.5 mL of 0.05 M Cacodylate pH 7.0 with 20 mM MgCl2, 1.0 mM spermine, 1.0 mM CoH18N6, and 15% ethanol was added to the reservoir with 2 uL added to the drop containing 4 uL of DNA stock
;
_exptl_crystal_grow.pdbx_pH_range   ? 
# 
_diffrn.ambient_environment              ? 
_diffrn.ambient_temp                     100 
_diffrn.ambient_temp_details             ? 
_diffrn.ambient_temp_esd                 ? 
_diffrn.crystal_id                       1 
_diffrn.crystal_support                  ? 
_diffrn.crystal_treatment                ? 
_diffrn.details                          ? 
_diffrn.id                               1 
_diffrn.ambient_pressure                 ? 
_diffrn.ambient_pressure_esd             ? 
_diffrn.ambient_pressure_gt              ? 
_diffrn.ambient_pressure_lt              ? 
_diffrn.ambient_temp_gt                  ? 
_diffrn.ambient_temp_lt                  ? 
_diffrn.pdbx_serial_crystal_experiment   N 
# 
_diffrn_detector.details                      ? 
_diffrn_detector.detector                     PIXEL 
_diffrn_detector.diffrn_id                    1 
_diffrn_detector.type                         'DECTRIS PILATUS3 6M' 
_diffrn_detector.area_resol_mean              ? 
_diffrn_detector.dtime                        ? 
_diffrn_detector.pdbx_frames_total            ? 
_diffrn_detector.pdbx_collection_time_total   ? 
_diffrn_detector.pdbx_collection_date         2018-05-15 
_diffrn_detector.pdbx_frequency               ? 
# 
_diffrn_radiation.collimation                      ? 
_diffrn_radiation.diffrn_id                        1 
_diffrn_radiation.filter_edge                      ? 
_diffrn_radiation.inhomogeneity                    ? 
_diffrn_radiation.monochromator                    ? 
_diffrn_radiation.polarisn_norm                    ? 
_diffrn_radiation.polarisn_ratio                   ? 
_diffrn_radiation.probe                            ? 
_diffrn_radiation.type                             ? 
_diffrn_radiation.xray_symbol                      ? 
_diffrn_radiation.wavelength_id                    1 
_diffrn_radiation.pdbx_monochromatic_or_laue_m_l   M 
_diffrn_radiation.pdbx_wavelength_list             ? 
_diffrn_radiation.pdbx_wavelength                  ? 
_diffrn_radiation.pdbx_diffrn_protocol             'SINGLE WAVELENGTH' 
_diffrn_radiation.pdbx_analyzer                    ? 
_diffrn_radiation.pdbx_scattering_type             x-ray 
# 
_diffrn_radiation_wavelength.id           1 
_diffrn_radiation_wavelength.wavelength   1 
_diffrn_radiation_wavelength.wt           1.0 
# 
_diffrn_source.current                     ? 
_diffrn_source.details                     ? 
_diffrn_source.diffrn_id                   1 
_diffrn_source.power                       ? 
_diffrn_source.size                        ? 
_diffrn_source.source                      SYNCHROTRON 
_diffrn_source.target                      ? 
_diffrn_source.type                        'ALS BEAMLINE 5.0.2' 
_diffrn_source.voltage                     ? 
_diffrn_source.take-off_angle              ? 
_diffrn_source.pdbx_wavelength_list        1 
_diffrn_source.pdbx_wavelength             ? 
_diffrn_source.pdbx_synchrotron_beamline   5.0.2 
_diffrn_source.pdbx_synchrotron_site       ALS 
# 
_reflns.B_iso_Wilson_estimate            81.680 
_reflns.entry_id                         7JJ4 
_reflns.data_reduction_details           ? 
_reflns.data_reduction_method            ? 
_reflns.d_resolution_high                3.000 
_reflns.d_resolution_low                 50.000 
_reflns.details                          ? 
_reflns.limit_h_max                      ? 
_reflns.limit_h_min                      ? 
_reflns.limit_k_max                      ? 
_reflns.limit_k_min                      ? 
_reflns.limit_l_max                      ? 
_reflns.limit_l_min                      ? 
_reflns.number_all                       ? 
_reflns.number_obs                       4615 
_reflns.observed_criterion               ? 
_reflns.observed_criterion_F_max         ? 
_reflns.observed_criterion_F_min         ? 
_reflns.observed_criterion_I_max         ? 
_reflns.observed_criterion_I_min         ? 
_reflns.observed_criterion_sigma_F       ? 
_reflns.observed_criterion_sigma_I       ? 
_reflns.percent_possible_obs             97.500 
_reflns.R_free_details                   ? 
_reflns.Rmerge_F_all                     ? 
_reflns.Rmerge_F_obs                     ? 
_reflns.Friedel_coverage                 ? 
_reflns.number_gt                        ? 
_reflns.threshold_expression             ? 
_reflns.pdbx_redundancy                  9.900 
_reflns.pdbx_Rmerge_I_obs                0.062 
_reflns.pdbx_Rmerge_I_all                ? 
_reflns.pdbx_Rsym_value                  ? 
_reflns.pdbx_netI_over_av_sigmaI         ? 
_reflns.pdbx_netI_over_sigmaI            8.700 
_reflns.pdbx_res_netI_over_av_sigmaI_2   ? 
_reflns.pdbx_res_netI_over_sigmaI_2      ? 
_reflns.pdbx_chi_squared                 0.970 
_reflns.pdbx_scaling_rejects             ? 
_reflns.pdbx_d_res_high_opt              ? 
_reflns.pdbx_d_res_low_opt               ? 
_reflns.pdbx_d_res_opt_method            ? 
_reflns.phase_calculation_details        ? 
_reflns.pdbx_Rrim_I_all                  0.066 
_reflns.pdbx_Rpim_I_all                  0.021 
_reflns.pdbx_d_opt                       ? 
_reflns.pdbx_number_measured_all         ? 
_reflns.pdbx_diffrn_id                   1 
_reflns.pdbx_ordinal                     1 
_reflns.pdbx_CC_half                     1 
_reflns.pdbx_CC_star                     ? 
_reflns.pdbx_R_split                     ? 
# 
loop_
_reflns_shell.d_res_high 
_reflns_shell.d_res_low 
_reflns_shell.meanI_over_sigI_all 
_reflns_shell.meanI_over_sigI_obs 
_reflns_shell.number_measured_all 
_reflns_shell.number_measured_obs 
_reflns_shell.number_possible 
_reflns_shell.number_unique_all 
_reflns_shell.number_unique_obs 
_reflns_shell.percent_possible_all 
_reflns_shell.percent_possible_obs 
_reflns_shell.Rmerge_F_all 
_reflns_shell.Rmerge_F_obs 
_reflns_shell.Rmerge_I_all 
_reflns_shell.Rmerge_I_obs 
_reflns_shell.meanI_over_sigI_gt 
_reflns_shell.meanI_over_uI_all 
_reflns_shell.meanI_over_uI_gt 
_reflns_shell.number_measured_gt 
_reflns_shell.number_unique_gt 
_reflns_shell.percent_possible_gt 
_reflns_shell.Rmerge_F_gt 
_reflns_shell.Rmerge_I_gt 
_reflns_shell.pdbx_redundancy 
_reflns_shell.pdbx_Rsym_value 
_reflns_shell.pdbx_chi_squared 
_reflns_shell.pdbx_netI_over_sigmaI_all 
_reflns_shell.pdbx_netI_over_sigmaI_obs 
_reflns_shell.pdbx_Rrim_I_all 
_reflns_shell.pdbx_Rpim_I_all 
_reflns_shell.pdbx_rejects 
_reflns_shell.pdbx_ordinal 
_reflns_shell.pdbx_diffrn_id 
_reflns_shell.pdbx_CC_half 
_reflns_shell.pdbx_CC_star 
_reflns_shell.pdbx_R_split 
3.000 3.050  ? ? ? ? ? ? 174 76.700  ? ? ? ? 0.830 ? ? ? ? ? ? ? ? 7.400  ? 0.402 ? ? 0.885 0.299 ? 1  1 0.833 ? ? 
3.050 3.110  ? ? ? ? ? ? 199 84.300  ? ? ? ? 0.285 ? ? ? ? ? ? ? ? 7.500  ? 0.502 ? ? 0.303 0.102 ? 2  1 0.991 ? ? 
3.110 3.170  ? ? ? ? ? ? 232 92.100  ? ? ? ? 0.123 ? ? ? ? ? ? ? ? 7.700  ? 0.650 ? ? 0.131 0.043 ? 3  1 0.998 ? ? 
3.170 3.230  ? ? ? ? ? ? 228 98.700  ? ? ? ? 0.115 ? ? ? ? ? ? ? ? 8.500  ? 0.621 ? ? 0.121 0.039 ? 4  1 0.999 ? ? 
3.230 3.300  ? ? ? ? ? ? 246 99.600  ? ? ? ? 0.125 ? ? ? ? ? ? ? ? 9.400  ? 0.689 ? ? 0.132 0.042 ? 5  1 0.998 ? ? 
3.300 3.380  ? ? ? ? ? ? 219 100.000 ? ? ? ? 0.117 ? ? ? ? ? ? ? ? 9.700  ? 0.757 ? ? 0.124 0.039 ? 6  1 0.996 ? ? 
3.380 3.460  ? ? ? ? ? ? 238 100.000 ? ? ? ? 0.120 ? ? ? ? ? ? ? ? 10.300 ? 0.972 ? ? 0.126 0.039 ? 7  1 0.999 ? ? 
3.460 3.560  ? ? ? ? ? ? 229 100.000 ? ? ? ? 0.129 ? ? ? ? ? ? ? ? 10.600 ? 0.709 ? ? 0.135 0.041 ? 8  1 0.998 ? ? 
3.560 3.660  ? ? ? ? ? ? 248 100.000 ? ? ? ? 0.204 ? ? ? ? ? ? ? ? 10.300 ? 0.731 ? ? 0.214 0.067 ? 9  1 0.997 ? ? 
3.660 3.780  ? ? ? ? ? ? 231 100.000 ? ? ? ? 0.181 ? ? ? ? ? ? ? ? 9.900  ? 0.552 ? ? 0.191 0.061 ? 10 1 0.990 ? ? 
3.780 3.910  ? ? ? ? ? ? 250 100.000 ? ? ? ? 0.171 ? ? ? ? ? ? ? ? 10.200 ? 0.767 ? ? 0.180 0.056 ? 11 1 0.993 ? ? 
3.910 4.070  ? ? ? ? ? ? 234 100.000 ? ? ? ? 0.110 ? ? ? ? ? ? ? ? 10.300 ? 0.760 ? ? 0.115 0.036 ? 12 1 0.997 ? ? 
4.070 4.260  ? ? ? ? ? ? 234 100.000 ? ? ? ? 0.101 ? ? ? ? ? ? ? ? 10.800 ? 0.848 ? ? 0.106 0.032 ? 13 1 0.997 ? ? 
4.260 4.480  ? ? ? ? ? ? 237 100.000 ? ? ? ? 0.096 ? ? ? ? ? ? ? ? 10.600 ? 0.855 ? ? 0.101 0.031 ? 14 1 0.997 ? ? 
4.480 4.760  ? ? ? ? ? ? 236 100.000 ? ? ? ? 0.085 ? ? ? ? ? ? ? ? 10.600 ? 0.978 ? ? 0.090 0.028 ? 15 1 0.997 ? ? 
4.760 5.130  ? ? ? ? ? ? 240 100.000 ? ? ? ? 0.069 ? ? ? ? ? ? ? ? 10.200 ? 1.184 ? ? 0.072 0.023 ? 16 1 0.997 ? ? 
5.130 5.640  ? ? ? ? ? ? 234 99.200  ? ? ? ? 0.056 ? ? ? ? ? ? ? ? 10.600 ? 1.377 ? ? 0.059 0.018 ? 17 1 0.998 ? ? 
5.640 6.460  ? ? ? ? ? ? 230 100.000 ? ? ? ? 0.055 ? ? ? ? ? ? ? ? 10.900 ? 1.480 ? ? 0.058 0.018 ? 18 1 0.997 ? ? 
6.460 8.130  ? ? ? ? ? ? 241 100.000 ? ? ? ? 0.049 ? ? ? ? ? ? ? ? 10.000 ? 1.655 ? ? 0.051 0.016 ? 19 1 0.999 ? ? 
8.130 50.000 ? ? ? ? ? ? 235 99.200  ? ? ? ? 0.048 ? ? ? ? ? ? ? ? 10.400 ? 2.197 ? ? 0.050 0.016 ? 20 1 0.999 ? ? 
# 
_refine.aniso_B[1][1]                            ? 
_refine.aniso_B[1][2]                            ? 
_refine.aniso_B[1][3]                            ? 
_refine.aniso_B[2][2]                            ? 
_refine.aniso_B[2][3]                            ? 
_refine.aniso_B[3][3]                            ? 
_refine.B_iso_max                                253.180 
_refine.B_iso_mean                               91.7250 
_refine.B_iso_min                                53.000 
_refine.correlation_coeff_Fo_to_Fc               ? 
_refine.correlation_coeff_Fo_to_Fc_free          ? 
_refine.details                                  ? 
_refine.diff_density_max                         ? 
_refine.diff_density_max_esd                     ? 
_refine.diff_density_min                         ? 
_refine.diff_density_min_esd                     ? 
_refine.diff_density_rms                         ? 
_refine.diff_density_rms_esd                     ? 
_refine.entry_id                                 7JJ4 
_refine.pdbx_refine_id                           'X-RAY DIFFRACTION' 
_refine.ls_abs_structure_details                 ? 
_refine.ls_abs_structure_Flack                   ? 
_refine.ls_abs_structure_Flack_esd               ? 
_refine.ls_abs_structure_Rogers                  ? 
_refine.ls_abs_structure_Rogers_esd              ? 
_refine.ls_d_res_high                            3.0220 
_refine.ls_d_res_low                             45.2460 
_refine.ls_extinction_coef                       ? 
_refine.ls_extinction_coef_esd                   ? 
_refine.ls_extinction_expression                 ? 
_refine.ls_extinction_method                     ? 
_refine.ls_goodness_of_fit_all                   ? 
_refine.ls_goodness_of_fit_all_esd               ? 
_refine.ls_goodness_of_fit_obs                   ? 
_refine.ls_goodness_of_fit_obs_esd               ? 
_refine.ls_hydrogen_treatment                    ? 
_refine.ls_matrix_type                           ? 
_refine.ls_number_constraints                    ? 
_refine.ls_number_parameters                     ? 
_refine.ls_number_reflns_all                     ? 
_refine.ls_number_reflns_obs                     4555 
_refine.ls_number_reflns_R_free                  209 
_refine.ls_number_reflns_R_work                  4346 
_refine.ls_number_restraints                     ? 
_refine.ls_percent_reflns_obs                    95.9600 
_refine.ls_percent_reflns_R_free                 4.5900 
_refine.ls_R_factor_all                          ? 
_refine.ls_R_factor_obs                          0.2278 
_refine.ls_R_factor_R_free                       0.2675 
_refine.ls_R_factor_R_free_error                 ? 
_refine.ls_R_factor_R_free_error_details         ? 
_refine.ls_R_factor_R_work                       0.2260 
_refine.ls_R_Fsqd_factor_obs                     ? 
_refine.ls_R_I_factor_obs                        ? 
_refine.ls_redundancy_reflns_all                 ? 
_refine.ls_redundancy_reflns_obs                 ? 
_refine.ls_restrained_S_all                      ? 
_refine.ls_restrained_S_obs                      ? 
_refine.ls_shift_over_esd_max                    ? 
_refine.ls_shift_over_esd_mean                   ? 
_refine.ls_structure_factor_coef                 ? 
_refine.ls_weighting_details                     ? 
_refine.ls_weighting_scheme                      ? 
_refine.ls_wR_factor_all                         ? 
_refine.ls_wR_factor_obs                         ? 
_refine.ls_wR_factor_R_free                      ? 
_refine.ls_wR_factor_R_work                      ? 
_refine.occupancy_max                            ? 
_refine.occupancy_min                            ? 
_refine.solvent_model_details                    'FLAT BULK SOLVENT MODEL' 
_refine.solvent_model_param_bsol                 ? 
_refine.solvent_model_param_ksol                 ? 
_refine.pdbx_R_complete                          ? 
_refine.ls_R_factor_gt                           ? 
_refine.ls_goodness_of_fit_gt                    ? 
_refine.ls_goodness_of_fit_ref                   ? 
_refine.ls_shift_over_su_max                     ? 
_refine.ls_shift_over_su_max_lt                  ? 
_refine.ls_shift_over_su_mean                    ? 
_refine.ls_shift_over_su_mean_lt                 ? 
_refine.pdbx_ls_sigma_I                          ? 
_refine.pdbx_ls_sigma_F                          2.050 
_refine.pdbx_ls_sigma_Fsqd                       ? 
_refine.pdbx_data_cutoff_high_absF               ? 
_refine.pdbx_data_cutoff_high_rms_absF           ? 
_refine.pdbx_data_cutoff_low_absF                ? 
_refine.pdbx_isotropic_thermal_model             ? 
_refine.pdbx_ls_cross_valid_method               THROUGHOUT 
_refine.pdbx_method_to_determine_struct          'MOLECULAR REPLACEMENT' 
_refine.pdbx_starting_model                      6XNA 
_refine.pdbx_stereochemistry_target_values       ML 
_refine.pdbx_R_Free_selection_details            ? 
_refine.pdbx_stereochem_target_val_spec_case     ? 
_refine.pdbx_overall_ESU_R                       ? 
_refine.pdbx_overall_ESU_R_Free                  ? 
_refine.pdbx_solvent_vdw_probe_radii             1.1100 
_refine.pdbx_solvent_ion_probe_radii             ? 
_refine.pdbx_solvent_shrinkage_radii             0.9000 
_refine.pdbx_real_space_R                        ? 
_refine.pdbx_density_correlation                 ? 
_refine.pdbx_pd_number_of_powder_patterns        ? 
_refine.pdbx_pd_number_of_points                 ? 
_refine.pdbx_pd_meas_number_of_points            ? 
_refine.pdbx_pd_proc_ls_prof_R_factor            ? 
_refine.pdbx_pd_proc_ls_prof_wR_factor           ? 
_refine.pdbx_pd_Marquardt_correlation_coeff      ? 
_refine.pdbx_pd_Fsqrd_R_factor                   ? 
_refine.pdbx_pd_ls_matrix_band_width             ? 
_refine.pdbx_overall_phase_error                 30.0900 
_refine.pdbx_overall_SU_R_free_Cruickshank_DPI   ? 
_refine.pdbx_overall_SU_R_free_Blow_DPI          ? 
_refine.pdbx_overall_SU_R_Blow_DPI               ? 
_refine.pdbx_TLS_residual_ADP_flag               ? 
_refine.pdbx_diffrn_id                           1 
_refine.overall_SU_B                             ? 
_refine.overall_SU_ML                            0.2500 
_refine.overall_SU_R_Cruickshank_DPI             ? 
_refine.overall_SU_R_free                        ? 
_refine.overall_FOM_free_R_set                   ? 
_refine.overall_FOM_work_R_set                   ? 
_refine.pdbx_average_fsc_overall                 ? 
_refine.pdbx_average_fsc_work                    ? 
_refine.pdbx_average_fsc_free                    ? 
# 
_refine_hist.pdbx_refine_id                   'X-RAY DIFFRACTION' 
_refine_hist.cycle_id                         final 
_refine_hist.details                          ? 
_refine_hist.d_res_high                       3.0220 
_refine_hist.d_res_low                        45.2460 
_refine_hist.number_atoms_solvent             0 
_refine_hist.number_atoms_total               857 
_refine_hist.number_reflns_all                ? 
_refine_hist.number_reflns_obs                ? 
_refine_hist.number_reflns_R_free             ? 
_refine_hist.number_reflns_R_work             ? 
_refine_hist.R_factor_all                     ? 
_refine_hist.R_factor_obs                     ? 
_refine_hist.R_factor_R_free                  ? 
_refine_hist.R_factor_R_work                  ? 
_refine_hist.pdbx_number_residues_total       42 
_refine_hist.pdbx_B_iso_mean_ligand           230.96 
_refine_hist.pdbx_B_iso_mean_solvent          ? 
_refine_hist.pdbx_number_atoms_protein        0 
_refine_hist.pdbx_number_atoms_nucleic_acid   855 
_refine_hist.pdbx_number_atoms_ligand         2 
_refine_hist.pdbx_number_atoms_lipid          ? 
_refine_hist.pdbx_number_atoms_carb           ? 
_refine_hist.pdbx_pseudo_atom_details         ? 
# 
loop_
_refine_ls_restr.pdbx_refine_id 
_refine_ls_restr.criterion 
_refine_ls_restr.dev_ideal 
_refine_ls_restr.dev_ideal_target 
_refine_ls_restr.number 
_refine_ls_restr.rejects 
_refine_ls_restr.type 
_refine_ls_restr.weight 
_refine_ls_restr.pdbx_restraint_function 
'X-RAY DIFFRACTION' ? 0.005  ? 956  ? f_bond_d           ? ? 
'X-RAY DIFFRACTION' ? 0.701  ? 1467 ? f_angle_d          ? ? 
'X-RAY DIFFRACTION' ? 0.032  ? 166  ? f_chiral_restr     ? ? 
'X-RAY DIFFRACTION' ? 0.004  ? 42   ? f_plane_restr      ? ? 
'X-RAY DIFFRACTION' ? 34.202 ? 406  ? f_dihedral_angle_d ? ? 
# 
_refine_ls_shell.pdbx_refine_id                   'X-RAY DIFFRACTION' 
_refine_ls_shell.d_res_high                       3.0221 
_refine_ls_shell.d_res_low                        ? 
_refine_ls_shell.number_reflns_all                ? 
_refine_ls_shell.number_reflns_obs                ? 
_refine_ls_shell.number_reflns_R_free             209 
_refine_ls_shell.number_reflns_R_work             4346 
_refine_ls_shell.percent_reflns_obs               96.0000 
_refine_ls_shell.percent_reflns_R_free            ? 
_refine_ls_shell.R_factor_all                     ? 
_refine_ls_shell.R_factor_obs                     ? 
_refine_ls_shell.R_factor_R_free                  0.2675 
_refine_ls_shell.R_factor_R_free_error            0.0000 
_refine_ls_shell.R_factor_R_work                  0.2260 
_refine_ls_shell.redundancy_reflns_all            ? 
_refine_ls_shell.redundancy_reflns_obs            ? 
_refine_ls_shell.wR_factor_all                    ? 
_refine_ls_shell.wR_factor_obs                    ? 
_refine_ls_shell.wR_factor_R_free                 ? 
_refine_ls_shell.wR_factor_R_work                 ? 
_refine_ls_shell.pdbx_R_complete                  ? 
_refine_ls_shell.pdbx_total_number_of_bins_used   ? 
_refine_ls_shell.pdbx_phase_error                 ? 
_refine_ls_shell.pdbx_fsc_work                    ? 
_refine_ls_shell.pdbx_fsc_free                    ? 
# 
_struct.entry_id                     7JJ4 
_struct.title                        
;Self-assembly of a 3D DNA crystal lattice (4x6 scramble junction version) containing the J14 immobile Holliday junction with R3 symmetry
;
_struct.pdbx_model_details           ? 
_struct.pdbx_formula_weight          ? 
_struct.pdbx_formula_weight_method   ? 
_struct.pdbx_model_type_details      ? 
_struct.pdbx_CASP_flag               N 
# 
_struct_keywords.entry_id        7JJ4 
_struct_keywords.text            
'Structural DNA nanotechnology, immobile Holliday junctions, 3D DNA self-assembly, designer DNA crystals, DNA' 
_struct_keywords.pdbx_keywords   DNA 
# 
loop_
_struct_asym.id 
_struct_asym.pdbx_blank_PDB_chainid_flag 
_struct_asym.pdbx_modified 
_struct_asym.entity_id 
_struct_asym.details 
A N N 1 ? 
B N N 2 ? 
C N N 3 ? 
D N N 4 ? 
E N N 5 ? 
F N N 5 ? 
# 
loop_
_struct_conn.id 
_struct_conn.conn_type_id 
_struct_conn.pdbx_leaving_atom_flag 
_struct_conn.pdbx_PDB_id 
_struct_conn.ptnr1_label_asym_id 
_struct_conn.ptnr1_label_comp_id 
_struct_conn.ptnr1_label_seq_id 
_struct_conn.ptnr1_label_atom_id 
_struct_conn.pdbx_ptnr1_label_alt_id 
_struct_conn.pdbx_ptnr1_PDB_ins_code 
_struct_conn.pdbx_ptnr1_standard_comp_id 
_struct_conn.ptnr1_symmetry 
_struct_conn.ptnr2_label_asym_id 
_struct_conn.ptnr2_label_comp_id 
_struct_conn.ptnr2_label_seq_id 
_struct_conn.ptnr2_label_atom_id 
_struct_conn.pdbx_ptnr2_label_alt_id 
_struct_conn.pdbx_ptnr2_PDB_ins_code 
_struct_conn.ptnr1_auth_asym_id 
_struct_conn.ptnr1_auth_comp_id 
_struct_conn.ptnr1_auth_seq_id 
_struct_conn.ptnr2_auth_asym_id 
_struct_conn.ptnr2_auth_comp_id 
_struct_conn.ptnr2_auth_seq_id 
_struct_conn.ptnr2_symmetry 
_struct_conn.pdbx_ptnr3_label_atom_id 
_struct_conn.pdbx_ptnr3_label_seq_id 
_struct_conn.pdbx_ptnr3_label_comp_id 
_struct_conn.pdbx_ptnr3_label_asym_id 
_struct_conn.pdbx_ptnr3_label_alt_id 
_struct_conn.pdbx_ptnr3_PDB_ins_code 
_struct_conn.details 
_struct_conn.pdbx_dist_value 
_struct_conn.pdbx_value_order 
_struct_conn.pdbx_role 
hydrog1  hydrog ? ? A DA 3  N1 ? ? ? 1_555 D DT 15 N3 ? ? A DA 3  D DT 16 1_555 ? ? ? ? ? ? WATSON-CRICK ? ? ? 
hydrog2  hydrog ? ? A DA 3  N6 ? ? ? 1_555 D DT 15 O4 ? ? A DA 3  D DT 16 1_555 ? ? ? ? ? ? WATSON-CRICK ? ? ? 
hydrog3  hydrog ? ? A DC 4  N3 ? ? ? 1_555 D DG 14 N1 ? ? A DC 4  D DG 15 1_555 ? ? ? ? ? ? WATSON-CRICK ? ? ? 
hydrog4  hydrog ? ? A DC 4  N4 ? ? ? 1_555 D DG 14 O6 ? ? A DC 4  D DG 15 1_555 ? ? ? ? ? ? WATSON-CRICK ? ? ? 
hydrog5  hydrog ? ? A DC 4  O2 ? ? ? 1_555 D DG 14 N2 ? ? A DC 4  D DG 15 1_555 ? ? ? ? ? ? WATSON-CRICK ? ? ? 
hydrog6  hydrog ? ? A DG 5  N1 ? ? ? 1_555 D DC 13 N3 ? ? A DG 5  D DC 14 1_555 ? ? ? ? ? ? WATSON-CRICK ? ? ? 
hydrog7  hydrog ? ? A DG 5  N2 ? ? ? 1_555 D DC 13 O2 ? ? A DG 5  D DC 14 1_555 ? ? ? ? ? ? WATSON-CRICK ? ? ? 
hydrog8  hydrog ? ? A DG 5  O6 ? ? ? 1_555 D DC 13 N4 ? ? A DG 5  D DC 14 1_555 ? ? ? ? ? ? WATSON-CRICK ? ? ? 
hydrog9  hydrog ? ? A DA 6  N1 ? ? ? 1_555 D DT 12 N3 ? ? A DA 6  D DT 13 1_555 ? ? ? ? ? ? WATSON-CRICK ? ? ? 
hydrog10 hydrog ? ? A DA 6  N6 ? ? ? 1_555 D DT 12 O4 ? ? A DA 6  D DT 13 1_555 ? ? ? ? ? ? WATSON-CRICK ? ? ? 
hydrog11 hydrog ? ? A DC 7  N3 ? ? ? 1_555 D DG 11 N1 ? ? A DC 7  D DG 12 1_555 ? ? ? ? ? ? WATSON-CRICK ? ? ? 
hydrog12 hydrog ? ? A DC 7  N4 ? ? ? 1_555 D DG 11 O6 ? ? A DC 7  D DG 12 1_555 ? ? ? ? ? ? WATSON-CRICK ? ? ? 
hydrog13 hydrog ? ? A DC 7  O2 ? ? ? 1_555 D DG 11 N2 ? ? A DC 7  D DG 12 1_555 ? ? ? ? ? ? WATSON-CRICK ? ? ? 
hydrog14 hydrog ? ? A DA 8  N1 ? ? ? 1_555 D DT 10 N3 ? ? A DA 8  D DT 11 1_555 ? ? ? ? ? ? WATSON-CRICK ? ? ? 
hydrog15 hydrog ? ? A DA 8  N6 ? ? ? 1_555 D DT 10 O4 ? ? A DA 8  D DT 11 1_555 ? ? ? ? ? ? WATSON-CRICK ? ? ? 
hydrog16 hydrog ? ? A DG 9  N1 ? ? ? 1_555 D DC 9  N3 ? ? A DG 9  D DC 10 1_555 ? ? ? ? ? ? WATSON-CRICK ? ? ? 
hydrog17 hydrog ? ? A DG 9  N2 ? ? ? 1_555 D DC 9  O2 ? ? A DG 9  D DC 10 1_555 ? ? ? ? ? ? WATSON-CRICK ? ? ? 
hydrog18 hydrog ? ? A DG 9  O6 ? ? ? 1_555 D DC 9  N4 ? ? A DG 9  D DC 10 1_555 ? ? ? ? ? ? WATSON-CRICK ? ? ? 
hydrog19 hydrog ? ? A DA 10 N1 ? ? ? 1_555 C DT 3  N3 ? ? A DA 10 C DT 2  1_555 ? ? ? ? ? ? WATSON-CRICK ? ? ? 
hydrog20 hydrog ? ? A DA 10 N6 ? ? ? 1_555 C DT 3  O4 ? ? A DA 10 C DT 2  1_555 ? ? ? ? ? ? WATSON-CRICK ? ? ? 
hydrog21 hydrog ? ? A DG 11 N1 ? ? ? 1_555 C DC 2  N3 ? ? A DG 11 C DC 1  1_555 ? ? ? ? ? ? WATSON-CRICK ? ? ? 
hydrog22 hydrog ? ? A DG 11 N2 ? ? ? 1_555 C DC 2  O2 ? ? A DG 11 C DC 1  1_555 ? ? ? ? ? ? WATSON-CRICK ? ? ? 
hydrog23 hydrog ? ? A DG 11 O6 ? ? ? 1_555 C DC 2  N4 ? ? A DG 11 C DC 1  1_555 ? ? ? ? ? ? WATSON-CRICK ? ? ? 
hydrog24 hydrog ? ? A DA 12 N1 ? ? ? 1_555 C DT 1  N3 ? ? A DA 12 C DT 0  1_555 ? ? ? ? ? ? WATSON-CRICK ? ? ? 
hydrog25 hydrog ? ? A DA 12 N6 ? ? ? 1_555 C DT 1  O4 ? ? A DA 12 C DT 0  1_555 ? ? ? ? ? ? WATSON-CRICK ? ? ? 
hydrog26 hydrog ? ? B DC 1  N3 ? ? ? 1_555 C DG 6  N1 ? ? B DC 12 C DG 5  1_555 ? ? ? ? ? ? WATSON-CRICK ? ? ? 
hydrog27 hydrog ? ? B DC 1  N4 ? ? ? 1_555 C DG 6  O6 ? ? B DC 12 C DG 5  1_555 ? ? ? ? ? ? WATSON-CRICK ? ? ? 
hydrog28 hydrog ? ? B DC 1  O2 ? ? ? 1_555 C DG 6  N2 ? ? B DC 12 C DG 5  1_555 ? ? ? ? ? ? WATSON-CRICK ? ? ? 
hydrog29 hydrog ? ? B DG 2  N1 ? ? ? 1_555 C DC 5  N3 ? ? B DG 13 C DC 4  1_555 ? ? ? ? ? ? WATSON-CRICK ? ? ? 
hydrog30 hydrog ? ? B DG 2  N2 ? ? ? 1_555 C DC 5  O2 ? ? B DG 13 C DC 4  1_555 ? ? ? ? ? ? WATSON-CRICK ? ? ? 
hydrog31 hydrog ? ? B DG 2  O6 ? ? ? 1_555 C DC 5  N4 ? ? B DG 13 C DC 4  1_555 ? ? ? ? ? ? WATSON-CRICK ? ? ? 
hydrog32 hydrog ? ? B DC 3  N3 ? ? ? 1_555 C DG 4  N1 ? ? B DC 14 C DG 3  1_555 ? ? ? ? ? ? WATSON-CRICK ? ? ? 
hydrog33 hydrog ? ? B DC 3  N4 ? ? ? 1_555 C DG 4  O6 ? ? B DC 14 C DG 3  1_555 ? ? ? ? ? ? WATSON-CRICK ? ? ? 
hydrog34 hydrog ? ? B DC 3  O2 ? ? ? 1_555 C DG 4  N2 ? ? B DC 14 C DG 3  1_555 ? ? ? ? ? ? WATSON-CRICK ? ? ? 
hydrog35 hydrog ? ? B DC 4  N3 ? ? ? 1_555 D DG 8  N1 ? ? B DC 15 D DG 9  1_555 ? ? ? ? ? ? WATSON-CRICK ? ? ? 
hydrog36 hydrog ? ? B DC 4  N4 ? ? ? 1_555 D DG 8  O6 ? ? B DC 15 D DG 9  1_555 ? ? ? ? ? ? WATSON-CRICK ? ? ? 
hydrog37 hydrog ? ? B DC 4  O2 ? ? ? 1_555 D DG 8  N2 ? ? B DC 15 D DG 9  1_555 ? ? ? ? ? ? WATSON-CRICK ? ? ? 
hydrog38 hydrog ? ? B DG 5  N1 ? ? ? 1_555 D DC 7  N3 ? ? B DG 16 D DC 8  1_555 ? ? ? ? ? ? WATSON-CRICK ? ? ? 
hydrog39 hydrog ? ? B DG 5  N2 ? ? ? 1_555 D DC 7  O2 ? ? B DG 16 D DC 8  1_555 ? ? ? ? ? ? WATSON-CRICK ? ? ? 
hydrog40 hydrog ? ? B DG 5  O6 ? ? ? 1_555 D DC 7  N4 ? ? B DG 16 D DC 8  1_555 ? ? ? ? ? ? WATSON-CRICK ? ? ? 
hydrog41 hydrog ? ? B DA 6  N1 ? ? ? 1_555 D DT 6  N3 ? ? B DA 17 D DT 7  1_555 ? ? ? ? ? ? WATSON-CRICK ? ? ? 
hydrog42 hydrog ? ? B DA 6  N6 ? ? ? 1_555 D DT 6  O4 ? ? B DA 17 D DT 7  1_555 ? ? ? ? ? ? WATSON-CRICK ? ? ? 
hydrog43 hydrog ? ? B DC 7  N3 ? ? ? 1_555 D DG 5  N1 ? ? B DC 18 D DG 6  1_555 ? ? ? ? ? ? WATSON-CRICK ? ? ? 
hydrog44 hydrog ? ? B DC 7  N4 ? ? ? 1_555 D DG 5  O6 ? ? B DC 18 D DG 6  1_555 ? ? ? ? ? ? WATSON-CRICK ? ? ? 
hydrog45 hydrog ? ? B DC 7  O2 ? ? ? 1_555 D DG 5  N2 ? ? B DC 18 D DG 6  1_555 ? ? ? ? ? ? WATSON-CRICK ? ? ? 
hydrog46 hydrog ? ? B DT 8  N3 ? ? ? 1_555 D DA 4  N1 ? ? B DT 19 D DA 5  1_555 ? ? ? ? ? ? WATSON-CRICK ? ? ? 
hydrog47 hydrog ? ? B DT 8  O4 ? ? ? 1_555 D DA 4  N6 ? ? B DT 19 D DA 5  1_555 ? ? ? ? ? ? WATSON-CRICK ? ? ? 
hydrog48 hydrog ? ? B DC 9  N3 ? ? ? 1_555 D DG 3  N1 ? ? B DC 20 D DG 4  1_555 ? ? ? ? ? ? WATSON-CRICK ? ? ? 
hydrog49 hydrog ? ? B DC 9  N4 ? ? ? 1_555 D DG 3  O6 ? ? B DC 20 D DG 4  1_555 ? ? ? ? ? ? WATSON-CRICK ? ? ? 
hydrog50 hydrog ? ? B DC 9  O2 ? ? ? 1_555 D DG 3  N2 ? ? B DC 20 D DG 4  1_555 ? ? ? ? ? ? WATSON-CRICK ? ? ? 
# 
_struct_conn_type.id          hydrog 
_struct_conn_type.criteria    ? 
_struct_conn_type.reference   ? 
# 
_atom_sites.entry_id                    7JJ4 
_atom_sites.Cartn_transf_matrix[1][1]   ? 
_atom_sites.Cartn_transf_matrix[1][2]   ? 
_atom_sites.Cartn_transf_matrix[1][3]   ? 
_atom_sites.Cartn_transf_matrix[2][1]   ? 
_atom_sites.Cartn_transf_matrix[2][2]   ? 
_atom_sites.Cartn_transf_matrix[2][3]   ? 
_atom_sites.Cartn_transf_matrix[3][1]   ? 
_atom_sites.Cartn_transf_matrix[3][2]   ? 
_atom_sites.Cartn_transf_matrix[3][3]   ? 
_atom_sites.Cartn_transf_vector[1]      ? 
_atom_sites.Cartn_transf_vector[2]      ? 
_atom_sites.Cartn_transf_vector[3]      ? 
_atom_sites.fract_transf_matrix[1][1]   0.00510885 
_atom_sites.fract_transf_matrix[1][2]   -0.00732598 
_atom_sites.fract_transf_matrix[1][3]   0.00501133 
_atom_sites.fract_transf_matrix[2][1]   0.00793055 
_atom_sites.fract_transf_matrix[2][2]   0.00246994 
_atom_sites.fract_transf_matrix[2][3]   0.00599203 
_atom_sites.fract_transf_matrix[3][1]   -0.01213336 
_atom_sites.fract_transf_matrix[3][2]   0.00196854 
_atom_sites.fract_transf_matrix[3][3]   0.01524725 
_atom_sites.fract_transf_vector[1]      -0.162696 
_atom_sites.fract_transf_vector[2]      -0.320884 
_atom_sites.fract_transf_vector[3]      0.260107 
_atom_sites.solution_primary            ? 
_atom_sites.solution_secondary          ? 
_atom_sites.solution_hydrogens          ? 
_atom_sites.special_details             ? 
# 
loop_
_atom_type.symbol 
AS 
C  
N  
O  
P  
# 
loop_
_atom_site.group_PDB 
_atom_site.id 
_atom_site.type_symbol 
_atom_site.label_atom_id 
_atom_site.label_alt_id 
_atom_site.label_comp_id 
_atom_site.label_asym_id 
_atom_site.label_entity_id 
_atom_site.label_seq_id 
_atom_site.pdbx_PDB_ins_code 
_atom_site.Cartn_x 
_atom_site.Cartn_y 
_atom_site.Cartn_z 
_atom_site.occupancy 
_atom_site.B_iso_or_equiv 
_atom_site.pdbx_formal_charge 
_atom_site.auth_seq_id 
_atom_site.auth_comp_id 
_atom_site.auth_asym_id 
_atom_site.auth_atom_id 
_atom_site.pdbx_PDB_model_num 
ATOM   1   O  "O5'" . DG  A 1 1  ? 0.621   -2.618  26.586  1.00 127.65 ? 1   DG  A "O5'" 1 
ATOM   2   C  "C5'" . DG  A 1 1  ? -0.182  -3.771  26.813  1.00 129.70 ? 1   DG  A "C5'" 1 
ATOM   3   C  "C4'" . DG  A 1 1  ? 0.643   -5.038  26.676  1.00 124.97 ? 1   DG  A "C4'" 1 
ATOM   4   O  "O4'" . DG  A 1 1  ? -0.206  -6.183  26.844  1.00 115.89 ? 1   DG  A "O4'" 1 
ATOM   5   C  "C3'" . DG  A 1 1  ? 1.283   -5.236  25.314  1.00 121.51 ? 1   DG  A "C3'" 1 
ATOM   6   O  "O3'" . DG  A 1 1  ? 2.564   -4.628  25.297  1.00 128.18 ? 1   DG  A "O3'" 1 
ATOM   7   C  "C2'" . DG  A 1 1  ? 1.386   -6.765  25.182  1.00 113.05 ? 1   DG  A "C2'" 1 
ATOM   8   C  "C1'" . DG  A 1 1  ? 0.412   -7.297  26.244  1.00 108.76 ? 1   DG  A "C1'" 1 
ATOM   9   N  N9    . DG  A 1 1  ? -0.637  -8.189  25.738  1.00 96.86  ? 1   DG  A N9    1 
ATOM   10  C  C8    . DG  A 1 1  ? -1.959  -8.186  26.111  1.00 96.57  ? 1   DG  A C8    1 
ATOM   11  N  N7    . DG  A 1 1  ? -2.673  -9.100  25.520  1.00 91.84  ? 1   DG  A N7    1 
ATOM   12  C  C5    . DG  A 1 1  ? -1.770  -9.763  24.701  1.00 91.59  ? 1   DG  A C5    1 
ATOM   13  C  C6    . DG  A 1 1  ? -1.974  -10.851 23.819  1.00 87.95  ? 1   DG  A C6    1 
ATOM   14  O  O6    . DG  A 1 1  ? -3.027  -11.458 23.584  1.00 86.31  ? 1   DG  A O6    1 
ATOM   15  N  N1    . DG  A 1 1  ? -0.796  -11.224 23.176  1.00 86.08  ? 1   DG  A N1    1 
ATOM   16  C  C2    . DG  A 1 1  ? 0.424   -10.618 23.360  1.00 90.98  ? 1   DG  A C2    1 
ATOM   17  N  N2    . DG  A 1 1  ? 1.449   -11.117 22.652  1.00 84.34  ? 1   DG  A N2    1 
ATOM   18  N  N3    . DG  A 1 1  ? 0.629   -9.599  24.188  1.00 91.33  ? 1   DG  A N3    1 
ATOM   19  C  C4    . DG  A 1 1  ? -0.509  -9.222  24.822  1.00 92.74  ? 1   DG  A C4    1 
ATOM   20  P  P     . DA  A 1 2  ? 2.880   -3.437  24.268  1.00 150.75 ? 2   DA  A P     1 
ATOM   21  O  OP1   . DA  A 1 2  ? 3.896   -2.559  24.891  1.00 166.33 ? 2   DA  A OP1   1 
ATOM   22  O  OP2   . DA  A 1 2  ? 1.585   -2.877  23.821  1.00 150.03 ? 2   DA  A OP2   1 
ATOM   23  O  "O5'" . DA  A 1 2  ? 3.532   -4.181  23.016  1.00 138.74 ? 2   DA  A "O5'" 1 
ATOM   24  C  "C5'" . DA  A 1 2  ? 4.521   -5.174  23.221  1.00 129.04 ? 2   DA  A "C5'" 1 
ATOM   25  C  "C4'" . DA  A 1 2  ? 4.547   -6.149  22.061  1.00 124.62 ? 2   DA  A "C4'" 1 
ATOM   26  O  "O4'" . DA  A 1 2  ? 3.400   -7.036  22.142  1.00 109.55 ? 2   DA  A "O4'" 1 
ATOM   27  C  "C3'" . DA  A 1 2  ? 4.490   -5.510  20.677  1.00 123.46 ? 2   DA  A "C3'" 1 
ATOM   28  O  "O3'" . DA  A 1 2  ? 5.357   -6.212  19.799  1.00 121.78 ? 2   DA  A "O3'" 1 
ATOM   29  C  "C2'" . DA  A 1 2  ? 3.021   -5.670  20.280  1.00 113.78 ? 2   DA  A "C2'" 1 
ATOM   30  C  "C1'" . DA  A 1 2  ? 2.680   -7.001  20.928  1.00 100.69 ? 2   DA  A "C1'" 1 
ATOM   31  N  N9    . DA  A 1 2  ? 1.266   -7.171  21.247  1.00 100.17 ? 2   DA  A N9    1 
ATOM   32  C  C8    . DA  A 1 2  ? 0.512   -6.397  22.082  1.00 103.99 ? 2   DA  A C8    1 
ATOM   33  N  N7    . DA  A 1 2  ? -0.731  -6.802  22.204  1.00 95.39  ? 2   DA  A N7    1 
ATOM   34  C  C5    . DA  A 1 2  ? -0.794  -7.922  21.394  1.00 87.95  ? 2   DA  A C5    1 
ATOM   35  C  C6    . DA  A 1 2  ? -1.840  -8.812  21.087  1.00 89.33  ? 2   DA  A C6    1 
ATOM   36  N  N6    . DA  A 1 2  ? -3.074  -8.695  21.587  1.00 91.35  ? 2   DA  A N6    1 
ATOM   37  N  N1    . DA  A 1 2  ? -1.568  -9.827  20.242  1.00 86.32  ? 2   DA  A N1    1 
ATOM   38  C  C2    . DA  A 1 2  ? -0.333  -9.940  19.744  1.00 90.53  ? 2   DA  A C2    1 
ATOM   39  N  N3    . DA  A 1 2  ? 0.731   -9.167  19.959  1.00 94.78  ? 2   DA  A N3    1 
ATOM   40  C  C4    . DA  A 1 2  ? 0.430   -8.167  20.801  1.00 94.84  ? 2   DA  A C4    1 
ATOM   41  P  P     . DA  A 1 3  ? 5.471   -5.787  18.256  1.00 133.12 ? 3   DA  A P     1 
ATOM   42  O  OP1   . DA  A 1 3  ? 6.766   -6.293  17.750  1.00 141.27 ? 3   DA  A OP1   1 
ATOM   43  O  OP2   . DA  A 1 3  ? 5.141   -4.349  18.149  1.00 131.98 ? 3   DA  A OP2   1 
ATOM   44  O  "O5'" . DA  A 1 3  ? 4.304   -6.617  17.553  1.00 116.38 ? 3   DA  A "O5'" 1 
ATOM   45  C  "C5'" . DA  A 1 3  ? 4.249   -8.023  17.723  1.00 112.29 ? 3   DA  A "C5'" 1 
ATOM   46  C  "C4'" . DA  A 1 3  ? 4.159   -8.722  16.384  1.00 115.83 ? 3   DA  A "C4'" 1 
ATOM   47  O  "O4'" . DA  A 1 3  ? 2.851   -9.307  16.235  1.00 114.11 ? 3   DA  A "O4'" 1 
ATOM   48  C  "C3'" . DA  A 1 3  ? 4.340   -7.822  15.175  1.00 111.24 ? 3   DA  A "C3'" 1 
ATOM   49  O  "O3'" . DA  A 1 3  ? 4.939   -8.551  14.115  1.00 116.92 ? 3   DA  A "O3'" 1 
ATOM   50  C  "C2'" . DA  A 1 3  ? 2.912   -7.382  14.829  1.00 105.22 ? 3   DA  A "C2'" 1 
ATOM   51  C  "C1'" . DA  A 1 3  ? 2.023   -8.448  15.480  1.00 102.12 ? 3   DA  A "C1'" 1 
ATOM   52  N  N9    . DA  A 1 3  ? 1.009   -7.884  16.368  1.00 95.63  ? 3   DA  A N9    1 
ATOM   53  C  C8    . DA  A 1 3  ? 1.139   -6.793  17.184  1.00 98.87  ? 3   DA  A C8    1 
ATOM   54  N  N7    . DA  A 1 3  ? 0.058   -6.512  17.869  1.00 94.13  ? 3   DA  A N7    1 
ATOM   55  C  C5    . DA  A 1 3  ? -0.847  -7.484  17.475  1.00 89.44  ? 3   DA  A C5    1 
ATOM   56  C  C6    . DA  A 1 3  ? -2.183  -7.740  17.838  1.00 87.34  ? 3   DA  A C6    1 
ATOM   57  N  N6    . DA  A 1 3  ? -2.860  -6.997  18.719  1.00 87.73  ? 3   DA  A N6    1 
ATOM   58  N  N1    . DA  A 1 3  ? -2.799  -8.791  17.258  1.00 84.75  ? 3   DA  A N1    1 
ATOM   59  C  C2    . DA  A 1 3  ? -2.117  -9.530  16.376  1.00 90.80  ? 3   DA  A C2    1 
ATOM   60  N  N3    . DA  A 1 3  ? -0.861  -9.388  15.955  1.00 90.63  ? 3   DA  A N3    1 
ATOM   61  C  C4    . DA  A 1 3  ? -0.276  -8.338  16.550  1.00 90.72  ? 3   DA  A C4    1 
ATOM   62  P  P     . DC  A 1 4  ? 5.117   -7.878  12.667  1.00 122.41 ? 4   DC  A P     1 
ATOM   63  O  OP1   . DC  A 1 4  ? 6.272   -8.526  12.006  1.00 119.12 ? 4   DC  A OP1   1 
ATOM   64  O  OP2   . DC  A 1 4  ? 5.110   -6.409  12.853  1.00 121.87 ? 4   DC  A OP2   1 
ATOM   65  O  "O5'" . DC  A 1 4  ? 3.782   -8.299  11.892  1.00 109.31 ? 4   DC  A "O5'" 1 
ATOM   66  C  "C5'" . DC  A 1 4  ? 3.387   -9.665  11.865  1.00 105.05 ? 4   DC  A "C5'" 1 
ATOM   67  C  "C4'" . DC  A 1 4  ? 1.988   -9.822  11.296  1.00 116.33 ? 4   DC  A "C4'" 1 
ATOM   68  O  "O4'" . DC  A 1 4  ? 1.007   -9.425  12.279  1.00 112.45 ? 4   DC  A "O4'" 1 
ATOM   69  C  "C3'" . DC  A 1 4  ? 1.696   -8.998  10.037  1.00 121.22 ? 4   DC  A "C3'" 1 
ATOM   70  O  "O3'" . DC  A 1 4  ? 1.343   -9.872  8.970   1.00 132.36 ? 4   DC  A "O3'" 1 
ATOM   71  C  "C2'" . DC  A 1 4  ? 0.526   -8.085  10.443  1.00 111.23 ? 4   DC  A "C2'" 1 
ATOM   72  C  "C1'" . DC  A 1 4  ? -0.081  -8.839  11.616  1.00 104.74 ? 4   DC  A "C1'" 1 
ATOM   73  N  N1    . DC  A 1 4  ? -0.804  -7.972  12.592  1.00 92.06  ? 4   DC  A N1    1 
ATOM   74  C  C2    . DC  A 1 4  ? -2.138  -8.251  12.909  1.00 88.21  ? 4   DC  A C2    1 
ATOM   75  O  O2    . DC  A 1 4  ? -2.702  -9.205  12.360  1.00 91.20  ? 4   DC  A O2    1 
ATOM   76  N  N3    . DC  A 1 4  ? -2.777  -7.461  13.809  1.00 80.30  ? 4   DC  A N3    1 
ATOM   77  C  C4    . DC  A 1 4  ? -2.131  -6.441  14.379  1.00 87.34  ? 4   DC  A C4    1 
ATOM   78  N  N4    . DC  A 1 4  ? -2.800  -5.690  15.260  1.00 83.80  ? 4   DC  A N4    1 
ATOM   79  C  C5    . DC  A 1 4  ? -0.771  -6.147  14.071  1.00 89.34  ? 4   DC  A C5    1 
ATOM   80  C  C6    . DC  A 1 4  ? -0.152  -6.931  13.183  1.00 91.83  ? 4   DC  A C6    1 
ATOM   81  P  P     . DG  A 1 5  ? 0.931   -9.288  7.532   1.00 144.66 ? 5   DG  A P     1 
ATOM   82  O  OP1   . DG  A 1 5  ? 1.297   -10.307 6.522   1.00 147.94 ? 5   DG  A OP1   1 
ATOM   83  O  OP2   . DG  A 1 5  ? 1.467   -7.915  7.408   1.00 148.13 ? 5   DG  A OP2   1 
ATOM   84  O  "O5'" . DG  A 1 5  ? -0.661  -9.198  7.605   1.00 133.75 ? 5   DG  A "O5'" 1 
ATOM   85  C  "C5'" . DG  A 1 5  ? -1.419  -10.353 7.937   1.00 135.71 ? 5   DG  A "C5'" 1 
ATOM   86  C  "C4'" . DG  A 1 5  ? -2.905  -10.051 7.912   1.00 126.79 ? 5   DG  A "C4'" 1 
ATOM   87  O  "O4'" . DG  A 1 5  ? -3.249  -9.217  9.048   1.00 113.89 ? 5   DG  A "O4'" 1 
ATOM   88  C  "C3'" . DG  A 1 5  ? -3.392  -9.303  6.670   1.00 122.04 ? 5   DG  A "C3'" 1 
ATOM   89  O  "O3'" . DG  A 1 5  ? -4.644  -9.828  6.246   1.00 117.76 ? 5   DG  A "O3'" 1 
ATOM   90  C  "C2'" . DG  A 1 5  ? -3.523  -7.864  7.162   1.00 111.33 ? 5   DG  A "C2'" 1 
ATOM   91  C  "C1'" . DG  A 1 5  ? -3.952  -8.080  8.605   1.00 103.23 ? 5   DG  A "C1'" 1 
ATOM   92  N  N9    . DG  A 1 5  ? -3.622  -6.966  9.485   1.00 89.57  ? 5   DG  A N9    1 
ATOM   93  C  C8    . DG  A 1 5  ? -2.419  -6.307  9.575   1.00 95.63  ? 5   DG  A C8    1 
ATOM   94  N  N7    . DG  A 1 5  ? -2.418  -5.350  10.460  1.00 85.68  ? 5   DG  A N7    1 
ATOM   95  C  C5    . DG  A 1 5  ? -3.701  -5.377  10.994  1.00 83.01  ? 5   DG  A C5    1 
ATOM   96  C  C6    . DG  A 1 5  ? -4.290  -4.572  11.996  1.00 81.46  ? 5   DG  A C6    1 
ATOM   97  O  O6    . DG  A 1 5  ? -3.776  -3.643  12.632  1.00 80.34  ? 5   DG  A O6    1 
ATOM   98  N  N1    . DG  A 1 5  ? -5.614  -4.933  12.238  1.00 78.69  ? 5   DG  A N1    1 
ATOM   99  C  C2    . DG  A 1 5  ? -6.281  -5.946  11.590  1.00 84.18  ? 5   DG  A C2    1 
ATOM   100 N  N2    . DG  A 1 5  ? -7.555  -6.149  11.957  1.00 85.96  ? 5   DG  A N2    1 
ATOM   101 N  N3    . DG  A 1 5  ? -5.740  -6.707  10.649  1.00 79.38  ? 5   DG  A N3    1 
ATOM   102 C  C4    . DG  A 1 5  ? -4.453  -6.367  10.404  1.00 82.85  ? 5   DG  A C4    1 
ATOM   103 P  P     . DA  A 1 6  ? -5.154  -9.586  4.742   1.00 126.72 ? 6   DA  A P     1 
ATOM   104 O  OP1   . DA  A 1 6  ? -5.392  -10.913 4.131   1.00 130.54 ? 6   DA  A OP1   1 
ATOM   105 O  OP2   . DA  A 1 6  ? -4.222  -8.639  4.092   1.00 125.97 ? 6   DA  A OP2   1 
ATOM   106 O  "O5'" . DA  A 1 6  ? -6.565  -8.858  4.927   1.00 108.93 ? 6   DA  A "O5'" 1 
ATOM   107 C  "C5'" . DA  A 1 6  ? -7.673  -9.589  5.430   1.00 111.82 ? 6   DA  A "C5'" 1 
ATOM   108 C  "C4'" . DA  A 1 6  ? -8.664  -8.670  6.120   1.00 109.10 ? 6   DA  A "C4'" 1 
ATOM   109 O  "O4'" . DA  A 1 6  ? -7.972  -7.850  7.091   1.00 104.00 ? 6   DA  A "O4'" 1 
ATOM   110 C  "C3'" . DA  A 1 6  ? -9.413  -7.709  5.195   1.00 111.41 ? 6   DA  A "C3'" 1 
ATOM   111 O  "O3'" . DA  A 1 6  ? -10.815 -7.886  5.356   1.00 123.61 ? 6   DA  A "O3'" 1 
ATOM   112 C  "C2'" . DA  A 1 6  ? -8.955  -6.312  5.640   1.00 103.93 ? 6   DA  A "C2'" 1 
ATOM   113 C  "C1'" . DA  A 1 6  ? -8.506  -6.552  7.072   1.00 92.48  ? 6   DA  A "C1'" 1 
ATOM   114 N  N9    . DA  A 1 6  ? -7.464  -5.632  7.524   1.00 82.54  ? 6   DA  A N9    1 
ATOM   115 C  C8    . DA  A 1 6  ? -6.186  -5.540  7.047   1.00 85.95  ? 6   DA  A C8    1 
ATOM   116 N  N7    . DA  A 1 6  ? -5.461  -4.629  7.651   1.00 82.56  ? 6   DA  A N7    1 
ATOM   117 C  C5    . DA  A 1 6  ? -6.319  -4.089  8.593   1.00 79.20  ? 6   DA  A C5    1 
ATOM   118 C  C6    . DA  A 1 6  ? -6.154  -3.075  9.556   1.00 76.40  ? 6   DA  A C6    1 
ATOM   119 N  N6    . DA  A 1 6  ? -5.011  -2.403  9.726   1.00 78.49  ? 6   DA  A N6    1 
ATOM   120 N  N1    . DA  A 1 6  ? -7.211  -2.779  10.341  1.00 73.90  ? 6   DA  A N1    1 
ATOM   121 C  C2    . DA  A 1 6  ? -8.353  -3.455  10.167  1.00 81.61  ? 6   DA  A C2    1 
ATOM   122 N  N3    . DA  A 1 6  ? -8.628  -4.427  9.297   1.00 79.90  ? 6   DA  A N3    1 
ATOM   123 C  C4    . DA  A 1 6  ? -7.558  -4.699  8.533   1.00 79.69  ? 6   DA  A C4    1 
ATOM   124 P  P     . DC  A 1 7  ? -11.844 -7.200  4.331   1.00 131.58 ? 7   DC  A P     1 
ATOM   125 O  OP1   . DC  A 1 7  ? -13.085 -8.007  4.328   1.00 138.52 ? 7   DC  A OP1   1 
ATOM   126 O  OP2   . DC  A 1 7  ? -11.126 -6.950  3.063   1.00 125.00 ? 7   DC  A OP2   1 
ATOM   127 O  "O5'" . DC  A 1 7  ? -12.157 -5.787  5.005   1.00 118.30 ? 7   DC  A "O5'" 1 
ATOM   128 C  "C5'" . DC  A 1 7  ? -12.616 -5.731  6.345   1.00 113.89 ? 7   DC  A "C5'" 1 
ATOM   129 C  "C4'" . DC  A 1 7  ? -12.659 -4.298  6.830   1.00 114.98 ? 7   DC  A "C4'" 1 
ATOM   130 O  "O4'" . DC  A 1 7  ? -11.346 -3.885  7.238   1.00 108.84 ? 7   DC  A "O4'" 1 
ATOM   131 C  "C3'" . DC  A 1 7  ? -13.084 -3.284  5.776   1.00 117.76 ? 7   DC  A "C3'" 1 
ATOM   132 O  "O3'" . DC  A 1 7  ? -14.464 -2.985  5.928   1.00 127.09 ? 7   DC  A "O3'" 1 
ATOM   133 C  "C2'" . DC  A 1 7  ? -12.196 -2.051  6.044   1.00 107.67 ? 7   DC  A "C2'" 1 
ATOM   134 C  "C1'" . DC  A 1 7  ? -11.296 -2.485  7.203   1.00 96.98  ? 7   DC  A "C1'" 1 
ATOM   135 N  N1    . DC  A 1 7  ? -9.872  -2.066  7.043   1.00 88.83  ? 7   DC  A N1    1 
ATOM   136 C  C2    . DC  A 1 7  ? -9.338  -1.092  7.894   1.00 83.94  ? 7   DC  A C2    1 
ATOM   137 O  O2    . DC  A 1 7  ? -10.059 -0.594  8.766   1.00 87.21  ? 7   DC  A O2    1 
ATOM   138 N  N3    . DC  A 1 7  ? -8.042  -0.723  7.739   1.00 72.89  ? 7   DC  A N3    1 
ATOM   139 C  C4    . DC  A 1 7  ? -7.298  -1.286  6.786   1.00 77.30  ? 7   DC  A C4    1 
ATOM   140 N  N4    . DC  A 1 7  ? -6.027  -0.890  6.670   1.00 75.12  ? 7   DC  A N4    1 
ATOM   141 C  C5    . DC  A 1 7  ? -7.824  -2.281  5.909   1.00 75.99  ? 7   DC  A C5    1 
ATOM   142 C  C6    . DC  A 1 7  ? -9.103  -2.637  6.071   1.00 86.61  ? 7   DC  A C6    1 
ATOM   143 P  P     . DA  A 1 8  ? -15.160 -1.860  5.016   1.00 143.01 ? 8   DA  A P     1 
ATOM   144 O  OP1   . DA  A 1 8  ? -16.602 -2.183  4.945   1.00 155.07 ? 8   DA  A OP1   1 
ATOM   145 O  OP2   . DA  A 1 8  ? -14.379 -1.735  3.764   1.00 149.86 ? 8   DA  A OP2   1 
ATOM   146 O  "O5'" . DA  A 1 8  ? -14.963 -0.515  5.862   1.00 117.80 ? 8   DA  A "O5'" 1 
ATOM   147 C  "C5'" . DA  A 1 8  ? -15.202 -0.525  7.263   1.00 113.38 ? 8   DA  A "C5'" 1 
ATOM   148 C  "C4'" . DA  A 1 8  ? -14.575 0.684   7.934   1.00 109.29 ? 8   DA  A "C4'" 1 
ATOM   149 O  "O4'" . DA  A 1 8  ? -13.132 0.648   7.774   1.00 100.30 ? 8   DA  A "O4'" 1 
ATOM   150 C  "C3'" . DA  A 1 8  ? -15.030 2.042   7.385   1.00 110.60 ? 8   DA  A "C3'" 1 
ATOM   151 O  "O3'" . DA  A 1 8  ? -15.427 2.886   8.455   1.00 117.91 ? 8   DA  A "O3'" 1 
ATOM   152 C  "C2'" . DA  A 1 8  ? -13.784 2.582   6.683   1.00 110.70 ? 8   DA  A "C2'" 1 
ATOM   153 C  "C1'" . DA  A 1 8  ? -12.682 1.953   7.513   1.00 99.72  ? 8   DA  A "C1'" 1 
ATOM   154 N  N9    . DA  A 1 8  ? -11.392 1.887   6.828   1.00 89.97  ? 8   DA  A N9    1 
ATOM   155 C  C8    . DA  A 1 8  ? -11.066 1.108   5.753   1.00 82.51  ? 8   DA  A C8    1 
ATOM   156 N  N7    . DA  A 1 8  ? -9.829  1.261   5.345   1.00 76.08  ? 8   DA  A N7    1 
ATOM   157 C  C5    . DA  A 1 8  ? -9.307  2.208   6.209   1.00 74.73  ? 8   DA  A C5    1 
ATOM   158 C  C6    . DA  A 1 8  ? -8.035  2.807   6.308   1.00 74.69  ? 8   DA  A C6    1 
ATOM   159 N  N6    . DA  A 1 8  ? -7.023  2.517   5.485   1.00 73.83  ? 8   DA  A N6    1 
ATOM   160 N  N1    . DA  A 1 8  ? -7.845  3.716   7.286   1.00 74.59  ? 8   DA  A N1    1 
ATOM   161 C  C2    . DA  A 1 8  ? -8.864  4.005   8.104   1.00 78.01  ? 8   DA  A C2    1 
ATOM   162 N  N3    . DA  A 1 8  ? -10.100 3.507   8.112   1.00 77.73  ? 8   DA  A N3    1 
ATOM   163 C  C4    . DA  A 1 8  ? -10.258 2.606   7.129   1.00 79.39  ? 8   DA  A C4    1 
ATOM   164 P  P     . DG  A 1 9  ? -16.030 4.344   8.152   1.00 129.20 ? 9   DG  A P     1 
ATOM   165 O  OP1   . DG  A 1 9  ? -16.934 4.690   9.271   1.00 126.63 ? 9   DG  A OP1   1 
ATOM   166 O  OP2   . DG  A 1 9  ? -16.549 4.336   6.766   1.00 135.81 ? 9   DG  A OP2   1 
ATOM   167 O  "O5'" . DG  A 1 9  ? -14.755 5.310   8.201   1.00 108.20 ? 9   DG  A "O5'" 1 
ATOM   168 C  "C5'" . DG  A 1 9  ? -14.078 5.532   9.431   1.00 110.81 ? 9   DG  A "C5'" 1 
ATOM   169 C  "C4'" . DG  A 1 9  ? -12.900 6.476   9.247   1.00 114.57 ? 9   DG  A "C4'" 1 
ATOM   170 O  "O4'" . DG  A 1 9  ? -11.885 5.843   8.420   1.00 114.55 ? 9   DG  A "O4'" 1 
ATOM   171 C  "C3'" . DG  A 1 9  ? -13.228 7.808   8.567   1.00 113.61 ? 9   DG  A "C3'" 1 
ATOM   172 O  "O3'" . DG  A 1 9  ? -12.546 8.871   9.230   1.00 116.60 ? 9   DG  A "O3'" 1 
ATOM   173 C  "C2'" . DG  A 1 9  ? -12.697 7.608   7.148   1.00 112.43 ? 9   DG  A "C2'" 1 
ATOM   174 C  "C1'" . DG  A 1 9  ? -11.478 6.748   7.421   1.00 101.89 ? 9   DG  A "C1'" 1 
ATOM   175 N  N9    . DG  A 1 9  ? -11.021 5.990   6.261   1.00 85.43  ? 9   DG  A N9    1 
ATOM   176 C  C8    . DG  A 1 9  ? -11.759 5.115   5.503   1.00 85.84  ? 9   DG  A C8    1 
ATOM   177 N  N7    . DG  A 1 9  ? -11.084 4.581   4.523   1.00 80.84  ? 9   DG  A N7    1 
ATOM   178 C  C5    . DG  A 1 9  ? -9.816  5.137   4.641   1.00 76.72  ? 9   DG  A C5    1 
ATOM   179 C  C6    . DG  A 1 9  ? -8.656  4.932   3.857   1.00 74.61  ? 9   DG  A C6    1 
ATOM   180 O  O6    . DG  A 1 9  ? -8.520  4.198   2.870   1.00 77.71  ? 9   DG  A O6    1 
ATOM   181 N  N1    . DG  A 1 9  ? -7.581  5.692   4.316   1.00 68.60  ? 9   DG  A N1    1 
ATOM   182 C  C2    . DG  A 1 9  ? -7.624  6.537   5.400   1.00 74.31  ? 9   DG  A C2    1 
ATOM   183 N  N2    . DG  A 1 9  ? -6.490  7.188   5.692   1.00 69.92  ? 9   DG  A N2    1 
ATOM   184 N  N3    . DG  A 1 9  ? -8.706  6.738   6.141   1.00 75.56  ? 9   DG  A N3    1 
ATOM   185 C  C4    . DG  A 1 9  ? -9.762  6.008   5.704   1.00 75.84  ? 9   DG  A C4    1 
ATOM   186 P  P     . DA  A 1 10 ? -12.992 10.397  8.990   1.00 132.67 ? 10  DA  A P     1 
ATOM   187 O  OP1   . DA  A 1 10 ? -13.389 10.962  10.298  1.00 139.91 ? 10  DA  A OP1   1 
ATOM   188 O  OP2   . DA  A 1 10 ? -13.954 10.409  7.869   1.00 125.01 ? 10  DA  A OP2   1 
ATOM   189 O  "O5'" . DA  A 1 10 ? -11.650 11.133  8.519   1.00 106.11 ? 10  DA  A "O5'" 1 
ATOM   190 C  "C5'" . DA  A 1 10 ? -11.154 12.236  9.269   1.00 108.20 ? 10  DA  A "C5'" 1 
ATOM   191 C  "C4'" . DA  A 1 10 ? -9.712  12.552  8.908   1.00 103.12 ? 10  DA  A "C4'" 1 
ATOM   192 O  "O4'" . DA  A 1 10 ? -9.136  11.451  8.156   1.00 102.85 ? 10  DA  A "O4'" 1 
ATOM   193 C  "C3'" . DA  A 1 10 ? -9.523  13.783  8.036   1.00 102.94 ? 10  DA  A "C3'" 1 
ATOM   194 O  "O3'" . DA  A 1 10 ? -8.273  14.383  8.335   1.00 110.07 ? 10  DA  A "O3'" 1 
ATOM   195 C  "C2'" . DA  A 1 10 ? -9.538  13.186  6.630   1.00 105.82 ? 10  DA  A "C2'" 1 
ATOM   196 C  "C1'" . DA  A 1 10 ? -8.767  11.895  6.862   1.00 100.73 ? 10  DA  A "C1'" 1 
ATOM   197 N  N9    . DA  A 1 10 ? -9.067  10.821  5.911   1.00 87.82  ? 10  DA  A N9    1 
ATOM   198 C  C8    . DA  A 1 10 ? -10.181 10.027  5.896   1.00 91.89  ? 10  DA  A C8    1 
ATOM   199 N  N7    . DA  A 1 10 ? -10.175 9.122   4.945   1.00 88.45  ? 10  DA  A N7    1 
ATOM   200 C  C5    . DA  A 1 10 ? -8.970  9.326   4.295   1.00 83.80  ? 10  DA  A C5    1 
ATOM   201 C  C6    . DA  A 1 10 ? -8.365  8.686   3.194   1.00 75.68  ? 10  DA  A C6    1 
ATOM   202 N  N6    . DA  A 1 10 ? -8.929  7.671   2.533   1.00 72.83  ? 10  DA  A N6    1 
ATOM   203 N  N1    . DA  A 1 10 ? -7.154  9.129   2.798   1.00 64.26  ? 10  DA  A N1    1 
ATOM   204 C  C2    . DA  A 1 10 ? -6.595  10.150  3.461   1.00 70.83  ? 10  DA  A C2    1 
ATOM   205 N  N3    . DA  A 1 10 ? -7.065  10.831  4.508   1.00 82.78  ? 10  DA  A N3    1 
ATOM   206 C  C4    . DA  A 1 10 ? -8.268  10.365  4.881   1.00 82.34  ? 10  DA  A C4    1 
ATOM   207 P  P     . DG  A 1 11 ? -8.117  15.981  8.323   1.00 142.81 ? 11  DG  A P     1 
ATOM   208 O  OP1   . DG  A 1 11 ? -6.980  16.324  9.207   1.00 146.31 ? 11  DG  A OP1   1 
ATOM   209 O  OP2   . DG  A 1 11 ? -9.451  16.572  8.572   1.00 150.88 ? 11  DG  A OP2   1 
ATOM   210 O  "O5'" . DG  A 1 11 ? -7.699  16.299  6.816   1.00 122.51 ? 11  DG  A "O5'" 1 
ATOM   211 C  "C5'" . DG  A 1 11 ? -6.538  15.693  6.271   1.00 113.71 ? 11  DG  A "C5'" 1 
ATOM   212 C  "C4'" . DG  A 1 11 ? -6.499  15.854  4.766   1.00 101.28 ? 11  DG  A "C4'" 1 
ATOM   213 O  "O4'" . DG  A 1 11 ? -6.846  14.596  4.125   1.00 99.30  ? 11  DG  A "O4'" 1 
ATOM   214 C  "C3'" . DG  A 1 11 ? -7.469  16.899  4.193   1.00 100.61 ? 11  DG  A "C3'" 1 
ATOM   215 O  "O3'" . DG  A 1 11 ? -6.810  17.654  3.196   1.00 93.66  ? 11  DG  A "O3'" 1 
ATOM   216 C  "C2'" . DG  A 1 11 ? -8.559  16.032  3.571   1.00 94.71  ? 11  DG  A "C2'" 1 
ATOM   217 C  "C1'" . DG  A 1 11 ? -7.708  14.887  3.061   1.00 86.49  ? 11  DG  A "C1'" 1 
ATOM   218 N  N9    . DG  A 1 11 ? -8.458  13.695  2.681   1.00 77.64  ? 11  DG  A N9    1 
ATOM   219 C  C8    . DG  A 1 11 ? -9.672  13.282  3.171   1.00 78.77  ? 11  DG  A C8    1 
ATOM   220 N  N7    . DG  A 1 11 ? -10.102 12.178  2.623   1.00 78.19  ? 11  DG  A N7    1 
ATOM   221 C  C5    . DG  A 1 11 ? -9.113  11.848  1.704   1.00 73.55  ? 11  DG  A C5    1 
ATOM   222 C  C6    . DG  A 1 11 ? -9.022  10.754  0.810   1.00 72.17  ? 11  DG  A C6    1 
ATOM   223 O  O6    . DG  A 1 11 ? -9.826  9.827   0.650   1.00 72.50  ? 11  DG  A O6    1 
ATOM   224 N  N1    . DG  A 1 11 ? -7.851  10.799  0.056   1.00 68.02  ? 11  DG  A N1    1 
ATOM   225 C  C2    . DG  A 1 11 ? -6.891  11.778  0.155   1.00 66.17  ? 11  DG  A C2    1 
ATOM   226 N  N2    . DG  A 1 11 ? -5.826  11.654  -0.653  1.00 64.73  ? 11  DG  A N2    1 
ATOM   227 N  N3    . DG  A 1 11 ? -6.965  12.805  0.987   1.00 61.61  ? 11  DG  A N3    1 
ATOM   228 C  C4    . DG  A 1 11 ? -8.099  12.775  1.727   1.00 70.97  ? 11  DG  A C4    1 
ATOM   229 P  P     . DA  A 1 12 ? -6.250  19.124  3.513   1.00 104.95 ? 12  DA  A P     1 
ATOM   230 O  OP1   . DA  A 1 12 ? -5.673  19.126  4.874   1.00 115.62 ? 12  DA  A OP1   1 
ATOM   231 O  OP2   . DA  A 1 12 ? -7.318  20.089  3.177   1.00 101.60 ? 12  DA  A OP2   1 
ATOM   232 O  "O5'" . DA  A 1 12 ? -5.086  19.315  2.435   1.00 103.17 ? 12  DA  A "O5'" 1 
ATOM   233 C  "C5'" . DA  A 1 12 ? -4.485  18.170  1.834   1.00 97.80  ? 12  DA  A "C5'" 1 
ATOM   234 C  "C4'" . DA  A 1 12 ? -4.929  18.019  0.390   1.00 83.18  ? 12  DA  A "C4'" 1 
ATOM   235 O  "O4'" . DA  A 1 12 ? -5.606  16.763  0.221   1.00 81.33  ? 12  DA  A "O4'" 1 
ATOM   236 C  "C3'" . DA  A 1 12 ? -5.941  19.044  -0.081  1.00 82.03  ? 12  DA  A "C3'" 1 
ATOM   237 O  "O3'" . DA  A 1 12 ? -5.275  20.213  -0.539  1.00 83.95  ? 12  DA  A "O3'" 1 
ATOM   238 C  "C2'" . DA  A 1 12 ? -6.652  18.320  -1.229  1.00 83.53  ? 12  DA  A "C2'" 1 
ATOM   239 C  "C1'" . DA  A 1 12 ? -6.392  16.834  -0.947  1.00 72.59  ? 12  DA  A "C1'" 1 
ATOM   240 N  N9    . DA  A 1 12 ? -7.615  16.070  -0.741  1.00 65.50  ? 12  DA  A N9    1 
ATOM   241 C  C8    . DA  A 1 12 ? -8.623  16.356  0.133   1.00 69.87  ? 12  DA  A C8    1 
ATOM   242 N  N7    . DA  A 1 12 ? -9.614  15.497  0.099   1.00 72.93  ? 12  DA  A N7    1 
ATOM   243 C  C5    . DA  A 1 12 ? -9.232  14.587  -0.870  1.00 67.62  ? 12  DA  A C5    1 
ATOM   244 C  C6    . DA  A 1 12 ? -9.850  13.432  -1.380  1.00 69.49  ? 12  DA  A C6    1 
ATOM   245 N  N6    . DA  A 1 12 ? -11.038 12.987  -0.958  1.00 69.17  ? 12  DA  A N6    1 
ATOM   246 N  N1    . DA  A 1 12 ? -9.199  12.747  -2.346  1.00 72.77  ? 12  DA  A N1    1 
ATOM   247 C  C2    . DA  A 1 12 ? -8.010  13.197  -2.764  1.00 72.84  ? 12  DA  A C2    1 
ATOM   248 N  N3    . DA  A 1 12 ? -7.330  14.270  -2.360  1.00 64.33  ? 12  DA  A N3    1 
ATOM   249 C  C4    . DA  A 1 12 ? -8.001  14.927  -1.402  1.00 65.17  ? 12  DA  A C4    1 
ATOM   250 P  P     . DC  B 2 1  ? 4.533   15.399  -17.985 1.00 97.34  ? 12  DC  B P     1 
ATOM   251 O  OP1   . DC  B 2 1  ? 3.356   15.645  -18.848 1.00 94.67  ? 12  DC  B OP1   1 
ATOM   252 O  OP2   . DC  B 2 1  ? 5.189   16.543  -17.315 1.00 93.33  ? 12  DC  B OP2   1 
ATOM   253 O  "O5'" . DC  B 2 1  ? 4.150   14.323  -16.866 1.00 81.54  ? 12  DC  B "O5'" 1 
ATOM   254 C  "C5'" . DC  B 2 1  ? 5.019   13.231  -16.602 1.00 94.62  ? 12  DC  B "C5'" 1 
ATOM   255 C  "C4'" . DC  B 2 1  ? 6.458   13.699  -16.485 1.00 73.68  ? 12  DC  B "C4'" 1 
ATOM   256 O  "O4'" . DC  B 2 1  ? 6.613   14.498  -15.290 1.00 73.15  ? 12  DC  B "O4'" 1 
ATOM   257 C  "C3'" . DC  B 2 1  ? 7.469   12.578  -16.372 1.00 80.51  ? 12  DC  B "C3'" 1 
ATOM   258 O  "O3'" . DC  B 2 1  ? 7.931   12.243  -17.666 1.00 86.76  ? 12  DC  B "O3'" 1 
ATOM   259 C  "C2'" . DC  B 2 1  ? 8.585   13.191  -15.529 1.00 74.23  ? 12  DC  B "C2'" 1 
ATOM   260 C  "C1'" . DC  B 2 1  ? 7.848   14.211  -14.659 1.00 76.06  ? 12  DC  B "C1'" 1 
ATOM   261 N  N1    . DC  B 2 1  ? 7.575   13.751  -13.249 1.00 74.11  ? 12  DC  B N1    1 
ATOM   262 C  C2    . DC  B 2 1  ? 8.644   13.476  -12.379 1.00 75.41  ? 12  DC  B C2    1 
ATOM   263 O  O2    . DC  B 2 1  ? 9.806   13.606  -12.783 1.00 79.66  ? 12  DC  B O2    1 
ATOM   264 N  N3    . DC  B 2 1  ? 8.372   13.073  -11.112 1.00 70.84  ? 12  DC  B N3    1 
ATOM   265 C  C4    . DC  B 2 1  ? 7.109   12.946  -10.706 1.00 70.01  ? 12  DC  B C4    1 
ATOM   266 N  N4    . DC  B 2 1  ? 6.895   12.546  -9.449  1.00 75.85  ? 12  DC  B N4    1 
ATOM   267 C  C5    . DC  B 2 1  ? 6.010   13.225  -11.572 1.00 65.07  ? 12  DC  B C5    1 
ATOM   268 C  C6    . DC  B 2 1  ? 6.286   13.622  -12.820 1.00 65.09  ? 12  DC  B C6    1 
ATOM   269 P  P     . DG  B 2 2  ? 7.938   10.714  -18.151 1.00 84.71  ? 13  DG  B P     1 
ATOM   270 O  OP1   . DG  B 2 2  ? 8.279   10.732  -19.591 1.00 81.78  ? 13  DG  B OP1   1 
ATOM   271 O  OP2   . DG  B 2 2  ? 6.686   10.082  -17.679 1.00 90.88  ? 13  DG  B OP2   1 
ATOM   272 O  "O5'" . DG  B 2 2  ? 9.154   10.066  -17.344 1.00 68.97  ? 13  DG  B "O5'" 1 
ATOM   273 C  "C5'" . DG  B 2 2  ? 10.447  10.639  -17.449 1.00 72.69  ? 13  DG  B "C5'" 1 
ATOM   274 C  "C4'" . DG  B 2 2  ? 11.379  10.066  -16.402 1.00 83.40  ? 13  DG  B "C4'" 1 
ATOM   275 O  "O4'" . DG  B 2 2  ? 10.919  10.446  -15.083 1.00 84.16  ? 13  DG  B "O4'" 1 
ATOM   276 C  "C3'" . DG  B 2 2  ? 11.484  8.542   -16.403 1.00 91.86  ? 13  DG  B "C3'" 1 
ATOM   277 O  "O3'" . DG  B 2 2  ? 12.845  8.153   -16.397 1.00 95.23  ? 13  DG  B "O3'" 1 
ATOM   278 C  "C2'" . DG  B 2 2  ? 10.766  8.118   -15.118 1.00 89.21  ? 13  DG  B "C2'" 1 
ATOM   279 C  "C1'" . DG  B 2 2  ? 10.953  9.333   -14.226 1.00 79.02  ? 13  DG  B "C1'" 1 
ATOM   280 N  N9    . DG  B 2 2  ? 9.889   9.495   -13.241 1.00 74.42  ? 13  DG  B N9    1 
ATOM   281 C  C8    . DG  B 2 2  ? 8.555   9.692   -13.496 1.00 73.91  ? 13  DG  B C8    1 
ATOM   282 N  N7    . DG  B 2 2  ? 7.831   9.812   -12.419 1.00 69.51  ? 13  DG  B N7    1 
ATOM   283 C  C5    . DG  B 2 2  ? 8.743   9.691   -11.382 1.00 68.01  ? 13  DG  B C5    1 
ATOM   284 C  C6    . DG  B 2 2  ? 8.540   9.740   -9.984  1.00 68.43  ? 13  DG  B C6    1 
ATOM   285 O  O6    . DG  B 2 2  ? 7.477   9.905   -9.371  1.00 67.92  ? 13  DG  B O6    1 
ATOM   286 N  N1    . DG  B 2 2  ? 9.732   9.576   -9.284  1.00 61.98  ? 13  DG  B N1    1 
ATOM   287 C  C2    . DG  B 2 2  ? 10.964  9.387   -9.864  1.00 68.77  ? 13  DG  B C2    1 
ATOM   288 N  N2    . DG  B 2 2  ? 12.001  9.246   -9.024  1.00 71.31  ? 13  DG  B N2    1 
ATOM   289 N  N3    . DG  B 2 2  ? 11.167  9.339   -11.175 1.00 71.76  ? 13  DG  B N3    1 
ATOM   290 C  C4    . DG  B 2 2  ? 10.017  9.498   -11.870 1.00 69.52  ? 13  DG  B C4    1 
ATOM   291 P  P     . DC  B 2 3  ? 13.244  6.615   -16.628 1.00 97.78  ? 14  DC  B P     1 
ATOM   292 O  OP1   . DC  B 2 3  ? 14.589  6.596   -17.244 1.00 97.52  ? 14  DC  B OP1   1 
ATOM   293 O  OP2   . DC  B 2 3  ? 12.113  5.947   -17.309 1.00 86.14  ? 14  DC  B OP2   1 
ATOM   294 O  "O5'" . DC  B 2 3  ? 13.344  6.027   -15.147 1.00 82.34  ? 14  DC  B "O5'" 1 
ATOM   295 C  "C5'" . DC  B 2 3  ? 14.200  6.652   -14.207 1.00 91.29  ? 14  DC  B "C5'" 1 
ATOM   296 C  "C4'" . DC  B 2 3  ? 13.947  6.130   -12.806 1.00 93.85  ? 14  DC  B "C4'" 1 
ATOM   297 O  "O4'" . DC  B 2 3  ? 12.705  6.654   -12.300 1.00 85.17  ? 14  DC  B "O4'" 1 
ATOM   298 C  "C3'" . DC  B 2 3  ? 13.833  4.610   -12.692 1.00 82.28  ? 14  DC  B "C3'" 1 
ATOM   299 O  "O3'" . DC  B 2 3  ? 15.004  4.087   -12.077 1.00 84.17  ? 14  DC  B "O3'" 1 
ATOM   300 C  "C2'" . DC  B 2 3  ? 12.578  4.380   -11.825 1.00 81.32  ? 14  DC  B "C2'" 1 
ATOM   301 C  "C1'" . DC  B 2 3  ? 12.246  5.777   -11.310 1.00 76.92  ? 14  DC  B "C1'" 1 
ATOM   302 N  N1    . DC  B 2 3  ? 10.782  6.014   -11.101 1.00 73.04  ? 14  DC  B N1    1 
ATOM   303 C  C2    . DC  B 2 3  ? 10.274  6.137   -9.799  1.00 71.70  ? 14  DC  B C2    1 
ATOM   304 O  O2    . DC  B 2 3  ? 11.048  6.049   -8.837  1.00 68.71  ? 14  DC  B O2    1 
ATOM   305 N  N3    . DC  B 2 3  ? 8.943   6.348   -9.631  1.00 64.87  ? 14  DC  B N3    1 
ATOM   306 C  C4    . DC  B 2 3  ? 8.141   6.437   -10.694 1.00 70.87  ? 14  DC  B C4    1 
ATOM   307 N  N4    . DC  B 2 3  ? 6.837   6.646   -10.479 1.00 68.63  ? 14  DC  B N4    1 
ATOM   308 C  C5    . DC  B 2 3  ? 8.642   6.313   -12.024 1.00 73.26  ? 14  DC  B C5    1 
ATOM   309 C  C6    . DC  B 2 3  ? 9.953   6.104   -12.179 1.00 70.17  ? 14  DC  B C6    1 
ATOM   310 P  P     . DC  B 2 4  ? 15.199  2.501   -11.914 1.00 98.20  ? 15  DC  B P     1 
ATOM   311 O  OP1   . DC  B 2 4  ? 16.653  2.230   -11.852 1.00 94.24  ? 15  DC  B OP1   1 
ATOM   312 O  OP2   . DC  B 2 4  ? 14.371  1.840   -12.946 1.00 89.38  ? 15  DC  B OP2   1 
ATOM   313 O  "O5'" . DC  B 2 4  ? 14.554  2.187   -10.486 1.00 84.10  ? 15  DC  B "O5'" 1 
ATOM   314 C  "C5'" . DC  B 2 4  ? 14.868  3.011   -9.369  1.00 80.32  ? 15  DC  B "C5'" 1 
ATOM   315 C  "C4'" . DC  B 2 4  ? 14.188  2.493   -8.116  1.00 80.46  ? 15  DC  B "C4'" 1 
ATOM   316 O  "O4'" . DC  B 2 4  ? 12.868  3.077   -7.997  1.00 77.24  ? 15  DC  B "O4'" 1 
ATOM   317 C  "C3'" . DC  B 2 4  ? 13.994  0.977   -8.084  1.00 87.91  ? 15  DC  B "C3'" 1 
ATOM   318 O  "O3'" . DC  B 2 4  ? 14.651  0.424   -6.954  1.00 93.41  ? 15  DC  B "O3'" 1 
ATOM   319 C  "C2'" . DC  B 2 4  ? 12.474  0.787   -8.013  1.00 84.75  ? 15  DC  B "C2'" 1 
ATOM   320 C  "C1'" . DC  B 2 4  ? 11.990  2.119   -7.467  1.00 72.24  ? 15  DC  B "C1'" 1 
ATOM   321 N  N1    . DC  B 2 4  ? 10.596  2.467   -7.895  1.00 67.08  ? 15  DC  B N1    1 
ATOM   322 C  C2    . DC  B 2 4  ? 9.552   2.475   -6.957  1.00 67.14  ? 15  DC  B C2    1 
ATOM   323 O  O2    . DC  B 2 4  ? 9.797   2.193   -5.777  1.00 72.76  ? 15  DC  B O2    1 
ATOM   324 N  N3    . DC  B 2 4  ? 8.300   2.793   -7.370  1.00 59.90  ? 15  DC  B N3    1 
ATOM   325 C  C4    . DC  B 2 4  ? 8.074   3.092   -8.652  1.00 66.26  ? 15  DC  B C4    1 
ATOM   326 N  N4    . DC  B 2 4  ? 6.824   3.398   -9.013  1.00 71.76  ? 15  DC  B N4    1 
ATOM   327 C  C5    . DC  B 2 4  ? 9.122   3.085   -9.620  1.00 65.71  ? 15  DC  B C5    1 
ATOM   328 C  C6    . DC  B 2 4  ? 10.353  2.771   -9.202  1.00 67.82  ? 15  DC  B C6    1 
ATOM   329 P  P     . DG  B 2 5  ? 14.950  -1.153  -6.891  1.00 103.24 ? 16  DG  B P     1 
ATOM   330 O  OP1   . DG  B 2 5  ? 16.340  -1.333  -6.414  1.00 98.28  ? 16  DG  B OP1   1 
ATOM   331 O  OP2   . DG  B 2 5  ? 14.534  -1.738  -8.186  1.00 93.79  ? 16  DG  B OP2   1 
ATOM   332 O  "O5'" . DG  B 2 5  ? 13.946  -1.684  -5.769  1.00 90.06  ? 16  DG  B "O5'" 1 
ATOM   333 C  "C5'" . DG  B 2 5  ? 14.088  -1.237  -4.429  1.00 92.53  ? 16  DG  B "C5'" 1 
ATOM   334 C  "C4'" . DG  B 2 5  ? 13.023  -1.842  -3.528  1.00 92.15  ? 16  DG  B "C4'" 1 
ATOM   335 O  "O4'" . DG  B 2 5  ? 11.717  -1.333  -3.901  1.00 96.58  ? 16  DG  B "O4'" 1 
ATOM   336 C  "C3'" . DG  B 2 5  ? 12.911  -3.358  -3.576  1.00 89.38  ? 16  DG  B "C3'" 1 
ATOM   337 O  "O3'" . DG  B 2 5  ? 12.562  -3.849  -2.293  1.00 93.52  ? 16  DG  B "O3'" 1 
ATOM   338 C  "C2'" . DG  B 2 5  ? 11.795  -3.593  -4.593  1.00 86.15  ? 16  DG  B "C2'" 1 
ATOM   339 C  "C1'" . DG  B 2 5  ? 10.895  -2.379  -4.384  1.00 83.55  ? 16  DG  B "C1'" 1 
ATOM   340 N  N9    . DG  B 2 5  ? 10.256  -1.915  -5.613  1.00 73.81  ? 16  DG  B N9    1 
ATOM   341 C  C8    . DG  B 2 5  ? 10.855  -1.741  -6.834  1.00 73.40  ? 16  DG  B C8    1 
ATOM   342 N  N7    . DG  B 2 5  ? 10.043  -1.302  -7.755  1.00 69.37  ? 16  DG  B N7    1 
ATOM   343 C  C5    . DG  B 2 5  ? 8.827   -1.174  -7.104  1.00 66.05  ? 16  DG  B C5    1 
ATOM   344 C  C6    . DG  B 2 5  ? 7.571   -0.737  -7.595  1.00 74.15  ? 16  DG  B C6    1 
ATOM   345 O  O6    . DG  B 2 5  ? 7.280   -0.368  -8.743  1.00 80.51  ? 16  DG  B O6    1 
ATOM   346 N  N1    . DG  B 2 5  ? 6.596   -0.757  -6.603  1.00 69.49  ? 16  DG  B N1    1 
ATOM   347 C  C2    . DG  B 2 5  ? 6.807   -1.148  -5.300  1.00 74.16  ? 16  DG  B C2    1 
ATOM   348 N  N2    . DG  B 2 5  ? 5.741   -1.098  -4.485  1.00 70.75  ? 16  DG  B N2    1 
ATOM   349 N  N3    . DG  B 2 5  ? 7.980   -1.558  -4.828  1.00 76.07  ? 16  DG  B N3    1 
ATOM   350 C  C4    . DG  B 2 5  ? 8.940   -1.545  -5.782  1.00 68.43  ? 16  DG  B C4    1 
ATOM   351 P  P     . DA  B 2 6  ? 12.448  -5.430  -2.037  1.00 108.29 ? 17  DA  B P     1 
ATOM   352 O  OP1   . DA  B 2 6  ? 12.937  -5.697  -0.666  1.00 99.98  ? 17  DA  B OP1   1 
ATOM   353 O  OP2   . DA  B 2 6  ? 13.082  -6.121  -3.182  1.00 107.49 ? 17  DA  B OP2   1 
ATOM   354 O  "O5'" . DA  B 2 6  ? 10.873  -5.707  -2.094  1.00 94.41  ? 17  DA  B "O5'" 1 
ATOM   355 C  "C5'" . DA  B 2 6  ? 10.017  -5.102  -1.137  1.00 88.48  ? 17  DA  B "C5'" 1 
ATOM   356 C  "C4'" . DA  B 2 6  ? 8.558   -5.379  -1.455  1.00 89.56  ? 17  DA  B "C4'" 1 
ATOM   357 O  "O4'" . DA  B 2 6  ? 8.177   -4.689  -2.671  1.00 88.38  ? 17  DA  B "O4'" 1 
ATOM   358 C  "C3'" . DA  B 2 6  ? 8.204   -6.851  -1.670  1.00 91.11  ? 17  DA  B "C3'" 1 
ATOM   359 O  "O3'" . DA  B 2 6  ? 7.031   -7.163  -0.936  1.00 97.76  ? 17  DA  B "O3'" 1 
ATOM   360 C  "C2'" . DA  B 2 6  ? 7.968   -6.947  -3.182  1.00 90.23  ? 17  DA  B "C2'" 1 
ATOM   361 C  "C1'" . DA  B 2 6  ? 7.437   -5.561  -3.492  1.00 81.58  ? 17  DA  B "C1'" 1 
ATOM   362 N  N9    . DA  B 2 6  ? 7.633   -5.144  -4.879  1.00 80.46  ? 17  DA  B N9    1 
ATOM   363 C  C8    . DA  B 2 6  ? 8.807   -5.140  -5.580  1.00 84.89  ? 17  DA  B C8    1 
ATOM   364 N  N7    . DA  B 2 6  ? 8.689   -4.691  -6.809  1.00 81.54  ? 17  DA  B N7    1 
ATOM   365 C  C5    . DA  B 2 6  ? 7.347   -4.368  -6.918  1.00 75.00  ? 17  DA  B C5    1 
ATOM   366 C  C6    . DA  B 2 6  ? 6.583   -3.838  -7.978  1.00 72.59  ? 17  DA  B C6    1 
ATOM   367 N  N6    . DA  B 2 6  ? 7.096   -3.534  -9.174  1.00 73.70  ? 17  DA  B N6    1 
ATOM   368 N  N1    . DA  B 2 6  ? 5.267   -3.636  -7.760  1.00 69.45  ? 17  DA  B N1    1 
ATOM   369 C  C2    . DA  B 2 6  ? 4.759   -3.941  -6.561  1.00 73.61  ? 17  DA  B C2    1 
ATOM   370 N  N3    . DA  B 2 6  ? 5.377   -4.445  -5.490  1.00 75.00  ? 17  DA  B N3    1 
ATOM   371 C  C4    . DA  B 2 6  ? 6.681   -4.636  -5.738  1.00 76.13  ? 17  DA  B C4    1 
ATOM   372 P  P     . DC  B 2 7  ? 6.459   -8.663  -0.918  1.00 108.82 ? 18  DC  B P     1 
ATOM   373 O  OP1   . DC  B 2 7  ? 5.790   -8.859  0.389   1.00 105.05 ? 18  DC  B OP1   1 
ATOM   374 O  OP2   . DC  B 2 7  ? 7.559   -9.567  -1.325  1.00 101.36 ? 18  DC  B OP2   1 
ATOM   375 O  "O5'" . DC  B 2 7  ? 5.353   -8.662  -2.077  1.00 84.42  ? 18  DC  B "O5'" 1 
ATOM   376 C  "C5'" . DC  B 2 7  ? 4.300   -7.705  -2.044  1.00 93.25  ? 18  DC  B "C5'" 1 
ATOM   377 C  "C4'" . DC  B 2 7  ? 3.390   -7.839  -3.257  1.00 97.94  ? 18  DC  B "C4'" 1 
ATOM   378 O  "O4'" . DC  B 2 7  ? 3.988   -7.202  -4.397  1.00 90.84  ? 18  DC  B "O4'" 1 
ATOM   379 C  "C3'" . DC  B 2 7  ? 3.089   -9.271  -3.696  1.00 101.30 ? 18  DC  B "C3'" 1 
ATOM   380 O  "O3'" . DC  B 2 7  ? 1.764   -9.608  -3.314  1.00 105.52 ? 18  DC  B "O3'" 1 
ATOM   381 C  "C2'" . DC  B 2 7  ? 3.262   -9.253  -5.233  1.00 95.61  ? 18  DC  B "C2'" 1 
ATOM   382 C  "C1'" . DC  B 2 7  ? 3.434   -7.772  -5.552  1.00 82.91  ? 18  DC  B "C1'" 1 
ATOM   383 N  N1    . DC  B 2 7  ? 4.356   -7.484  -6.695  1.00 77.64  ? 18  DC  B N1    1 
ATOM   384 C  C2    . DC  B 2 7  ? 3.866   -6.838  -7.839  1.00 78.43  ? 18  DC  B C2    1 
ATOM   385 O  O2    . DC  B 2 7  ? 2.667   -6.536  -7.895  1.00 80.76  ? 18  DC  B O2    1 
ATOM   386 N  N3    . DC  B 2 7  ? 4.721   -6.567  -8.855  1.00 70.97  ? 18  DC  B N3    1 
ATOM   387 C  C4    . DC  B 2 7  ? 6.006   -6.908  -8.756  1.00 76.82  ? 18  DC  B C4    1 
ATOM   388 N  N4    . DC  B 2 7  ? 6.811   -6.621  -9.782  1.00 74.16  ? 18  DC  B N4    1 
ATOM   389 C  C5    . DC  B 2 7  ? 6.524   -7.559  -7.597  1.00 81.74  ? 18  DC  B C5    1 
ATOM   390 C  C6    . DC  B 2 7  ? 5.674   -7.820  -6.600  1.00 75.68  ? 18  DC  B C6    1 
ATOM   391 P  P     . DT  B 2 8  ? 1.138   -11.034 -3.707  1.00 122.78 ? 19  DT  B P     1 
ATOM   392 O  OP1   . DT  B 2 8  ? 0.131   -11.374 -2.677  1.00 120.12 ? 19  DT  B OP1   1 
ATOM   393 O  OP2   . DT  B 2 8  ? 2.254   -11.964 -3.983  1.00 106.17 ? 19  DT  B OP2   1 
ATOM   394 O  "O5'" . DT  B 2 8  ? 0.383   -10.743 -5.085  1.00 104.02 ? 19  DT  B "O5'" 1 
ATOM   395 C  "C5'" . DT  B 2 8  ? -0.483  -9.622  -5.186  1.00 104.64 ? 19  DT  B "C5'" 1 
ATOM   396 C  "C4'" . DT  B 2 8  ? -1.145  -9.558  -6.552  1.00 115.77 ? 19  DT  B "C4'" 1 
ATOM   397 O  "O4'" . DT  B 2 8  ? -0.212  -9.023  -7.528  1.00 102.44 ? 19  DT  B "O4'" 1 
ATOM   398 C  "C3'" . DT  B 2 8  ? -1.625  -10.894 -7.111  1.00 121.32 ? 19  DT  B "C3'" 1 
ATOM   399 O  "O3'" . DT  B 2 8  ? -2.877  -10.707 -7.764  1.00 129.34 ? 19  DT  B "O3'" 1 
ATOM   400 C  "C2'" . DT  B 2 8  ? -0.519  -11.268 -8.097  1.00 113.79 ? 19  DT  B "C2'" 1 
ATOM   401 C  "C1'" . DT  B 2 8  ? -0.121  -9.901  -8.629  1.00 103.40 ? 19  DT  B "C1'" 1 
ATOM   402 N  N1    . DT  B 2 8  ? 1.275   -9.833  -9.158  1.00 95.03  ? 19  DT  B N1    1 
ATOM   403 C  C2    . DT  B 2 8  ? 1.513   -9.169  -10.340 1.00 90.57  ? 19  DT  B C2    1 
ATOM   404 O  O2    . DT  B 2 8  ? 0.635   -8.640  -10.997 1.00 96.70  ? 19  DT  B O2    1 
ATOM   405 N  N3    . DT  B 2 8  ? 2.825   -9.148  -10.731 1.00 81.62  ? 19  DT  B N3    1 
ATOM   406 C  C4    . DT  B 2 8  ? 3.904   -9.708  -10.071 1.00 82.22  ? 19  DT  B C4    1 
ATOM   407 O  O4    . DT  B 2 8  ? 5.049   -9.634  -10.505 1.00 79.66  ? 19  DT  B O4    1 
ATOM   408 C  C5    . DT  B 2 8  ? 3.587   -10.387 -8.836  1.00 84.07  ? 19  DT  B C5    1 
ATOM   409 C  C7    . DT  B 2 8  ? 4.676   -11.035 -8.033  1.00 80.49  ? 19  DT  B C7    1 
ATOM   410 C  C6    . DT  B 2 8  ? 2.302   -10.414 -8.442  1.00 85.70  ? 19  DT  B C6    1 
ATOM   411 P  P     . DC  B 2 9  ? -3.594  -11.924 -8.529  1.00 130.43 ? 20  DC  B P     1 
ATOM   412 O  OP1   . DC  B 2 9  ? -5.051  -11.664 -8.510  1.00 133.69 ? 20  DC  B OP1   1 
ATOM   413 O  OP2   . DC  B 2 9  ? -3.068  -13.189 -7.974  1.00 129.68 ? 20  DC  B OP2   1 
ATOM   414 O  "O5'" . DC  B 2 9  ? -3.073  -11.785 -10.032 1.00 122.60 ? 20  DC  B "O5'" 1 
ATOM   415 C  "C5'" . DC  B 2 9  ? -3.354  -10.603 -10.770 1.00 121.55 ? 20  DC  B "C5'" 1 
ATOM   416 C  "C4'" . DC  B 2 9  ? -3.117  -10.825 -12.253 1.00 125.40 ? 20  DC  B "C4'" 1 
ATOM   417 O  "O4'" . DC  B 2 9  ? -1.696  -10.748 -12.536 1.00 124.35 ? 20  DC  B "O4'" 1 
ATOM   418 C  "C3'" . DC  B 2 9  ? -3.586  -12.179 -12.785 1.00 128.86 ? 20  DC  B "C3'" 1 
ATOM   419 O  "O3'" . DC  B 2 9  ? -4.190  -12.016 -14.061 1.00 141.08 ? 20  DC  B "O3'" 1 
ATOM   420 C  "C2'" . DC  B 2 9  ? -2.293  -12.984 -12.875 1.00 116.61 ? 20  DC  B "C2'" 1 
ATOM   421 C  "C1'" . DC  B 2 9  ? -1.284  -11.902 -13.230 1.00 111.10 ? 20  DC  B "C1'" 1 
ATOM   422 N  N1    . DC  B 2 9  ? 0.108   -12.227 -12.813 1.00 101.69 ? 20  DC  B N1    1 
ATOM   423 C  C2    . DC  B 2 9  ? 1.185   -11.777 -13.584 1.00 93.04  ? 20  DC  B C2    1 
ATOM   424 O  O2    . DC  B 2 9  ? 0.960   -11.117 -14.604 1.00 90.90  ? 20  DC  B O2    1 
ATOM   425 N  N3    . DC  B 2 9  ? 2.447   -12.079 -13.188 1.00 88.04  ? 20  DC  B N3    1 
ATOM   426 C  C4    . DC  B 2 9  ? 2.646   -12.795 -12.080 1.00 89.92  ? 20  DC  B C4    1 
ATOM   427 N  N4    . DC  B 2 9  ? 3.907   -13.070 -11.730 1.00 92.90  ? 20  DC  B N4    1 
ATOM   428 C  C5    . DC  B 2 9  ? 1.560   -13.261 -11.281 1.00 92.70  ? 20  DC  B C5    1 
ATOM   429 C  C6    . DC  B 2 9  ? 0.321   -12.956 -11.681 1.00 101.68 ? 20  DC  B C6    1 
ATOM   430 P  P     . DT  C 3 1  ? -13.553 4.430   -9.036  1.00 121.53 ? 0   DT  C P     1 
ATOM   431 O  OP1   . DT  C 3 1  ? -13.442 3.241   -8.166  1.00 121.24 ? 0   DT  C OP1   1 
ATOM   432 O  OP2   . DT  C 3 1  ? -14.891 4.963   -9.372  1.00 107.57 ? 0   DT  C OP2   1 
ATOM   433 O  "O5'" . DT  C 3 1  ? -12.675 5.617   -8.418  1.00 96.29  ? 0   DT  C "O5'" 1 
ATOM   434 C  "C5'" . DT  C 3 1  ? -11.336 5.369   -8.007  1.00 90.95  ? 0   DT  C "C5'" 1 
ATOM   435 C  "C4'" . DT  C 3 1  ? -10.527 6.654   -7.998  1.00 77.72  ? 0   DT  C "C4'" 1 
ATOM   436 O  "O4'" . DT  C 3 1  ? -11.073 7.560   -7.026  1.00 77.72  ? 0   DT  C "O4'" 1 
ATOM   437 C  "C3'" . DT  C 3 1  ? -9.056  6.486   -7.616  1.00 82.75  ? 0   DT  C "C3'" 1 
ATOM   438 O  "O3'" . DT  C 3 1  ? -8.236  6.613   -8.765  1.00 90.06  ? 0   DT  C "O3'" 1 
ATOM   439 C  "C2'" . DT  C 3 1  ? -8.778  7.611   -6.601  1.00 80.50  ? 0   DT  C "C2'" 1 
ATOM   440 C  "C1'" . DT  C 3 1  ? -10.056 8.437   -6.626  1.00 76.61  ? 0   DT  C "C1'" 1 
ATOM   441 N  N1    . DT  C 3 1  ? -10.439 9.049   -5.307  1.00 71.75  ? 0   DT  C N1    1 
ATOM   442 C  C2    . DT  C 3 1  ? -9.696  10.090  -4.800  1.00 73.14  ? 0   DT  C C2    1 
ATOM   443 O  O2    . DT  C 3 1  ? -8.709  10.538  -5.352  1.00 81.20  ? 0   DT  C O2    1 
ATOM   444 N  N3    . DT  C 3 1  ? -10.149 10.590  -3.607  1.00 70.18  ? 0   DT  C N3    1 
ATOM   445 C  C4    . DT  C 3 1  ? -11.252 10.167  -2.889  1.00 77.59  ? 0   DT  C C4    1 
ATOM   446 O  O4    . DT  C 3 1  ? -11.579 10.680  -1.823  1.00 73.84  ? 0   DT  C O4    1 
ATOM   447 C  C5    . DT  C 3 1  ? -11.993 9.080   -3.482  1.00 76.45  ? 0   DT  C C5    1 
ATOM   448 C  C7    . DT  C 3 1  ? -13.211 8.532   -2.796  1.00 64.59  ? 0   DT  C C7    1 
ATOM   449 C  C6    . DT  C 3 1  ? -11.556 8.583   -4.648  1.00 71.96  ? 0   DT  C C6    1 
ATOM   450 P  P     . DC  C 3 2  ? -6.873  5.771   -8.872  1.00 86.70  ? 1   DC  C P     1 
ATOM   451 O  OP1   . DC  C 3 2  ? -6.331  5.982   -10.233 1.00 90.21  ? 1   DC  C OP1   1 
ATOM   452 O  OP2   . DC  C 3 2  ? -7.163  4.399   -8.399  1.00 93.97  ? 1   DC  C OP2   1 
ATOM   453 O  "O5'" . DC  C 3 2  ? -5.903  6.465   -7.798  1.00 75.38  ? 1   DC  C "O5'" 1 
ATOM   454 C  "C5'" . DC  C 3 2  ? -5.340  7.742   -8.076  1.00 73.17  ? 1   DC  C "C5'" 1 
ATOM   455 C  "C4'" . DC  C 3 2  ? -4.638  8.343   -6.859  1.00 77.85  ? 1   DC  C "C4'" 1 
ATOM   456 O  "O4'" . DC  C 3 2  ? -5.602  8.728   -5.843  1.00 82.91  ? 1   DC  C "O4'" 1 
ATOM   457 C  "C3'" . DC  C 3 2  ? -3.619  7.450   -6.145  1.00 65.81  ? 1   DC  C "C3'" 1 
ATOM   458 O  "O3'" . DC  C 3 2  ? -2.474  8.233   -5.835  1.00 62.97  ? 1   DC  C "O3'" 1 
ATOM   459 C  "C2'" . DC  C 3 2  ? -4.365  7.045   -4.869  1.00 79.10  ? 1   DC  C "C2'" 1 
ATOM   460 C  "C1'" . DC  C 3 2  ? -5.099  8.340   -4.583  1.00 71.39  ? 1   DC  C "C1'" 1 
ATOM   461 N  N1    . DC  C 3 2  ? -6.251  8.237   -3.633  1.00 68.04  ? 1   DC  C N1    1 
ATOM   462 C  C2    . DC  C 3 2  ? -6.393  9.188   -2.612  1.00 71.94  ? 1   DC  C C2    1 
ATOM   463 O  O2    . DC  C 3 2  ? -5.542  10.078  -2.492  1.00 70.94  ? 1   DC  C O2    1 
ATOM   464 N  N3    . DC  C 3 2  ? -7.459  9.102   -1.776  1.00 69.76  ? 1   DC  C N3    1 
ATOM   465 C  C4    . DC  C 3 2  ? -8.356  8.128   -1.939  1.00 71.49  ? 1   DC  C C4    1 
ATOM   466 N  N4    . DC  C 3 2  ? -9.390  8.081   -1.092  1.00 71.24  ? 1   DC  C N4    1 
ATOM   467 C  C5    . DC  C 3 2  ? -8.232  7.159   -2.977  1.00 74.61  ? 1   DC  C C5    1 
ATOM   468 C  C6    . DC  C 3 2  ? -7.175  7.249   -3.790  1.00 69.26  ? 1   DC  C C6    1 
ATOM   469 P  P     . DT  C 3 3  ? -1.000  7.610   -5.934  1.00 85.00  ? 2   DT  C P     1 
ATOM   470 O  OP1   . DT  C 3 3  ? -0.185  8.486   -6.805  1.00 67.94  ? 2   DT  C OP1   1 
ATOM   471 O  OP2   . DT  C 3 3  ? -1.152  6.178   -6.271  1.00 77.41  ? 2   DT  C OP2   1 
ATOM   472 O  "O5'" . DT  C 3 3  ? -0.438  7.732   -4.443  1.00 69.58  ? 2   DT  C "O5'" 1 
ATOM   473 C  "C5'" . DT  C 3 3  ? -0.301  9.006   -3.847  1.00 75.43  ? 2   DT  C "C5'" 1 
ATOM   474 C  "C4'" . DT  C 3 3  ? -0.280  8.896   -2.333  1.00 73.69  ? 2   DT  C "C4'" 1 
ATOM   475 O  "O4'" . DT  C 3 3  ? -1.622  8.985   -1.832  1.00 76.24  ? 2   DT  C "O4'" 1 
ATOM   476 C  "C3'" . DT  C 3 3  ? 0.244   7.576   -1.800  1.00 71.26  ? 2   DT  C "C3'" 1 
ATOM   477 O  "O3'" . DT  C 3 3  ? 1.674   7.638   -1.564  1.00 70.53  ? 2   DT  C "O3'" 1 
ATOM   478 C  "C2'" . DT  C 3 3  ? -0.553  7.354   -0.503  1.00 67.22  ? 2   DT  C "C2'" 1 
ATOM   479 C  "C1'" . DT  C 3 3  ? -1.652  8.422   -0.547  1.00 59.63  ? 2   DT  C "C1'" 1 
ATOM   480 N  N1    . DT  C 3 3  ? -3.017  7.876   -0.299  1.00 60.65  ? 2   DT  C N1    1 
ATOM   481 C  C2    . DT  C 3 3  ? -3.815  8.469   0.653   1.00 63.19  ? 2   DT  C C2    1 
ATOM   482 O  O2    . DT  C 3 3  ? -3.466  9.432   1.311   1.00 66.86  ? 2   DT  C O2    1 
ATOM   483 N  N3    . DT  C 3 3  ? -5.049  7.892   0.804   1.00 56.67  ? 2   DT  C N3    1 
ATOM   484 C  C4    . DT  C 3 3  ? -5.550  6.804   0.112   1.00 65.96  ? 2   DT  C C4    1 
ATOM   485 O  O4    . DT  C 3 3  ? -6.670  6.356   0.317   1.00 66.74  ? 2   DT  C O4    1 
ATOM   486 C  C5    . DT  C 3 3  ? -4.657  6.229   -0.869  1.00 65.72  ? 2   DT  C C5    1 
ATOM   487 C  C7    . DT  C 3 3  ? -5.091  5.046   -1.681  1.00 53.00  ? 2   DT  C C7    1 
ATOM   488 C  C6    . DT  C 3 3  ? -3.448  6.786   -1.024  1.00 60.96  ? 2   DT  C C6    1 
ATOM   489 P  P     . DG  C 3 4  ? 2.366   8.921   -0.879  1.00 77.83  ? 3   DG  C P     1 
ATOM   490 O  OP1   . DG  C 3 4  ? 1.655   9.244   0.375   1.00 73.95  ? 3   DG  C OP1   1 
ATOM   491 O  OP2   . DG  C 3 4  ? 2.571   9.955   -1.913  1.00 76.66  ? 3   DG  C OP2   1 
ATOM   492 O  "O5'" . DG  C 3 4  ? 3.832   8.413   -0.499  1.00 81.99  ? 3   DG  C "O5'" 1 
ATOM   493 C  "C5'" . DG  C 3 4  ? 4.025   7.151   0.115   1.00 77.10  ? 3   DG  C "C5'" 1 
ATOM   494 C  "C4'" . DG  C 3 4  ? 5.333   6.538   -0.343  1.00 71.02  ? 3   DG  C "C4'" 1 
ATOM   495 O  "O4'" . DG  C 3 4  ? 5.090   5.697   -1.487  1.00 65.55  ? 3   DG  C "O4'" 1 
ATOM   496 C  "C3'" . DG  C 3 4  ? 6.368   7.541   -0.809  1.00 71.94  ? 3   DG  C "C3'" 1 
ATOM   497 O  "O3'" . DG  C 3 4  ? 7.129   7.968   0.288   1.00 70.16  ? 3   DG  C "O3'" 1 
ATOM   498 C  "C2'" . DG  C 3 4  ? 7.212   6.725   -1.780  1.00 60.77  ? 3   DG  C "C2'" 1 
ATOM   499 C  "C1'" . DG  C 3 4  ? 6.183   5.772   -2.383  1.00 60.07  ? 3   DG  C "C1'" 1 
ATOM   500 N  N9    . DG  C 3 4  ? 5.673   6.190   -3.681  1.00 64.49  ? 3   DG  C N9    1 
ATOM   501 C  C8    . DG  C 3 4  ? 4.386   6.565   -3.979  1.00 66.28  ? 3   DG  C C8    1 
ATOM   502 N  N7    . DG  C 3 4  ? 4.214   6.874   -5.233  1.00 67.77  ? 3   DG  C N7    1 
ATOM   503 C  C5    . DG  C 3 4  ? 5.468   6.687   -5.802  1.00 66.39  ? 3   DG  C C5    1 
ATOM   504 C  C6    . DG  C 3 4  ? 5.898   6.865   -7.135  1.00 65.07  ? 3   DG  C C6    1 
ATOM   505 O  O6    . DG  C 3 4  ? 5.234   7.237   -8.110  1.00 68.95  ? 3   DG  C O6    1 
ATOM   506 N  N1    . DG  C 3 4  ? 7.250   6.562   -7.285  1.00 59.61  ? 3   DG  C N1    1 
ATOM   507 C  C2    . DG  C 3 4  ? 8.079   6.142   -6.272  1.00 60.32  ? 3   DG  C C2    1 
ATOM   508 N  N2    . DG  C 3 4  ? 9.354   5.897   -6.607  1.00 60.23  ? 3   DG  C N2    1 
ATOM   509 N  N3    . DG  C 3 4  ? 7.687   5.972   -5.019  1.00 62.77  ? 3   DG  C N3    1 
ATOM   510 C  C4    . DG  C 3 4  ? 6.375   6.263   -4.858  1.00 66.42  ? 3   DG  C C4    1 
ATOM   511 P  P     . DC  C 3 5  ? 7.636   9.485   0.364   1.00 71.66  ? 4   DC  C P     1 
ATOM   512 O  OP1   . DC  C 3 5  ? 7.868   9.803   1.792   1.00 88.73  ? 4   DC  C OP1   1 
ATOM   513 O  OP2   . DC  C 3 5  ? 6.701   10.294  -0.448  1.00 69.96  ? 4   DC  C OP2   1 
ATOM   514 O  "O5'" . DC  C 3 5  ? 9.028   9.458   -0.419  1.00 62.58  ? 4   DC  C "O5'" 1 
ATOM   515 C  "C5'" . DC  C 3 5  ? 10.013  8.500   -0.080  1.00 71.98  ? 4   DC  C "C5'" 1 
ATOM   516 C  "C4'" . DC  C 3 5  ? 11.039  8.385   -1.188  1.00 73.82  ? 4   DC  C "C4'" 1 
ATOM   517 O  "O4'" . DC  C 3 5  ? 10.413  7.832   -2.360  1.00 68.64  ? 4   DC  C "O4'" 1 
ATOM   518 C  "C3'" . DC  C 3 5  ? 11.628  9.705   -1.640  1.00 72.75  ? 4   DC  C "C3'" 1 
ATOM   519 O  "O3'" . DC  C 3 5  ? 12.761  10.007  -0.839  1.00 78.10  ? 4   DC  C "O3'" 1 
ATOM   520 C  "C2'" . DC  C 3 5  ? 12.022  9.425   -3.092  1.00 73.75  ? 4   DC  C "C2'" 1 
ATOM   521 C  "C1'" . DC  C 3 5  ? 11.046  8.327   -3.521  1.00 66.38  ? 4   DC  C "C1'" 1 
ATOM   522 N  N1    . DC  C 3 5  ? 9.982   8.765   -4.476  1.00 63.31  ? 4   DC  C N1    1 
ATOM   523 C  C2    . DC  C 3 5  ? 10.274  8.907   -5.839  1.00 60.40  ? 4   DC  C C2    1 
ATOM   524 O  O2    . DC  C 3 5  ? 11.427  8.703   -6.237  1.00 57.52  ? 4   DC  C O2    1 
ATOM   525 N  N3    . DC  C 3 5  ? 9.279   9.279   -6.686  1.00 60.02  ? 4   DC  C N3    1 
ATOM   526 C  C4    . DC  C 3 5  ? 8.046   9.489   -6.217  1.00 65.24  ? 4   DC  C C4    1 
ATOM   527 N  N4    . DC  C 3 5  ? 7.098   9.854   -7.085  1.00 61.96  ? 4   DC  C N4    1 
ATOM   528 C  C5    . DC  C 3 5  ? 7.732   9.335   -4.837  1.00 64.41  ? 4   DC  C C5    1 
ATOM   529 C  C6    . DC  C 3 5  ? 8.717   8.972   -4.013  1.00 63.92  ? 4   DC  C C6    1 
ATOM   530 P  P     . DG  C 3 6  ? 13.590  11.363  -1.070  1.00 94.25  ? 5   DG  C P     1 
ATOM   531 O  OP1   . DG  C 3 6  ? 14.338  11.640  0.174   1.00 99.97  ? 5   DG  C OP1   1 
ATOM   532 O  OP2   . DG  C 3 6  ? 12.669  12.380  -1.623  1.00 81.09  ? 5   DG  C OP2   1 
ATOM   533 O  "O5'" . DG  C 3 6  ? 14.650  10.979  -2.200  1.00 90.15  ? 5   DG  C "O5'" 1 
ATOM   534 C  "C5'" . DG  C 3 6  ? 15.709  11.867  -2.496  1.00 93.07  ? 5   DG  C "C5'" 1 
ATOM   535 C  "C4'" . DG  C 3 6  ? 15.779  12.149  -3.985  1.00 86.43  ? 5   DG  C "C4'" 1 
ATOM   536 O  "O4'" . DG  C 3 6  ? 14.788  11.355  -4.685  1.00 80.85  ? 5   DG  C "O4'" 1 
ATOM   537 C  "C3'" . DG  C 3 6  ? 15.464  13.575  -4.382  1.00 91.66  ? 5   DG  C "C3'" 1 
ATOM   538 O  "O3'" . DG  C 3 6  ? 16.619  14.388  -4.232  1.00 90.28  ? 5   DG  C "O3'" 1 
ATOM   539 C  "C2'" . DG  C 3 6  ? 15.091  13.399  -5.846  1.00 86.85  ? 5   DG  C "C2'" 1 
ATOM   540 C  "C1'" . DG  C 3 6  ? 14.332  12.071  -5.824  1.00 75.98  ? 5   DG  C "C1'" 1 
ATOM   541 N  N9    . DG  C 3 6  ? 12.888  12.245  -5.721  1.00 68.05  ? 5   DG  C N9    1 
ATOM   542 C  C8    . DG  C 3 6  ? 12.141  12.264  -4.573  1.00 69.42  ? 5   DG  C C8    1 
ATOM   543 N  N7    . DG  C 3 6  ? 10.867  12.446  -4.783  1.00 70.10  ? 5   DG  C N7    1 
ATOM   544 C  C5    . DG  C 3 6  ? 10.765  12.570  -6.159  1.00 61.05  ? 5   DG  C C5    1 
ATOM   545 C  C6    . DG  C 3 6  ? 9.628   12.785  -6.971  1.00 67.43  ? 5   DG  C C6    1 
ATOM   546 O  O6    . DG  C 3 6  ? 8.448   12.915  -6.619  1.00 73.93  ? 5   DG  C O6    1 
ATOM   547 N  N1    . DG  C 3 6  ? 9.964   12.847  -8.320  1.00 69.66  ? 5   DG  C N1    1 
ATOM   548 C  C2    . DG  C 3 6  ? 11.239  12.719  -8.820  1.00 70.33  ? 5   DG  C C2    1 
ATOM   549 N  N2    . DG  C 3 6  ? 11.365  12.806  -10.152 1.00 72.02  ? 5   DG  C N2    1 
ATOM   550 N  N3    . DG  C 3 6  ? 12.314  12.518  -8.068  1.00 64.56  ? 5   DG  C N3    1 
ATOM   551 C  C4    . DG  C 3 6  ? 12.002  12.454  -6.753  1.00 66.20  ? 5   DG  C C4    1 
ATOM   552 O  "O5'" . DT  D 4 1  ? 13.991  -18.697 -10.932 1.00 158.30 ? 2   DT  D "O5'" 1 
ATOM   553 C  "C5'" . DT  D 4 1  ? 12.808  -18.843 -11.704 1.00 131.87 ? 2   DT  D "C5'" 1 
ATOM   554 C  "C4'" . DT  D 4 1  ? 13.094  -18.598 -13.173 1.00 122.97 ? 2   DT  D "C4'" 1 
ATOM   555 O  "O4'" . DT  D 4 1  ? 11.959  -19.039 -13.968 1.00 112.12 ? 2   DT  D "O4'" 1 
ATOM   556 C  "C3'" . DT  D 4 1  ? 13.338  -17.138 -13.548 1.00 126.19 ? 2   DT  D "C3'" 1 
ATOM   557 O  "O3'" . DT  D 4 1  ? 14.394  -17.056 -14.529 1.00 132.81 ? 2   DT  D "O3'" 1 
ATOM   558 C  "C2'" . DT  D 4 1  ? 11.980  -16.698 -14.085 1.00 121.02 ? 2   DT  D "C2'" 1 
ATOM   559 C  "C1'" . DT  D 4 1  ? 11.472  -17.969 -14.747 1.00 108.09 ? 2   DT  D "C1'" 1 
ATOM   560 N  N1    . DT  D 4 1  ? 9.981   -18.053 -14.797 1.00 104.32 ? 2   DT  D N1    1 
ATOM   561 C  C2    . DT  D 4 1  ? 9.329   -17.783 -15.978 1.00 99.52  ? 2   DT  D C2    1 
ATOM   562 O  O2    . DT  D 4 1  ? 9.907   -17.474 -17.004 1.00 102.97 ? 2   DT  D O2    1 
ATOM   563 N  N3    . DT  D 4 1  ? 7.963   -17.882 -15.912 1.00 93.76  ? 2   DT  D N3    1 
ATOM   564 C  C4    . DT  D 4 1  ? 7.203   -18.221 -14.806 1.00 96.31  ? 2   DT  D C4    1 
ATOM   565 O  O4    . DT  D 4 1  ? 5.980   -18.287 -14.844 1.00 92.06  ? 2   DT  D O4    1 
ATOM   566 C  C5    . DT  D 4 1  ? 7.951   -18.491 -13.603 1.00 96.05  ? 2   DT  D C5    1 
ATOM   567 C  C7    . DT  D 4 1  ? 7.235   -18.863 -12.339 1.00 90.16  ? 2   DT  D C7    1 
ATOM   568 C  C6    . DT  D 4 1  ? 9.287   -18.389 -13.656 1.00 98.19  ? 2   DT  D C6    1 
ATOM   569 P  P     . DC  D 4 2  ? 14.377  -15.976 -15.726 1.00 141.13 ? 3   DC  D P     1 
ATOM   570 O  OP1   . DC  D 4 2  ? 13.398  -16.479 -16.718 1.00 139.53 ? 3   DC  D OP1   1 
ATOM   571 O  OP2   . DC  D 4 2  ? 15.784  -15.852 -16.174 1.00 142.12 ? 3   DC  D OP2   1 
ATOM   572 O  "O5'" . DC  D 4 2  ? 14.029  -14.569 -15.008 1.00 124.98 ? 3   DC  D "O5'" 1 
ATOM   573 C  "C5'" . DC  D 4 2  ? 12.977  -13.677 -15.472 1.00 122.94 ? 3   DC  D "C5'" 1 
ATOM   574 C  "C4'" . DC  D 4 2  ? 12.824  -13.670 -16.984 1.00 123.55 ? 3   DC  D "C4'" 1 
ATOM   575 O  "O4'" . DC  D 4 2  ? 11.702  -14.521 -17.339 1.00 120.56 ? 3   DC  D "O4'" 1 
ATOM   576 C  "C3'" . DC  D 4 2  ? 12.488  -12.319 -17.586 1.00 127.05 ? 3   DC  D "C3'" 1 
ATOM   577 O  "O3'" . DC  D 4 2  ? 12.885  -12.273 -18.960 1.00 136.04 ? 3   DC  D "O3'" 1 
ATOM   578 C  "C2'" . DC  D 4 2  ? 10.974  -12.273 -17.432 1.00 121.45 ? 3   DC  D "C2'" 1 
ATOM   579 C  "C1'" . DC  D 4 2  ? 10.560  -13.729 -17.618 1.00 113.00 ? 3   DC  D "C1'" 1 
ATOM   580 N  N1    . DC  D 4 2  ? 9.441   -14.130 -16.695 1.00 103.22 ? 3   DC  D N1    1 
ATOM   581 C  C2    . DC  D 4 2  ? 8.111   -14.051 -17.132 1.00 95.69  ? 3   DC  D C2    1 
ATOM   582 O  O2    . DC  D 4 2  ? 7.878   -13.677 -18.288 1.00 95.48  ? 3   DC  D O2    1 
ATOM   583 N  N3    . DC  D 4 2  ? 7.114   -14.401 -16.277 1.00 90.39  ? 3   DC  D N3    1 
ATOM   584 C  C4    . DC  D 4 2  ? 7.409   -14.800 -15.037 1.00 90.58  ? 3   DC  D C4    1 
ATOM   585 N  N4    . DC  D 4 2  ? 6.399   -15.136 -14.227 1.00 84.86  ? 3   DC  D N4    1 
ATOM   586 C  C5    . DC  D 4 2  ? 8.752   -14.872 -14.572 1.00 90.49  ? 3   DC  D C5    1 
ATOM   587 C  C6    . DC  D 4 2  ? 9.724   -14.526 -15.423 1.00 98.79  ? 3   DC  D C6    1 
ATOM   588 P  P     . DG  D 4 3  ? 12.294  -11.158 -19.962 1.00 154.73 ? 4   DG  D P     1 
ATOM   589 O  OP1   . DG  D 4 3  ? 11.100  -11.749 -20.606 1.00 131.17 ? 4   DG  D OP1   1 
ATOM   590 O  OP2   . DG  D 4 3  ? 13.420  -10.704 -20.809 1.00 153.91 ? 4   DG  D OP2   1 
ATOM   591 O  "O5'" . DG  D 4 3  ? 11.879  -9.928  -19.014 1.00 131.66 ? 4   DG  D "O5'" 1 
ATOM   592 C  "C5'" . DG  D 4 3  ? 11.069  -8.852  -19.518 1.00 130.50 ? 4   DG  D "C5'" 1 
ATOM   593 C  "C4'" . DG  D 4 3  ? 9.606   -9.262  -19.600 1.00 122.95 ? 4   DG  D "C4'" 1 
ATOM   594 O  "O4'" . DG  D 4 3  ? 9.267   -10.068 -18.466 1.00 106.69 ? 4   DG  D "O4'" 1 
ATOM   595 C  "C3'" . DG  D 4 3  ? 8.600   -8.114  -19.589 1.00 122.81 ? 4   DG  D "C3'" 1 
ATOM   596 O  "O3'" . DG  D 4 3  ? 8.122   -7.888  -20.905 1.00 135.06 ? 4   DG  D "O3'" 1 
ATOM   597 C  "C2'" . DG  D 4 3  ? 7.471   -8.596  -18.649 1.00 110.30 ? 4   DG  D "C2'" 1 
ATOM   598 C  "C1'" . DG  D 4 3  ? 7.880   -10.022 -18.301 1.00 99.85  ? 4   DG  D "C1'" 1 
ATOM   599 N  N9    . DG  D 4 3  ? 7.567   -10.448 -16.931 1.00 91.04  ? 4   DG  D N9    1 
ATOM   600 C  C8    . DG  D 4 3  ? 8.468   -10.751 -15.939 1.00 87.77  ? 4   DG  D C8    1 
ATOM   601 N  N7    . DG  D 4 3  ? 7.912   -11.133 -14.825 1.00 78.69  ? 4   DG  D N7    1 
ATOM   602 C  C5    . DG  D 4 3  ? 6.552   -11.088 -15.091 1.00 79.63  ? 4   DG  D C5    1 
ATOM   603 C  C6    . DG  D 4 3  ? 5.450   -11.392 -14.256 1.00 79.21  ? 4   DG  D C6    1 
ATOM   604 O  O6    . DG  D 4 3  ? 5.463   -11.774 -13.077 1.00 80.25  ? 4   DG  D O6    1 
ATOM   605 N  N1    . DG  D 4 3  ? 4.239   -11.213 -14.917 1.00 77.65  ? 4   DG  D N1    1 
ATOM   606 C  C2    . DG  D 4 3  ? 4.108   -10.791 -16.218 1.00 81.89  ? 4   DG  D C2    1 
ATOM   607 N  N2    . DG  D 4 3  ? 2.856   -10.680 -16.685 1.00 85.09  ? 4   DG  D N2    1 
ATOM   608 N  N3    . DG  D 4 3  ? 5.132   -10.504 -17.014 1.00 81.01  ? 4   DG  D N3    1 
ATOM   609 C  C4    . DG  D 4 3  ? 6.319   -10.673 -16.387 1.00 81.65  ? 4   DG  D C4    1 
ATOM   610 P  P     . DA  D 4 4  ? 7.963   -6.390  -21.459 1.00 147.49 ? 5   DA  D P     1 
ATOM   611 O  OP1   . DA  D 4 4  ? 7.930   -6.457  -22.938 1.00 146.44 ? 5   DA  D OP1   1 
ATOM   612 O  OP2   . DA  D 4 4  ? 8.977   -5.553  -20.779 1.00 136.60 ? 5   DA  D OP2   1 
ATOM   613 O  "O5'" . DA  D 4 4  ? 6.533   -5.935  -20.910 1.00 134.55 ? 5   DA  D "O5'" 1 
ATOM   614 C  "C5'" . DA  D 4 4  ? 5.411   -6.791  -21.060 1.00 128.75 ? 5   DA  D "C5'" 1 
ATOM   615 C  "C4'" . DA  D 4 4  ? 4.310   -6.405  -20.088 1.00 122.29 ? 5   DA  D "C4'" 1 
ATOM   616 O  "O4'" . DA  D 4 4  ? 4.486   -7.119  -18.834 1.00 109.63 ? 5   DA  D "O4'" 1 
ATOM   617 C  "C3'" . DA  D 4 4  ? 4.258   -4.916  -19.724 1.00 116.10 ? 5   DA  D "C3'" 1 
ATOM   618 O  "O3'" . DA  D 4 4  ? 2.918   -4.445  -19.792 1.00 120.34 ? 5   DA  D "O3'" 1 
ATOM   619 C  "C2'" . DA  D 4 4  ? 4.782   -4.891  -18.289 1.00 102.07 ? 5   DA  D "C2'" 1 
ATOM   620 C  "C1'" . DA  D 4 4  ? 4.266   -6.220  -17.777 1.00 92.10  ? 5   DA  D "C1'" 1 
ATOM   621 N  N9    . DA  D 4 4  ? 4.961   -6.701  -16.587 1.00 77.92  ? 5   DA  D N9    1 
ATOM   622 C  C8    . DA  D 4 4  ? 6.308   -6.705  -16.361 1.00 83.46  ? 5   DA  D C8    1 
ATOM   623 N  N7    . DA  D 4 4  ? 6.650   -7.199  -15.195 1.00 79.30  ? 5   DA  D N7    1 
ATOM   624 C  C5    . DA  D 4 4  ? 5.440   -7.527  -14.607 1.00 72.59  ? 5   DA  D C5    1 
ATOM   625 C  C6    . DA  D 4 4  ? 5.116   -8.088  -13.359 1.00 71.83  ? 5   DA  D C6    1 
ATOM   626 N  N6    . DA  D 4 4  ? 6.031   -8.428  -12.445 1.00 73.93  ? 5   DA  D N6    1 
ATOM   627 N  N1    . DA  D 4 4  ? 3.809   -8.288  -13.082 1.00 72.47  ? 5   DA  D N1    1 
ATOM   628 C  C2    . DA  D 4 4  ? 2.897   -7.945  -14.001 1.00 73.73  ? 5   DA  D C2    1 
ATOM   629 N  N3    . DA  D 4 4  ? 3.082   -7.411  -15.207 1.00 74.55  ? 5   DA  D N3    1 
ATOM   630 C  C4    . DA  D 4 4  ? 4.389   -7.225  -15.451 1.00 75.44  ? 5   DA  D C4    1 
ATOM   631 P  P     . DG  D 4 5  ? 2.616   -2.878  -19.984 1.00 123.99 ? 6   DG  D P     1 
ATOM   632 O  OP1   . DG  D 4 5  ? 2.530   -2.621  -21.438 1.00 124.21 ? 6   DG  D OP1   1 
ATOM   633 O  OP2   . DG  D 4 5  ? 3.593   -2.115  -19.178 1.00 110.22 ? 6   DG  D OP2   1 
ATOM   634 O  "O5'" . DG  D 4 5  ? 1.167   -2.684  -19.330 1.00 110.40 ? 6   DG  D "O5'" 1 
ATOM   635 C  "C5'" . DG  D 4 5  ? 1.009   -1.897  -18.150 1.00 104.62 ? 6   DG  D "C5'" 1 
ATOM   636 C  "C4'" . DG  D 4 5  ? 0.511   -2.745  -16.992 1.00 99.06  ? 6   DG  D "C4'" 1 
ATOM   637 O  "O4'" . DG  D 4 5  ? 1.576   -3.591  -16.535 1.00 94.12  ? 6   DG  D "O4'" 1 
ATOM   638 C  "C3'" . DG  D 4 5  ? 0.069   -1.955  -15.766 1.00 97.20  ? 6   DG  D "C3'" 1 
ATOM   639 O  "O3'" . DG  D 4 5  ? -1.341  -1.785  -15.788 1.00 100.24 ? 6   DG  D "O3'" 1 
ATOM   640 C  "C2'" . DG  D 4 5  ? 0.515   -2.814  -14.568 1.00 88.04  ? 6   DG  D "C2'" 1 
ATOM   641 C  "C1'" . DG  D 4 5  ? 1.353   -3.932  -15.190 1.00 80.88  ? 6   DG  D "C1'" 1 
ATOM   642 N  N9    . DG  D 4 5  ? 2.655   -4.123  -14.555 1.00 71.66  ? 6   DG  D N9    1 
ATOM   643 C  C8    . DG  D 4 5  ? 3.884   -3.905  -15.126 1.00 78.92  ? 6   DG  D C8    1 
ATOM   644 N  N7    . DG  D 4 5  ? 4.881   -4.172  -14.331 1.00 72.20  ? 6   DG  D N7    1 
ATOM   645 C  C5    . DG  D 4 5  ? 4.277   -4.597  -13.157 1.00 65.83  ? 6   DG  D C5    1 
ATOM   646 C  C6    . DG  D 4 5  ? 4.855   -5.019  -11.937 1.00 69.09  ? 6   DG  D C6    1 
ATOM   647 O  O6    . DG  D 4 5  ? 6.056   -5.101  -11.647 1.00 69.32  ? 6   DG  D O6    1 
ATOM   648 N  N1    . DG  D 4 5  ? 3.886   -5.367  -10.999 1.00 72.12  ? 6   DG  D N1    1 
ATOM   649 C  C2    . DG  D 4 5  ? 2.529   -5.311  -11.215 1.00 73.98  ? 6   DG  D C2    1 
ATOM   650 N  N2    . DG  D 4 5  ? 1.745   -5.686  -10.193 1.00 73.88  ? 6   DG  D N2    1 
ATOM   651 N  N3    . DG  D 4 5  ? 1.975   -4.916  -12.356 1.00 69.52  ? 6   DG  D N3    1 
ATOM   652 C  C4    . DG  D 4 5  ? 2.905   -4.575  -13.278 1.00 66.68  ? 6   DG  D C4    1 
ATOM   653 P  P     . DT  D 4 6  ? -2.016  -0.507  -15.086 1.00 110.94 ? 7   DT  D P     1 
ATOM   654 O  OP1   . DT  D 4 6  ? -3.440  -0.497  -15.488 1.00 100.64 ? 7   DT  D OP1   1 
ATOM   655 O  OP2   . DT  D 4 6  ? -1.166  0.671   -15.373 1.00 116.05 ? 7   DT  D OP2   1 
ATOM   656 O  "O5'" . DT  D 4 6  ? -1.912  -0.827  -13.520 1.00 93.53  ? 7   DT  D "O5'" 1 
ATOM   657 C  "C5'" . DT  D 4 6  ? -2.532  -1.994  -12.991 1.00 83.49  ? 7   DT  D "C5'" 1 
ATOM   658 C  "C4'" . DT  D 4 6  ? -2.285  -2.120  -11.495 1.00 87.15  ? 7   DT  D "C4'" 1 
ATOM   659 O  "O4'" . DT  D 4 6  ? -0.923  -2.558  -11.247 1.00 85.10  ? 7   DT  D "O4'" 1 
ATOM   660 C  "C3'" . DT  D 4 6  ? -2.468  -0.828  -10.689 1.00 80.81  ? 7   DT  D "C3'" 1 
ATOM   661 O  "O3'" . DT  D 4 6  ? -3.322  -1.069  -9.582  1.00 79.86  ? 7   DT  D "O3'" 1 
ATOM   662 C  "C2'" . DT  D 4 6  ? -1.046  -0.491  -10.231 1.00 75.79  ? 7   DT  D "C2'" 1 
ATOM   663 C  "C1'" . DT  D 4 6  ? -0.446  -1.878  -10.116 1.00 73.12  ? 7   DT  D "C1'" 1 
ATOM   664 N  N1    . DT  D 4 6  ? 1.047   -1.904  -10.124 1.00 68.11  ? 7   DT  D N1    1 
ATOM   665 C  C2    . DT  D 4 6  ? 1.718   -2.281  -8.982  1.00 69.15  ? 7   DT  D C2    1 
ATOM   666 O  O2    . DT  D 4 6  ? 1.152   -2.591  -7.948  1.00 73.44  ? 7   DT  D O2    1 
ATOM   667 N  N3    . DT  D 4 6  ? 3.082   -2.278  -9.091  1.00 66.71  ? 7   DT  D N3    1 
ATOM   668 C  C4    . DT  D 4 6  ? 3.826   -1.944  -10.208 1.00 70.36  ? 7   DT  D C4    1 
ATOM   669 O  O4    . DT  D 4 6  ? 5.050   -1.970  -10.212 1.00 70.23  ? 7   DT  D O4    1 
ATOM   670 C  C5    . DT  D 4 6  ? 3.059   -1.561  -11.372 1.00 63.90  ? 7   DT  D C5    1 
ATOM   671 C  C7    . DT  D 4 6  ? 3.756   -1.178  -12.642 1.00 62.70  ? 7   DT  D C7    1 
ATOM   672 C  C6    . DT  D 4 6  ? 1.724   -1.561  -11.274 1.00 66.27  ? 7   DT  D C6    1 
ATOM   673 P  P     . DC  D 4 7  ? -3.696  0.129   -8.577  1.00 88.08  ? 8   DC  D P     1 
ATOM   674 O  OP1   . DC  D 4 7  ? -4.992  -0.204  -7.947  1.00 83.29  ? 8   DC  D OP1   1 
ATOM   675 O  OP2   . DC  D 4 7  ? -3.526  1.397   -9.318  1.00 93.89  ? 8   DC  D OP2   1 
ATOM   676 O  "O5'" . DC  D 4 7  ? -2.560  0.070   -7.453  1.00 72.09  ? 8   DC  D "O5'" 1 
ATOM   677 C  "C5'" . DC  D 4 7  ? -2.189  -1.177  -6.900  1.00 67.31  ? 8   DC  D "C5'" 1 
ATOM   678 C  "C4'" . DC  D 4 7  ? -1.677  -1.027  -5.478  1.00 74.88  ? 8   DC  D "C4'" 1 
ATOM   679 O  "O4'" . DC  D 4 7  ? -0.233  -1.136  -5.454  1.00 74.53  ? 8   DC  D "O4'" 1 
ATOM   680 C  "C3'" . DC  D 4 7  ? -1.987  0.289   -4.794  1.00 73.03  ? 8   DC  D "C3'" 1 
ATOM   681 O  "O3'" . DC  D 4 7  ? -2.060  0.061   -3.394  1.00 82.03  ? 8   DC  D "O3'" 1 
ATOM   682 C  "C2'" . DC  D 4 7  ? -0.776  1.145   -5.169  1.00 67.70  ? 8   DC  D "C2'" 1 
ATOM   683 C  "C1'" . DC  D 4 7  ? 0.353   0.118   -5.147  1.00 64.46  ? 8   DC  D "C1'" 1 
ATOM   684 N  N1    . DC  D 4 7  ? 1.423   0.362   -6.156  1.00 57.80  ? 8   DC  D N1    1 
ATOM   685 C  C2    . DC  D 4 7  ? 2.763   0.137   -5.814  1.00 65.33  ? 8   DC  D C2    1 
ATOM   686 O  O2    . DC  D 4 7  ? 3.040   -0.232  -4.666  1.00 81.68  ? 8   DC  D O2    1 
ATOM   687 N  N3    . DC  D 4 7  ? 3.721   0.336   -6.752  1.00 61.63  ? 8   DC  D N3    1 
ATOM   688 C  C4    . DC  D 4 7  ? 3.381   0.733   -7.979  1.00 66.89  ? 8   DC  D C4    1 
ATOM   689 N  N4    . DC  D 4 7  ? 4.359   0.919   -8.871  1.00 73.49  ? 8   DC  D N4    1 
ATOM   690 C  C5    . DC  D 4 7  ? 2.020   0.960   -8.348  1.00 62.25  ? 8   DC  D C5    1 
ATOM   691 C  C6    . DC  D 4 7  ? 1.085   0.758   -7.417  1.00 56.42  ? 8   DC  D C6    1 
ATOM   692 P  P     . DG  D 4 8  ? -2.262  1.282   -2.374  1.00 81.36  ? 9   DG  D P     1 
ATOM   693 O  OP1   . DG  D 4 8  ? -2.875  0.748   -1.136  1.00 72.88  ? 9   DG  D OP1   1 
ATOM   694 O  OP2   . DG  D 4 8  ? -2.926  2.362   -3.132  1.00 73.29  ? 9   DG  D OP2   1 
ATOM   695 O  "O5'" . DG  D 4 8  ? -0.774  1.751   -2.037  1.00 62.88  ? 9   DG  D "O5'" 1 
ATOM   696 C  "C5'" . DG  D 4 8  ? -0.325  1.767   -0.692  1.00 71.38  ? 9   DG  D "C5'" 1 
ATOM   697 C  "C4'" . DG  D 4 8  ? 1.133   2.174   -0.628  1.00 73.91  ? 9   DG  D "C4'" 1 
ATOM   698 O  "O4'" . DG  D 4 8  ? 1.711   2.063   -1.951  1.00 70.27  ? 9   DG  D "O4'" 1 
ATOM   699 C  "C3'" . DG  D 4 8  ? 1.381   3.614   -0.164  1.00 67.21  ? 9   DG  D "C3'" 1 
ATOM   700 O  "O3'" . DG  D 4 8  ? 2.203   3.626   1.012   1.00 66.34  ? 9   DG  D "O3'" 1 
ATOM   701 C  "C2'" . DG  D 4 8  ? 2.084   4.282   -1.356  1.00 74.74  ? 9   DG  D "C2'" 1 
ATOM   702 C  "C1'" . DG  D 4 8  ? 2.640   3.094   -2.132  1.00 61.82  ? 9   DG  D "C1'" 1 
ATOM   703 N  N9    . DG  D 4 8  ? 2.774   3.354   -3.566  1.00 58.19  ? 9   DG  D N9    1 
ATOM   704 C  C8    . DG  D 4 8  ? 1.773   3.704   -4.438  1.00 64.03  ? 9   DG  D C8    1 
ATOM   705 N  N7    . DG  D 4 8  ? 2.184   3.881   -5.662  1.00 62.12  ? 9   DG  D N7    1 
ATOM   706 C  C5    . DG  D 4 8  ? 3.547   3.632   -5.604  1.00 62.36  ? 9   DG  D C5    1 
ATOM   707 C  C6    . DG  D 4 8  ? 4.522   3.667   -6.628  1.00 65.01  ? 9   DG  D C6    1 
ATOM   708 O  O6    . DG  D 4 8  ? 4.365   3.935   -7.828  1.00 69.31  ? 9   DG  D O6    1 
ATOM   709 N  N1    . DG  D 4 8  ? 5.788   3.349   -6.146  1.00 59.98  ? 9   DG  D N1    1 
ATOM   710 C  C2    . DG  D 4 8  ? 6.075   3.036   -4.838  1.00 65.62  ? 9   DG  D C2    1 
ATOM   711 N  N2    . DG  D 4 8  ? 7.359   2.758   -4.562  1.00 71.36  ? 9   DG  D N2    1 
ATOM   712 N  N3    . DG  D 4 8  ? 5.168   3.000   -3.866  1.00 62.59  ? 9   DG  D N3    1 
ATOM   713 C  C4    . DG  D 4 8  ? 3.930   3.307   -4.319  1.00 59.28  ? 9   DG  D C4    1 
ATOM   714 P  P     . DC  D 4 9  ? 1.531   3.738   2.470   1.00 83.47  ? 10  DC  D P     1 
ATOM   715 O  OP1   . DC  D 4 9  ? 2.214   2.777   3.360   1.00 91.57  ? 10  DC  D OP1   1 
ATOM   716 O  OP2   . DC  D 4 9  ? 0.066   3.671   2.284   1.00 71.29  ? 10  DC  D OP2   1 
ATOM   717 O  "O5'" . DC  D 4 9  ? 1.903   5.210   2.979   1.00 91.44  ? 10  DC  D "O5'" 1 
ATOM   718 C  "C5'" . DC  D 4 9  ? 1.431   6.352   2.278   1.00 76.03  ? 10  DC  D "C5'" 1 
ATOM   719 C  "C4'" . DC  D 4 9  ? 0.539   7.216   3.155   1.00 75.83  ? 10  DC  D "C4'" 1 
ATOM   720 O  "O4'" . DC  D 4 9  ? -0.758  7.320   2.540   1.00 68.75  ? 10  DC  D "O4'" 1 
ATOM   721 C  "C3'" . DC  D 4 9  ? 0.287   6.680   4.555   1.00 77.91  ? 10  DC  D "C3'" 1 
ATOM   722 O  "O3'" . DC  D 4 9  ? 1.249   7.220   5.450   1.00 78.75  ? 10  DC  D "O3'" 1 
ATOM   723 C  "C2'" . DC  D 4 9  ? -1.117  7.191   4.889   1.00 73.04  ? 10  DC  D "C2'" 1 
ATOM   724 C  "C1'" . DC  D 4 9  ? -1.765  7.409   3.522   1.00 59.36  ? 10  DC  D "C1'" 1 
ATOM   725 N  N1    . DC  D 4 9  ? -2.838  6.427   3.172   1.00 57.89  ? 10  DC  D N1    1 
ATOM   726 C  C2    . DC  D 4 9  ? -4.123  6.579   3.705   1.00 63.31  ? 10  DC  D C2    1 
ATOM   727 O  O2    . DC  D 4 9  ? -4.346  7.511   4.487   1.00 67.98  ? 10  DC  D O2    1 
ATOM   728 N  N3    . DC  D 4 9  ? -5.085  5.688   3.359   1.00 62.22  ? 10  DC  D N3    1 
ATOM   729 C  C4    . DC  D 4 9  ? -4.803  4.694   2.513   1.00 62.57  ? 10  DC  D C4    1 
ATOM   730 N  N4    . DC  D 4 9  ? -5.783  3.841   2.199   1.00 62.79  ? 10  DC  D N4    1 
ATOM   731 C  C5    . DC  D 4 9  ? -3.504  4.531   1.952   1.00 60.19  ? 10  DC  D C5    1 
ATOM   732 C  C6    . DC  D 4 9  ? -2.564  5.414   2.301   1.00 60.31  ? 10  DC  D C6    1 
ATOM   733 P  P     . DT  D 4 10 ? 1.497   6.542   6.884   1.00 87.55  ? 11  DT  D P     1 
ATOM   734 O  OP1   . DT  D 4 10 ? 2.705   7.175   7.456   1.00 72.85  ? 11  DT  D OP1   1 
ATOM   735 O  OP2   . DT  D 4 10 ? 1.439   5.075   6.699   1.00 77.70  ? 11  DT  D OP2   1 
ATOM   736 O  "O5'" . DT  D 4 10 ? 0.226   6.983   7.751   1.00 63.29  ? 11  DT  D "O5'" 1 
ATOM   737 C  "C5'" . DT  D 4 10 ? 0.047   8.345   8.107   1.00 70.48  ? 11  DT  D "C5'" 1 
ATOM   738 C  "C4'" . DT  D 4 10 ? -1.208  8.522   8.942   1.00 78.53  ? 11  DT  D "C4'" 1 
ATOM   739 O  "O4'" . DT  D 4 10 ? -2.340  7.957   8.233   1.00 74.79  ? 11  DT  D "O4'" 1 
ATOM   740 C  "C3'" . DT  D 4 10 ? -1.174  7.850   10.310  1.00 81.29  ? 11  DT  D "C3'" 1 
ATOM   741 O  "O3'" . DT  D 4 10 ? -1.764  8.699   11.289  1.00 88.83  ? 11  DT  D "O3'" 1 
ATOM   742 C  "C2'" . DT  D 4 10 ? -1.979  6.567   10.105  1.00 80.06  ? 11  DT  D "C2'" 1 
ATOM   743 C  "C1'" . DT  D 4 10 ? -2.962  6.955   9.005   1.00 64.65  ? 11  DT  D "C1'" 1 
ATOM   744 N  N1    . DT  D 4 10 ? -3.306  5.821   8.099   1.00 60.81  ? 11  DT  D N1    1 
ATOM   745 C  C2    . DT  D 4 10 ? -4.606  5.378   8.032   1.00 69.48  ? 11  DT  D C2    1 
ATOM   746 O  O2    . DT  D 4 10 ? -5.512  5.868   8.681   1.00 73.60  ? 11  DT  D O2    1 
ATOM   747 N  N3    . DT  D 4 10 ? -4.811  4.333   7.170   1.00 63.91  ? 11  DT  D N3    1 
ATOM   748 C  C4    . DT  D 4 10 ? -3.863  3.702   6.385   1.00 61.39  ? 11  DT  D C4    1 
ATOM   749 O  O4    . DT  D 4 10 ? -4.141  2.771   5.640   1.00 62.64  ? 11  DT  D O4    1 
ATOM   750 C  C5    . DT  D 4 10 ? -2.520  4.216   6.506   1.00 60.12  ? 11  DT  D C5    1 
ATOM   751 C  C7    . DT  D 4 10 ? -1.407  3.610   5.704   1.00 63.83  ? 11  DT  D C7    1 
ATOM   752 C  C6    . DT  D 4 10 ? -2.309  5.236   7.348   1.00 59.74  ? 11  DT  D C6    1 
ATOM   753 P  P     . DG  D 4 11 ? -1.722  8.291   12.844  1.00 93.59  ? 12  DG  D P     1 
ATOM   754 O  OP1   . DG  D 4 11 ? -1.744  9.534   13.649  1.00 88.53  ? 12  DG  D OP1   1 
ATOM   755 O  OP2   . DG  D 4 11 ? -0.619  7.322   13.019  1.00 87.32  ? 12  DG  D OP2   1 
ATOM   756 O  "O5'" . DG  D 4 11 ? -3.100  7.513   13.063  1.00 80.80  ? 12  DG  D "O5'" 1 
ATOM   757 C  "C5'" . DG  D 4 11 ? -4.302  8.062   12.556  1.00 80.11  ? 12  DG  D "C5'" 1 
ATOM   758 C  "C4'" . DG  D 4 11 ? -5.481  7.157   12.856  1.00 91.59  ? 12  DG  D "C4'" 1 
ATOM   759 O  "O4'" . DG  D 4 11 ? -5.633  6.168   11.804  1.00 86.63  ? 12  DG  D "O4'" 1 
ATOM   760 C  "C3'" . DG  D 4 11 ? -5.388  6.378   14.167  1.00 104.23 ? 12  DG  D "C3'" 1 
ATOM   761 O  "O3'" . DG  D 4 11 ? -6.636  6.465   14.845  1.00 120.98 ? 12  DG  D "O3'" 1 
ATOM   762 C  "C2'" . DG  D 4 11 ? -5.083  4.949   13.700  1.00 97.72  ? 12  DG  D "C2'" 1 
ATOM   763 C  "C1'" . DG  D 4 11 ? -5.833  4.901   12.381  1.00 83.65  ? 12  DG  D "C1'" 1 
ATOM   764 N  N9    . DG  D 4 11 ? -5.339  3.895   11.442  1.00 82.44  ? 12  DG  D N9    1 
ATOM   765 C  C8    . DG  D 4 11 ? -4.040  3.715   11.029  1.00 81.02  ? 12  DG  D C8    1 
ATOM   766 N  N7    . DG  D 4 11 ? -3.896  2.746   10.167  1.00 74.88  ? 12  DG  D N7    1 
ATOM   767 C  C5    . DG  D 4 11 ? -5.185  2.257   9.985   1.00 73.95  ? 12  DG  D C5    1 
ATOM   768 C  C6    . DG  D 4 11 ? -5.649  1.204   9.160   1.00 72.67  ? 12  DG  D C6    1 
ATOM   769 O  O6    . DG  D 4 11 ? -4.992  0.475   8.405   1.00 72.94  ? 12  DG  D O6    1 
ATOM   770 N  N1    . DG  D 4 11 ? -7.027  1.030   9.271   1.00 70.30  ? 12  DG  D N1    1 
ATOM   771 C  C2    . DG  D 4 11 ? -7.848  1.778   10.080  1.00 75.71  ? 12  DG  D C2    1 
ATOM   772 N  N2    . DG  D 4 11 ? -9.151  1.468   10.047  1.00 77.39  ? 12  DG  D N2    1 
ATOM   773 N  N3    . DG  D 4 11 ? -7.426  2.773   10.855  1.00 73.68  ? 12  DG  D N3    1 
ATOM   774 C  C4    . DG  D 4 11 ? -6.086  2.954   10.759  1.00 76.61  ? 12  DG  D C4    1 
ATOM   775 P  P     . DT  D 4 12 ? -6.773  6.060   16.394  1.00 117.64 ? 13  DT  D P     1 
ATOM   776 O  OP1   . DT  D 4 12 ? -7.216  7.265   17.132  1.00 123.26 ? 13  DT  D OP1   1 
ATOM   777 O  OP2   . DT  D 4 12 ? -5.538  5.359   16.808  1.00 117.28 ? 13  DT  D OP2   1 
ATOM   778 O  "O5'" . DT  D 4 12 ? -7.969  5.001   16.386  1.00 111.48 ? 13  DT  D "O5'" 1 
ATOM   779 C  "C5'" . DT  D 4 12 ? -8.189  4.221   15.221  1.00 102.56 ? 13  DT  D "C5'" 1 
ATOM   780 C  "C4'" . DT  D 4 12 ? -9.460  3.409   15.330  1.00 108.58 ? 13  DT  D "C4'" 1 
ATOM   781 O  "O4'" . DT  D 4 12 ? -9.495  2.460   14.234  1.00 107.79 ? 13  DT  D "O4'" 1 
ATOM   782 C  "C3'" . DT  D 4 12 ? -9.564  2.565   16.588  1.00 121.28 ? 13  DT  D "C3'" 1 
ATOM   783 O  "O3'" . DT  D 4 12 ? -10.928 2.291   16.889  1.00 135.66 ? 13  DT  D "O3'" 1 
ATOM   784 C  "C2'" . DT  D 4 12 ? -8.821  1.305   16.182  1.00 114.81 ? 13  DT  D "C2'" 1 
ATOM   785 C  "C1'" . DT  D 4 12 ? -9.230  1.158   14.718  1.00 104.20 ? 13  DT  D "C1'" 1 
ATOM   786 N  N1    . DT  D 4 12 ? -8.162  0.536   13.888  1.00 93.38  ? 13  DT  D N1    1 
ATOM   787 C  C2    . DT  D 4 12 ? -8.499  -0.417  12.955  1.00 91.48  ? 13  DT  D C2    1 
ATOM   788 O  O2    . DT  D 4 12 ? -9.647  -0.769  12.742  1.00 93.22  ? 13  DT  D O2    1 
ATOM   789 N  N3    . DT  D 4 12 ? -7.438  -0.940  12.264  1.00 82.92  ? 13  DT  D N3    1 
ATOM   790 C  C4    . DT  D 4 12 ? -6.100  -0.619  12.417  1.00 83.11  ? 13  DT  D C4    1 
ATOM   791 O  O4    . DT  D 4 12 ? -5.216  -1.144  11.750  1.00 81.17  ? 13  DT  D O4    1 
ATOM   792 C  C5    . DT  D 4 12 ? -5.817  0.381   13.420  1.00 85.31  ? 13  DT  D C5    1 
ATOM   793 C  C7    . DT  D 4 12 ? -4.403  0.810   13.678  1.00 79.14  ? 13  DT  D C7    1 
ATOM   794 C  C6    . DT  D 4 12 ? -6.849  0.900   14.102  1.00 89.85  ? 13  DT  D C6    1 
ATOM   795 P  P     . DC  D 4 13 ? -11.306 1.429   18.192  1.00 151.77 ? 14  DC  D P     1 
ATOM   796 O  OP1   . DC  D 4 13 ? -12.725 1.688   18.521  1.00 147.90 ? 14  DC  D OP1   1 
ATOM   797 O  OP2   . DC  D 4 13 ? -10.258 1.681   19.205  1.00 142.99 ? 14  DC  D OP2   1 
ATOM   798 O  "O5'" . DC  D 4 13 ? -11.154 -0.088  17.706  1.00 129.22 ? 14  DC  D "O5'" 1 
ATOM   799 C  "C5'" . DC  D 4 13 ? -12.177 -1.031  17.980  1.00 131.32 ? 14  DC  D "C5'" 1 
ATOM   800 C  "C4'" . DC  D 4 13 ? -12.258 -2.065  16.872  1.00 133.90 ? 14  DC  D "C4'" 1 
ATOM   801 O  "O4'" . DC  D 4 13 ? -11.232 -1.805  15.893  1.00 122.88 ? 14  DC  D "O4'" 1 
ATOM   802 C  "C3'" . DC  D 4 13 ? -12.006 -3.494  17.312  1.00 140.00 ? 14  DC  D "C3'" 1 
ATOM   803 O  "O3'" . DC  D 4 13 ? -13.211 -4.068  17.800  1.00 147.24 ? 14  DC  D "O3'" 1 
ATOM   804 C  "C2'" . DC  D 4 13 ? -11.550 -4.165  16.014  1.00 127.18 ? 14  DC  D "C2'" 1 
ATOM   805 C  "C1'" . DC  D 4 13 ? -10.896 -3.013  15.233  1.00 119.69 ? 14  DC  D "C1'" 1 
ATOM   806 N  N1    . DC  D 4 13 ? -9.404  -3.111  15.137  1.00 106.07 ? 14  DC  D N1    1 
ATOM   807 C  C2    . DC  D 4 13 ? -8.820  -4.042  14.267  1.00 96.22  ? 14  DC  D C2    1 
ATOM   808 O  O2    . DC  D 4 13 ? -9.549  -4.780  13.594  1.00 89.27  ? 14  DC  D O2    1 
ATOM   809 N  N3    . DC  D 4 13 ? -7.467  -4.110  14.190  1.00 89.75  ? 14  DC  D N3    1 
ATOM   810 C  C4    . DC  D 4 13 ? -6.714  -3.297  14.934  1.00 93.32  ? 14  DC  D C4    1 
ATOM   811 N  N4    . DC  D 4 13 ? -5.385  -3.400  14.825  1.00 92.60  ? 14  DC  D N4    1 
ATOM   812 C  C5    . DC  D 4 13 ? -7.290  -2.341  15.821  1.00 95.28  ? 14  DC  D C5    1 
ATOM   813 C  C6    . DC  D 4 13 ? -8.625  -2.283  15.890  1.00 102.16 ? 14  DC  D C6    1 
ATOM   814 P  P     . DG  D 4 14 ? -13.186 -5.492  18.545  1.00 154.43 ? 15  DG  D P     1 
ATOM   815 O  OP1   . DG  D 4 14 ? -14.311 -5.511  19.506  1.00 172.29 ? 15  DG  D OP1   1 
ATOM   816 O  OP2   . DG  D 4 14 ? -11.805 -5.727  19.020  1.00 141.00 ? 15  DG  D OP2   1 
ATOM   817 O  "O5'" . DG  D 4 14 ? -13.513 -6.543  17.383  1.00 143.50 ? 15  DG  D "O5'" 1 
ATOM   818 C  "C5'" . DG  D 4 14 ? -13.344 -7.935  17.618  1.00 141.97 ? 15  DG  D "C5'" 1 
ATOM   819 C  "C4'" . DG  D 4 14 ? -12.477 -8.554  16.539  1.00 136.66 ? 15  DG  D "C4'" 1 
ATOM   820 O  "O4'" . DG  D 4 14 ? -11.528 -7.577  16.077  1.00 124.74 ? 15  DG  D "O4'" 1 
ATOM   821 C  "C3'" . DG  D 4 14 ? -11.624 -9.725  16.993  1.00 133.51 ? 15  DG  D "C3'" 1 
ATOM   822 O  "O3'" . DG  D 4 14 ? -12.364 -10.978 16.917  1.00 143.44 ? 15  DG  D "O3'" 1 
ATOM   823 C  "C2'" . DG  D 4 14 ? -10.430 -9.687  16.035  1.00 119.84 ? 15  DG  D "C2'" 1 
ATOM   824 C  "C1'" . DG  D 4 14 ? -10.401 -8.239  15.542  1.00 115.34 ? 15  DG  D "C1'" 1 
ATOM   825 N  N9    . DG  D 4 14 ? -9.201  -7.499  15.927  1.00 106.05 ? 15  DG  D N9    1 
ATOM   826 C  C8    . DG  D 4 14 ? -9.111  -6.512  16.877  1.00 108.31 ? 15  DG  D C8    1 
ATOM   827 N  N7    . DG  D 4 14 ? -7.911  -6.015  16.997  1.00 100.13 ? 15  DG  D N7    1 
ATOM   828 C  C5    . DG  D 4 14 ? -7.157  -6.714  16.063  1.00 96.90  ? 15  DG  D C5    1 
ATOM   829 C  C6    . DG  D 4 14 ? -5.783  -6.610  15.736  1.00 91.60  ? 15  DG  D C6    1 
ATOM   830 O  O6    . DG  D 4 14 ? -4.937  -5.852  16.225  1.00 85.06  ? 15  DG  D O6    1 
ATOM   831 N  N1    . DG  D 4 14 ? -5.420  -7.504  14.730  1.00 87.84  ? 15  DG  D N1    1 
ATOM   832 C  C2    . DG  D 4 14 ? -6.279  -8.388  14.119  1.00 94.01  ? 15  DG  D C2    1 
ATOM   833 N  N2    . DG  D 4 14 ? -5.750  -9.174  13.170  1.00 92.15  ? 15  DG  D N2    1 
ATOM   834 N  N3    . DG  D 4 14 ? -7.568  -8.495  14.418  1.00 91.06  ? 15  DG  D N3    1 
ATOM   835 C  C4    . DG  D 4 14 ? -7.936  -7.630  15.394  1.00 98.90  ? 15  DG  D C4    1 
ATOM   836 P  P     . DT  D 4 15 ? -12.776 -11.663 15.513  1.00 154.41 ? 16  DT  D P     1 
ATOM   837 O  OP1   . DT  D 4 15 ? -13.367 -10.663 14.599  1.00 179.56 ? 16  DT  D OP1   1 
ATOM   838 O  OP2   . DT  D 4 15 ? -13.565 -12.862 15.861  1.00 155.75 ? 16  DT  D OP2   1 
ATOM   839 O  "O5'" . DT  D 4 15 ? -11.402 -12.189 14.887  1.00 139.30 ? 16  DT  D "O5'" 1 
ATOM   840 C  "C5'" . DT  D 4 15 ? -10.656 -13.200 15.547  1.00 133.14 ? 16  DT  D "C5'" 1 
ATOM   841 C  "C4'" . DT  D 4 15 ? -9.313  -13.405 14.868  1.00 125.25 ? 16  DT  D "C4'" 1 
ATOM   842 O  "O4'" . DT  D 4 15 ? -8.497  -12.210 15.028  1.00 115.28 ? 16  DT  D "O4'" 1 
ATOM   843 C  "C3'" . DT  D 4 15 ? -8.484  -14.556 15.428  1.00 120.61 ? 16  DT  D "C3'" 1 
ATOM   844 O  "O3'" . DT  D 4 15 ? -7.772  -15.197 14.380  1.00 119.36 ? 16  DT  D "O3'" 1 
ATOM   845 C  "C2'" . DT  D 4 15 ? -7.540  -13.846 16.388  1.00 113.88 ? 16  DT  D "C2'" 1 
ATOM   846 C  "C1'" . DT  D 4 15 ? -7.268  -12.558 15.630  1.00 106.65 ? 16  DT  D "C1'" 1 
ATOM   847 N  N1    . DT  D 4 15 ? -6.822  -11.426 16.503  1.00 102.49 ? 16  DT  D N1    1 
ATOM   848 C  C2    . DT  D 4 15 ? -5.545  -10.931 16.365  1.00 100.53 ? 16  DT  D C2    1 
ATOM   849 O  O2    . DT  D 4 15 ? -4.744  -11.368 15.558  1.00 101.41 ? 16  DT  D O2    1 
ATOM   850 N  N3    . DT  D 4 15 ? -5.239  -9.898  17.210  1.00 96.07  ? 16  DT  D N3    1 
ATOM   851 C  C4    . DT  D 4 15 ? -6.063  -9.322  18.161  1.00 96.35  ? 16  DT  D C4    1 
ATOM   852 O  O4    . DT  D 4 15 ? -5.695  -8.395  18.874  1.00 92.86  ? 16  DT  D O4    1 
ATOM   853 C  C5    . DT  D 4 15 ? -7.386  -9.888  18.253  1.00 98.18  ? 16  DT  D C5    1 
ATOM   854 C  C7    . DT  D 4 15 ? -8.371  -9.347  19.247  1.00 100.76 ? 16  DT  D C7    1 
ATOM   855 C  C6    . DT  D 4 15 ? -7.697  -10.899 17.430  1.00 101.19 ? 16  DT  D C6    1 
HETATM 856 AS AS    . CAC E 5 .  ? 7.080   14.379  -3.019  1.00 253.18 ? 101 CAC C AS    1 
HETATM 857 AS AS    . CAC F 5 .  ? 1.990   6.549   -9.531  1.00 208.75 ? 102 CAC C AS    1 
# 
loop_
_pdbx_poly_seq_scheme.asym_id 
_pdbx_poly_seq_scheme.entity_id 
_pdbx_poly_seq_scheme.seq_id 
_pdbx_poly_seq_scheme.mon_id 
_pdbx_poly_seq_scheme.ndb_seq_num 
_pdbx_poly_seq_scheme.pdb_seq_num 
_pdbx_poly_seq_scheme.auth_seq_num 
_pdbx_poly_seq_scheme.pdb_mon_id 
_pdbx_poly_seq_scheme.auth_mon_id 
_pdbx_poly_seq_scheme.pdb_strand_id 
_pdbx_poly_seq_scheme.pdb_ins_code 
_pdbx_poly_seq_scheme.hetero 
A 1 1  DG 1  1  1  DG DG A . n 
A 1 2  DA 2  2  2  DA DA A . n 
A 1 3  DA 3  3  3  DA DA A . n 
A 1 4  DC 4  4  4  DC DC A . n 
A 1 5  DG 5  5  5  DG DG A . n 
A 1 6  DA 6  6  6  DA DA A . n 
A 1 7  DC 7  7  7  DC DC A . n 
A 1 8  DA 8  8  8  DA DA A . n 
A 1 9  DG 9  9  9  DG DG A . n 
A 1 10 DA 10 10 10 DA DA A . n 
A 1 11 DG 11 11 11 DG DG A . n 
A 1 12 DA 12 12 12 DA DA A . n 
B 2 1  DC 1  12 12 DC DC B . n 
B 2 2  DG 2  13 13 DG DG B . n 
B 2 3  DC 3  14 14 DC DC B . n 
B 2 4  DC 4  15 15 DC DC B . n 
B 2 5  DG 5  16 16 DG DG B . n 
B 2 6  DA 6  17 17 DA DA B . n 
B 2 7  DC 7  18 18 DC DC B . n 
B 2 8  DT 8  19 19 DT DT B . n 
B 2 9  DC 9  20 20 DC DC B . n 
C 3 1  DT 1  0  0  DT DT C . n 
C 3 2  DC 2  1  1  DC DC C . n 
C 3 3  DT 3  2  2  DT DT C . n 
C 3 4  DG 4  3  3  DG DG C . n 
C 3 5  DC 5  4  4  DC DC C . n 
C 3 6  DG 6  5  5  DG DG C . n 
D 4 1  DT 1  2  2  DT DT D . n 
D 4 2  DC 2  3  3  DC DC D . n 
D 4 3  DG 3  4  4  DG DG D . n 
D 4 4  DA 4  5  5  DA DA D . n 
D 4 5  DG 5  6  6  DG DG D . n 
D 4 6  DT 6  7  7  DT DT D . n 
D 4 7  DC 7  8  8  DC DC D . n 
D 4 8  DG 8  9  9  DG DG D . n 
D 4 9  DC 9  10 10 DC DC D . n 
D 4 10 DT 10 11 11 DT DT D . n 
D 4 11 DG 11 12 12 DG DG D . n 
D 4 12 DT 12 13 13 DT DT D . n 
D 4 13 DC 13 14 14 DC DC D . n 
D 4 14 DG 14 15 15 DG DG D . n 
D 4 15 DT 15 16 16 DT DT D . n 
# 
loop_
_pdbx_nonpoly_scheme.asym_id 
_pdbx_nonpoly_scheme.entity_id 
_pdbx_nonpoly_scheme.mon_id 
_pdbx_nonpoly_scheme.ndb_seq_num 
_pdbx_nonpoly_scheme.pdb_seq_num 
_pdbx_nonpoly_scheme.auth_seq_num 
_pdbx_nonpoly_scheme.pdb_mon_id 
_pdbx_nonpoly_scheme.auth_mon_id 
_pdbx_nonpoly_scheme.pdb_strand_id 
_pdbx_nonpoly_scheme.pdb_ins_code 
E 5 CAC 1 101 1 CAC AS C . 
F 5 CAC 1 102 2 CAC AS C . 
# 
_pdbx_struct_assembly.id                   1 
_pdbx_struct_assembly.details              author_and_software_defined_assembly 
_pdbx_struct_assembly.method_details       PISA 
_pdbx_struct_assembly.oligomeric_details   tetrameric 
_pdbx_struct_assembly.oligomeric_count     4 
# 
_pdbx_struct_assembly_gen.assembly_id       1 
_pdbx_struct_assembly_gen.oper_expression   1 
_pdbx_struct_assembly_gen.asym_id_list      A,B,C,D,E,F 
# 
loop_
_pdbx_struct_assembly_prop.biol_id 
_pdbx_struct_assembly_prop.type 
_pdbx_struct_assembly_prop.value 
_pdbx_struct_assembly_prop.details 
1 'ABSA (A^2)' 2650 ? 
1 MORE         -18  ? 
1 'SSA (A^2)'  7870 ? 
# 
_pdbx_struct_oper_list.id                   1 
_pdbx_struct_oper_list.type                 'identity operation' 
_pdbx_struct_oper_list.name                 1_555 
_pdbx_struct_oper_list.symmetry_operation   x,y,z 
_pdbx_struct_oper_list.matrix[1][1]         1.0000000000 
_pdbx_struct_oper_list.matrix[1][2]         0.0000000000 
_pdbx_struct_oper_list.matrix[1][3]         0.0000000000 
_pdbx_struct_oper_list.vector[1]            0.0000000000 
_pdbx_struct_oper_list.matrix[2][1]         0.0000000000 
_pdbx_struct_oper_list.matrix[2][2]         1.0000000000 
_pdbx_struct_oper_list.matrix[2][3]         0.0000000000 
_pdbx_struct_oper_list.vector[2]            0.0000000000 
_pdbx_struct_oper_list.matrix[3][1]         0.0000000000 
_pdbx_struct_oper_list.matrix[3][2]         0.0000000000 
_pdbx_struct_oper_list.matrix[3][3]         1.0000000000 
_pdbx_struct_oper_list.vector[3]            0.0000000000 
# 
loop_
_pdbx_audit_revision_history.ordinal 
_pdbx_audit_revision_history.data_content_type 
_pdbx_audit_revision_history.major_revision 
_pdbx_audit_revision_history.minor_revision 
_pdbx_audit_revision_history.revision_date 
1 'Structure model' 1 0 2021-07-14 
2 'Structure model' 1 1 2022-07-06 
3 'Structure model' 1 2 2023-10-18 
# 
_pdbx_audit_revision_details.ordinal             1 
_pdbx_audit_revision_details.revision_ordinal    1 
_pdbx_audit_revision_details.data_content_type   'Structure model' 
_pdbx_audit_revision_details.provider            repository 
_pdbx_audit_revision_details.type                'Initial release' 
_pdbx_audit_revision_details.description         ? 
_pdbx_audit_revision_details.details             ? 
# 
loop_
_pdbx_audit_revision_group.ordinal 
_pdbx_audit_revision_group.revision_ordinal 
_pdbx_audit_revision_group.data_content_type 
_pdbx_audit_revision_group.group 
1 2 'Structure model' 'Database references'    
2 3 'Structure model' 'Data collection'        
3 3 'Structure model' 'Refinement description' 
# 
loop_
_pdbx_audit_revision_category.ordinal 
_pdbx_audit_revision_category.revision_ordinal 
_pdbx_audit_revision_category.data_content_type 
_pdbx_audit_revision_category.category 
1 2 'Structure model' citation                      
2 2 'Structure model' citation_author               
3 2 'Structure model' database_2                    
4 3 'Structure model' chem_comp_atom                
5 3 'Structure model' chem_comp_bond                
6 3 'Structure model' pdbx_initial_refinement_model 
# 
loop_
_pdbx_audit_revision_item.ordinal 
_pdbx_audit_revision_item.revision_ordinal 
_pdbx_audit_revision_item.data_content_type 
_pdbx_audit_revision_item.item 
1  2 'Structure model' '_citation.country'                   
2  2 'Structure model' '_citation.journal_abbrev'            
3  2 'Structure model' '_citation.journal_id_CSD'            
4  2 'Structure model' '_citation.journal_id_ISSN'           
5  2 'Structure model' '_citation.journal_volume'            
6  2 'Structure model' '_citation.page_first'                
7  2 'Structure model' '_citation.page_last'                 
8  2 'Structure model' '_citation.pdbx_database_id_DOI'      
9  2 'Structure model' '_citation.pdbx_database_id_PubMed'   
10 2 'Structure model' '_citation.title'                     
11 2 'Structure model' '_citation.year'                      
12 2 'Structure model' '_database_2.pdbx_DOI'                
13 2 'Structure model' '_database_2.pdbx_database_accession' 
# 
loop_
_software.citation_id 
_software.classification 
_software.compiler_name 
_software.compiler_version 
_software.contact_author 
_software.contact_author_email 
_software.date 
_software.description 
_software.dependencies 
_software.hardware 
_software.language 
_software.location 
_software.mods 
_software.name 
_software.os 
_software.os_version 
_software.type 
_software.version 
_software.pdbx_ordinal 
? 'data reduction'  ? ? ? ? ? ? ? ? ? ? ? HKL-2000    ? ? ? .           1 
? 'data scaling'    ? ? ? ? ? ? ? ? ? ? ? HKL-2000    ? ? ? .           2 
? refinement        ? ? ? ? ? ? ? ? ? ? ? PHENIX      ? ? ? 1.11.1_2575 3 
? 'data extraction' ? ? ? ? ? ? ? ? ? ? ? PDB_EXTRACT ? ? ? 3.25        4 
? phasing           ? ? ? ? ? ? ? ? ? ? ? PHASER      ? ? ? .           5 
# 
_pdbx_entry_details.entry_id                 7JJ4 
_pdbx_entry_details.has_ligand_of_interest   N 
_pdbx_entry_details.compound_details         ? 
_pdbx_entry_details.source_details           ? 
_pdbx_entry_details.nonpolymer_details       ? 
_pdbx_entry_details.sequence_details         ? 
# 
_pdbx_validate_rmsd_angle.id                         1 
_pdbx_validate_rmsd_angle.PDB_model_num              1 
_pdbx_validate_rmsd_angle.auth_atom_id_1             "O4'" 
_pdbx_validate_rmsd_angle.auth_asym_id_1             A 
_pdbx_validate_rmsd_angle.auth_comp_id_1             DG 
_pdbx_validate_rmsd_angle.auth_seq_id_1              11 
_pdbx_validate_rmsd_angle.PDB_ins_code_1             ? 
_pdbx_validate_rmsd_angle.label_alt_id_1             ? 
_pdbx_validate_rmsd_angle.auth_atom_id_2             "C1'" 
_pdbx_validate_rmsd_angle.auth_asym_id_2             A 
_pdbx_validate_rmsd_angle.auth_comp_id_2             DG 
_pdbx_validate_rmsd_angle.auth_seq_id_2              11 
_pdbx_validate_rmsd_angle.PDB_ins_code_2             ? 
_pdbx_validate_rmsd_angle.label_alt_id_2             ? 
_pdbx_validate_rmsd_angle.auth_atom_id_3             N9 
_pdbx_validate_rmsd_angle.auth_asym_id_3             A 
_pdbx_validate_rmsd_angle.auth_comp_id_3             DG 
_pdbx_validate_rmsd_angle.auth_seq_id_3              11 
_pdbx_validate_rmsd_angle.PDB_ins_code_3             ? 
_pdbx_validate_rmsd_angle.label_alt_id_3             ? 
_pdbx_validate_rmsd_angle.angle_value                110.17 
_pdbx_validate_rmsd_angle.angle_target_value         108.30 
_pdbx_validate_rmsd_angle.angle_deviation            1.87 
_pdbx_validate_rmsd_angle.angle_standard_deviation   0.30 
_pdbx_validate_rmsd_angle.linker_flag                N 
# 
loop_
_pdbx_unobs_or_zero_occ_atoms.id 
_pdbx_unobs_or_zero_occ_atoms.PDB_model_num 
_pdbx_unobs_or_zero_occ_atoms.polymer_flag 
_pdbx_unobs_or_zero_occ_atoms.occupancy_flag 
_pdbx_unobs_or_zero_occ_atoms.auth_asym_id 
_pdbx_unobs_or_zero_occ_atoms.auth_comp_id 
_pdbx_unobs_or_zero_occ_atoms.auth_seq_id 
_pdbx_unobs_or_zero_occ_atoms.PDB_ins_code 
_pdbx_unobs_or_zero_occ_atoms.auth_atom_id 
_pdbx_unobs_or_zero_occ_atoms.label_alt_id 
_pdbx_unobs_or_zero_occ_atoms.label_asym_id 
_pdbx_unobs_or_zero_occ_atoms.label_comp_id 
_pdbx_unobs_or_zero_occ_atoms.label_seq_id 
_pdbx_unobs_or_zero_occ_atoms.label_atom_id 
1 1 N 1 C CAC 101 ? O1 ? E CAC 1 O1 
2 1 N 1 C CAC 101 ? O2 ? E CAC 1 O2 
3 1 N 1 C CAC 101 ? C1 ? E CAC 1 C1 
4 1 N 1 C CAC 101 ? C2 ? E CAC 1 C2 
5 1 N 1 C CAC 102 ? O1 ? F CAC 1 O1 
6 1 N 1 C CAC 102 ? O2 ? F CAC 1 O2 
7 1 N 1 C CAC 102 ? C1 ? F CAC 1 C1 
8 1 N 1 C CAC 102 ? C2 ? F CAC 1 C2 
# 
loop_
_chem_comp_atom.comp_id 
_chem_comp_atom.atom_id 
_chem_comp_atom.type_symbol 
_chem_comp_atom.pdbx_aromatic_flag 
_chem_comp_atom.pdbx_stereo_config 
_chem_comp_atom.pdbx_ordinal 
CAC AS     AS N N 1   
CAC O1     O  N N 2   
CAC O2     O  N N 3   
CAC C1     C  N N 4   
CAC C2     C  N N 5   
CAC H11    H  N N 6   
CAC H12    H  N N 7   
CAC H13    H  N N 8   
CAC H21    H  N N 9   
CAC H22    H  N N 10  
CAC H23    H  N N 11  
DA  OP3    O  N N 12  
DA  P      P  N N 13  
DA  OP1    O  N N 14  
DA  OP2    O  N N 15  
DA  "O5'"  O  N N 16  
DA  "C5'"  C  N N 17  
DA  "C4'"  C  N R 18  
DA  "O4'"  O  N N 19  
DA  "C3'"  C  N S 20  
DA  "O3'"  O  N N 21  
DA  "C2'"  C  N N 22  
DA  "C1'"  C  N R 23  
DA  N9     N  Y N 24  
DA  C8     C  Y N 25  
DA  N7     N  Y N 26  
DA  C5     C  Y N 27  
DA  C6     C  Y N 28  
DA  N6     N  N N 29  
DA  N1     N  Y N 30  
DA  C2     C  Y N 31  
DA  N3     N  Y N 32  
DA  C4     C  Y N 33  
DA  HOP3   H  N N 34  
DA  HOP2   H  N N 35  
DA  "H5'"  H  N N 36  
DA  "H5''" H  N N 37  
DA  "H4'"  H  N N 38  
DA  "H3'"  H  N N 39  
DA  "HO3'" H  N N 40  
DA  "H2'"  H  N N 41  
DA  "H2''" H  N N 42  
DA  "H1'"  H  N N 43  
DA  H8     H  N N 44  
DA  H61    H  N N 45  
DA  H62    H  N N 46  
DA  H2     H  N N 47  
DC  OP3    O  N N 48  
DC  P      P  N N 49  
DC  OP1    O  N N 50  
DC  OP2    O  N N 51  
DC  "O5'"  O  N N 52  
DC  "C5'"  C  N N 53  
DC  "C4'"  C  N R 54  
DC  "O4'"  O  N N 55  
DC  "C3'"  C  N S 56  
DC  "O3'"  O  N N 57  
DC  "C2'"  C  N N 58  
DC  "C1'"  C  N R 59  
DC  N1     N  N N 60  
DC  C2     C  N N 61  
DC  O2     O  N N 62  
DC  N3     N  N N 63  
DC  C4     C  N N 64  
DC  N4     N  N N 65  
DC  C5     C  N N 66  
DC  C6     C  N N 67  
DC  HOP3   H  N N 68  
DC  HOP2   H  N N 69  
DC  "H5'"  H  N N 70  
DC  "H5''" H  N N 71  
DC  "H4'"  H  N N 72  
DC  "H3'"  H  N N 73  
DC  "HO3'" H  N N 74  
DC  "H2'"  H  N N 75  
DC  "H2''" H  N N 76  
DC  "H1'"  H  N N 77  
DC  H41    H  N N 78  
DC  H42    H  N N 79  
DC  H5     H  N N 80  
DC  H6     H  N N 81  
DG  OP3    O  N N 82  
DG  P      P  N N 83  
DG  OP1    O  N N 84  
DG  OP2    O  N N 85  
DG  "O5'"  O  N N 86  
DG  "C5'"  C  N N 87  
DG  "C4'"  C  N R 88  
DG  "O4'"  O  N N 89  
DG  "C3'"  C  N S 90  
DG  "O3'"  O  N N 91  
DG  "C2'"  C  N N 92  
DG  "C1'"  C  N R 93  
DG  N9     N  Y N 94  
DG  C8     C  Y N 95  
DG  N7     N  Y N 96  
DG  C5     C  Y N 97  
DG  C6     C  N N 98  
DG  O6     O  N N 99  
DG  N1     N  N N 100 
DG  C2     C  N N 101 
DG  N2     N  N N 102 
DG  N3     N  N N 103 
DG  C4     C  Y N 104 
DG  HOP3   H  N N 105 
DG  HOP2   H  N N 106 
DG  "H5'"  H  N N 107 
DG  "H5''" H  N N 108 
DG  "H4'"  H  N N 109 
DG  "H3'"  H  N N 110 
DG  "HO3'" H  N N 111 
DG  "H2'"  H  N N 112 
DG  "H2''" H  N N 113 
DG  "H1'"  H  N N 114 
DG  H8     H  N N 115 
DG  H1     H  N N 116 
DG  H21    H  N N 117 
DG  H22    H  N N 118 
DT  OP3    O  N N 119 
DT  P      P  N N 120 
DT  OP1    O  N N 121 
DT  OP2    O  N N 122 
DT  "O5'"  O  N N 123 
DT  "C5'"  C  N N 124 
DT  "C4'"  C  N R 125 
DT  "O4'"  O  N N 126 
DT  "C3'"  C  N S 127 
DT  "O3'"  O  N N 128 
DT  "C2'"  C  N N 129 
DT  "C1'"  C  N R 130 
DT  N1     N  N N 131 
DT  C2     C  N N 132 
DT  O2     O  N N 133 
DT  N3     N  N N 134 
DT  C4     C  N N 135 
DT  O4     O  N N 136 
DT  C5     C  N N 137 
DT  C7     C  N N 138 
DT  C6     C  N N 139 
DT  HOP3   H  N N 140 
DT  HOP2   H  N N 141 
DT  "H5'"  H  N N 142 
DT  "H5''" H  N N 143 
DT  "H4'"  H  N N 144 
DT  "H3'"  H  N N 145 
DT  "HO3'" H  N N 146 
DT  "H2'"  H  N N 147 
DT  "H2''" H  N N 148 
DT  "H1'"  H  N N 149 
DT  H3     H  N N 150 
DT  H71    H  N N 151 
DT  H72    H  N N 152 
DT  H73    H  N N 153 
DT  H6     H  N N 154 
# 
loop_
_chem_comp_bond.comp_id 
_chem_comp_bond.atom_id_1 
_chem_comp_bond.atom_id_2 
_chem_comp_bond.value_order 
_chem_comp_bond.pdbx_aromatic_flag 
_chem_comp_bond.pdbx_stereo_config 
_chem_comp_bond.pdbx_ordinal 
CAC AS    O1     doub N N 1   
CAC AS    O2     sing N N 2   
CAC AS    C1     sing N N 3   
CAC AS    C2     sing N N 4   
CAC C1    H11    sing N N 5   
CAC C1    H12    sing N N 6   
CAC C1    H13    sing N N 7   
CAC C2    H21    sing N N 8   
CAC C2    H22    sing N N 9   
CAC C2    H23    sing N N 10  
DA  OP3   P      sing N N 11  
DA  OP3   HOP3   sing N N 12  
DA  P     OP1    doub N N 13  
DA  P     OP2    sing N N 14  
DA  P     "O5'"  sing N N 15  
DA  OP2   HOP2   sing N N 16  
DA  "O5'" "C5'"  sing N N 17  
DA  "C5'" "C4'"  sing N N 18  
DA  "C5'" "H5'"  sing N N 19  
DA  "C5'" "H5''" sing N N 20  
DA  "C4'" "O4'"  sing N N 21  
DA  "C4'" "C3'"  sing N N 22  
DA  "C4'" "H4'"  sing N N 23  
DA  "O4'" "C1'"  sing N N 24  
DA  "C3'" "O3'"  sing N N 25  
DA  "C3'" "C2'"  sing N N 26  
DA  "C3'" "H3'"  sing N N 27  
DA  "O3'" "HO3'" sing N N 28  
DA  "C2'" "C1'"  sing N N 29  
DA  "C2'" "H2'"  sing N N 30  
DA  "C2'" "H2''" sing N N 31  
DA  "C1'" N9     sing N N 32  
DA  "C1'" "H1'"  sing N N 33  
DA  N9    C8     sing Y N 34  
DA  N9    C4     sing Y N 35  
DA  C8    N7     doub Y N 36  
DA  C8    H8     sing N N 37  
DA  N7    C5     sing Y N 38  
DA  C5    C6     sing Y N 39  
DA  C5    C4     doub Y N 40  
DA  C6    N6     sing N N 41  
DA  C6    N1     doub Y N 42  
DA  N6    H61    sing N N 43  
DA  N6    H62    sing N N 44  
DA  N1    C2     sing Y N 45  
DA  C2    N3     doub Y N 46  
DA  C2    H2     sing N N 47  
DA  N3    C4     sing Y N 48  
DC  OP3   P      sing N N 49  
DC  OP3   HOP3   sing N N 50  
DC  P     OP1    doub N N 51  
DC  P     OP2    sing N N 52  
DC  P     "O5'"  sing N N 53  
DC  OP2   HOP2   sing N N 54  
DC  "O5'" "C5'"  sing N N 55  
DC  "C5'" "C4'"  sing N N 56  
DC  "C5'" "H5'"  sing N N 57  
DC  "C5'" "H5''" sing N N 58  
DC  "C4'" "O4'"  sing N N 59  
DC  "C4'" "C3'"  sing N N 60  
DC  "C4'" "H4'"  sing N N 61  
DC  "O4'" "C1'"  sing N N 62  
DC  "C3'" "O3'"  sing N N 63  
DC  "C3'" "C2'"  sing N N 64  
DC  "C3'" "H3'"  sing N N 65  
DC  "O3'" "HO3'" sing N N 66  
DC  "C2'" "C1'"  sing N N 67  
DC  "C2'" "H2'"  sing N N 68  
DC  "C2'" "H2''" sing N N 69  
DC  "C1'" N1     sing N N 70  
DC  "C1'" "H1'"  sing N N 71  
DC  N1    C2     sing N N 72  
DC  N1    C6     sing N N 73  
DC  C2    O2     doub N N 74  
DC  C2    N3     sing N N 75  
DC  N3    C4     doub N N 76  
DC  C4    N4     sing N N 77  
DC  C4    C5     sing N N 78  
DC  N4    H41    sing N N 79  
DC  N4    H42    sing N N 80  
DC  C5    C6     doub N N 81  
DC  C5    H5     sing N N 82  
DC  C6    H6     sing N N 83  
DG  OP3   P      sing N N 84  
DG  OP3   HOP3   sing N N 85  
DG  P     OP1    doub N N 86  
DG  P     OP2    sing N N 87  
DG  P     "O5'"  sing N N 88  
DG  OP2   HOP2   sing N N 89  
DG  "O5'" "C5'"  sing N N 90  
DG  "C5'" "C4'"  sing N N 91  
DG  "C5'" "H5'"  sing N N 92  
DG  "C5'" "H5''" sing N N 93  
DG  "C4'" "O4'"  sing N N 94  
DG  "C4'" "C3'"  sing N N 95  
DG  "C4'" "H4'"  sing N N 96  
DG  "O4'" "C1'"  sing N N 97  
DG  "C3'" "O3'"  sing N N 98  
DG  "C3'" "C2'"  sing N N 99  
DG  "C3'" "H3'"  sing N N 100 
DG  "O3'" "HO3'" sing N N 101 
DG  "C2'" "C1'"  sing N N 102 
DG  "C2'" "H2'"  sing N N 103 
DG  "C2'" "H2''" sing N N 104 
DG  "C1'" N9     sing N N 105 
DG  "C1'" "H1'"  sing N N 106 
DG  N9    C8     sing Y N 107 
DG  N9    C4     sing Y N 108 
DG  C8    N7     doub Y N 109 
DG  C8    H8     sing N N 110 
DG  N7    C5     sing Y N 111 
DG  C5    C6     sing N N 112 
DG  C5    C4     doub Y N 113 
DG  C6    O6     doub N N 114 
DG  C6    N1     sing N N 115 
DG  N1    C2     sing N N 116 
DG  N1    H1     sing N N 117 
DG  C2    N2     sing N N 118 
DG  C2    N3     doub N N 119 
DG  N2    H21    sing N N 120 
DG  N2    H22    sing N N 121 
DG  N3    C4     sing N N 122 
DT  OP3   P      sing N N 123 
DT  OP3   HOP3   sing N N 124 
DT  P     OP1    doub N N 125 
DT  P     OP2    sing N N 126 
DT  P     "O5'"  sing N N 127 
DT  OP2   HOP2   sing N N 128 
DT  "O5'" "C5'"  sing N N 129 
DT  "C5'" "C4'"  sing N N 130 
DT  "C5'" "H5'"  sing N N 131 
DT  "C5'" "H5''" sing N N 132 
DT  "C4'" "O4'"  sing N N 133 
DT  "C4'" "C3'"  sing N N 134 
DT  "C4'" "H4'"  sing N N 135 
DT  "O4'" "C1'"  sing N N 136 
DT  "C3'" "O3'"  sing N N 137 
DT  "C3'" "C2'"  sing N N 138 
DT  "C3'" "H3'"  sing N N 139 
DT  "O3'" "HO3'" sing N N 140 
DT  "C2'" "C1'"  sing N N 141 
DT  "C2'" "H2'"  sing N N 142 
DT  "C2'" "H2''" sing N N 143 
DT  "C1'" N1     sing N N 144 
DT  "C1'" "H1'"  sing N N 145 
DT  N1    C2     sing N N 146 
DT  N1    C6     sing N N 147 
DT  C2    O2     doub N N 148 
DT  C2    N3     sing N N 149 
DT  N3    C4     sing N N 150 
DT  N3    H3     sing N N 151 
DT  C4    O4     doub N N 152 
DT  C4    C5     sing N N 153 
DT  C5    C7     sing N N 154 
DT  C5    C6     doub N N 155 
DT  C7    H71    sing N N 156 
DT  C7    H72    sing N N 157 
DT  C7    H73    sing N N 158 
DT  C6    H6     sing N N 159 
# 
loop_
_ndb_struct_conf_na.entry_id 
_ndb_struct_conf_na.feature 
7JJ4 'double helix'        
7JJ4 'a-form double helix' 
7JJ4 'b-form double helix' 
# 
loop_
_ndb_struct_na_base_pair.model_number 
_ndb_struct_na_base_pair.i_label_asym_id 
_ndb_struct_na_base_pair.i_label_comp_id 
_ndb_struct_na_base_pair.i_label_seq_id 
_ndb_struct_na_base_pair.i_symmetry 
_ndb_struct_na_base_pair.j_label_asym_id 
_ndb_struct_na_base_pair.j_label_comp_id 
_ndb_struct_na_base_pair.j_label_seq_id 
_ndb_struct_na_base_pair.j_symmetry 
_ndb_struct_na_base_pair.shear 
_ndb_struct_na_base_pair.stretch 
_ndb_struct_na_base_pair.stagger 
_ndb_struct_na_base_pair.buckle 
_ndb_struct_na_base_pair.propeller 
_ndb_struct_na_base_pair.opening 
_ndb_struct_na_base_pair.pair_number 
_ndb_struct_na_base_pair.pair_name 
_ndb_struct_na_base_pair.i_auth_asym_id 
_ndb_struct_na_base_pair.i_auth_seq_id 
_ndb_struct_na_base_pair.i_PDB_ins_code 
_ndb_struct_na_base_pair.j_auth_asym_id 
_ndb_struct_na_base_pair.j_auth_seq_id 
_ndb_struct_na_base_pair.j_PDB_ins_code 
_ndb_struct_na_base_pair.hbond_type_28 
_ndb_struct_na_base_pair.hbond_type_12 
1 A DA 3  1_555 D DT 15 1_555 0.414  -0.187 -0.067 0.479  -4.949  8.911   1  A_DA3:DT16_D A 3  ? D 16 ? 20 1 
1 A DC 4  1_555 D DG 14 1_555 -0.379 -0.278 -0.001 3.335  -6.526  -12.098 2  A_DC4:DG15_D A 4  ? D 15 ? 19 1 
1 A DG 5  1_555 D DC 13 1_555 0.874  -0.317 0.826  10.336 -13.789 -7.943  3  A_DG5:DC14_D A 5  ? D 14 ? 19 1 
1 A DA 6  1_555 D DT 12 1_555 0.822  -0.367 0.033  -0.568 -12.290 -11.881 4  A_DA6:DT13_D A 6  ? D 13 ? 20 1 
1 A DC 7  1_555 D DG 11 1_555 0.024  -0.507 0.153  1.496  -10.610 -4.183  5  A_DC7:DG12_D A 7  ? D 12 ? 19 1 
1 A DA 8  1_555 D DT 10 1_555 -0.579 -0.124 0.249  -2.199 -10.362 -10.014 6  A_DA8:DT11_D A 8  ? D 11 ? 20 1 
1 A DG 9  1_555 D DC 9  1_555 0.222  -0.281 0.080  -4.145 -13.149 2.630   7  A_DG9:DC10_D A 9  ? D 10 ? 19 1 
1 A DA 10 1_555 C DT 3  1_555 0.310  0.236  0.220  -6.217 0.184   3.405   8  A_DA10:DT2_C A 10 ? C 2  ? 20 1 
1 A DG 11 1_555 C DC 2  1_555 0.079  -0.470 0.052  6.288  -1.864  -0.852  9  A_DG11:DC1_C A 11 ? C 1  ? 19 1 
1 A DA 12 1_555 C DT 1  1_555 0.521  -0.330 0.273  7.938  -12.446 -9.151  10 A_DA12:DT0_C A 12 ? C 0  ? 20 1 
1 B DC 1  1_555 C DG 6  1_555 -0.970 0.125  0.623  -5.064 -14.117 -2.981  11 B_DC12:DG5_C B 12 ? C 5  ? 19 1 
1 B DG 2  1_555 C DC 5  1_555 -0.031 -0.443 -0.013 9.901  -4.289  -8.870  12 B_DG13:DC4_C B 13 ? C 4  ? 19 1 
1 B DC 3  1_555 C DG 4  1_555 -0.607 -0.095 0.042  9.271  -11.129 -0.684  13 B_DC14:DG3_C B 14 ? C 3  ? 19 1 
1 B DC 4  1_555 D DG 8  1_555 -0.793 -0.207 0.322  0.734  0.282   -2.001  14 B_DC15:DG9_D B 15 ? D 9  ? 19 1 
1 B DG 5  1_555 D DC 7  1_555 0.322  0.073  0.704  8.222  -3.313  1.782   15 B_DG16:DC8_D B 16 ? D 8  ? 19 1 
1 B DA 6  1_555 D DT 6  1_555 1.117  -0.233 0.791  7.921  -6.422  -9.400  16 B_DA17:DT7_D B 17 ? D 7  ? 20 1 
1 B DC 7  1_555 D DG 5  1_555 0.005  -0.451 0.210  7.548  -11.258 -4.031  17 B_DC18:DG6_D B 18 ? D 6  ? 19 1 
1 B DT 8  1_555 D DA 4  1_555 -0.524 -0.325 -0.220 2.587  -12.830 -8.514  18 B_DT19:DA5_D B 19 ? D 5  ? 20 1 
1 B DC 9  1_555 D DG 3  1_555 0.456  -0.554 0.106  3.628  -14.416 -7.452  19 B_DC20:DG4_D B 20 ? D 4  ? 19 1 
# 
loop_
_ndb_struct_na_base_pair_step.model_number 
_ndb_struct_na_base_pair_step.i_label_asym_id_1 
_ndb_struct_na_base_pair_step.i_label_comp_id_1 
_ndb_struct_na_base_pair_step.i_label_seq_id_1 
_ndb_struct_na_base_pair_step.i_symmetry_1 
_ndb_struct_na_base_pair_step.j_label_asym_id_1 
_ndb_struct_na_base_pair_step.j_label_comp_id_1 
_ndb_struct_na_base_pair_step.j_label_seq_id_1 
_ndb_struct_na_base_pair_step.j_symmetry_1 
_ndb_struct_na_base_pair_step.i_label_asym_id_2 
_ndb_struct_na_base_pair_step.i_label_comp_id_2 
_ndb_struct_na_base_pair_step.i_label_seq_id_2 
_ndb_struct_na_base_pair_step.i_symmetry_2 
_ndb_struct_na_base_pair_step.j_label_asym_id_2 
_ndb_struct_na_base_pair_step.j_label_comp_id_2 
_ndb_struct_na_base_pair_step.j_label_seq_id_2 
_ndb_struct_na_base_pair_step.j_symmetry_2 
_ndb_struct_na_base_pair_step.shift 
_ndb_struct_na_base_pair_step.slide 
_ndb_struct_na_base_pair_step.rise 
_ndb_struct_na_base_pair_step.tilt 
_ndb_struct_na_base_pair_step.roll 
_ndb_struct_na_base_pair_step.twist 
_ndb_struct_na_base_pair_step.x_displacement 
_ndb_struct_na_base_pair_step.y_displacement 
_ndb_struct_na_base_pair_step.helical_rise 
_ndb_struct_na_base_pair_step.inclination 
_ndb_struct_na_base_pair_step.tip 
_ndb_struct_na_base_pair_step.helical_twist 
_ndb_struct_na_base_pair_step.step_number 
_ndb_struct_na_base_pair_step.step_name 
_ndb_struct_na_base_pair_step.i_auth_asym_id_1 
_ndb_struct_na_base_pair_step.i_auth_seq_id_1 
_ndb_struct_na_base_pair_step.i_PDB_ins_code_1 
_ndb_struct_na_base_pair_step.j_auth_asym_id_1 
_ndb_struct_na_base_pair_step.j_auth_seq_id_1 
_ndb_struct_na_base_pair_step.j_PDB_ins_code_1 
_ndb_struct_na_base_pair_step.i_auth_asym_id_2 
_ndb_struct_na_base_pair_step.i_auth_seq_id_2 
_ndb_struct_na_base_pair_step.i_PDB_ins_code_2 
_ndb_struct_na_base_pair_step.j_auth_asym_id_2 
_ndb_struct_na_base_pair_step.j_auth_seq_id_2 
_ndb_struct_na_base_pair_step.j_PDB_ins_code_2 
1 A DA 3  1_555 D DT 15 1_555 A DC 4  1_555 D DG 14 1_555 -0.820 -0.561 3.258 -3.765 0.754  28.656 -1.293 0.798  3.321 1.515  
7.563  28.907 1  AA_DA3DC4:DG15DT16_DD A 3  ? D 16 ? A 4  ? D 15 ? 
1 A DC 4  1_555 D DG 14 1_555 A DG 5  1_555 D DC 13 1_555 0.254  -0.488 3.165 -4.518 3.837  39.156 -1.151 -0.881 3.058 5.685  
6.694  39.585 2  AA_DC4DG5:DC14DG15_DD A 4  ? D 15 ? A 5  ? D 14 ? 
1 A DG 5  1_555 D DC 13 1_555 A DA 6  1_555 D DT 12 1_555 -0.662 -0.283 3.524 3.668  -1.281 36.824 -0.261 1.569  3.452 -2.022 
-5.787 37.021 3  AA_DG5DA6:DT13DC14_DD A 5  ? D 14 ? A 6  ? D 13 ? 
1 A DA 6  1_555 D DT 12 1_555 A DC 7  1_555 D DG 11 1_555 0.769  -1.068 3.299 -1.606 -0.358 31.951 -1.873 -1.687 3.269 -0.650 
2.914  31.992 4  AA_DA6DC7:DG12DT13_DD A 6  ? D 13 ? A 7  ? D 12 ? 
1 A DC 7  1_555 D DG 11 1_555 A DA 8  1_555 D DT 10 1_555 -0.159 -0.794 3.366 -0.612 -1.671 29.802 -1.181 0.176  3.407 -3.246 
1.188  29.853 5  AA_DC7DA8:DT11DG12_DD A 7  ? D 12 ? A 8  ? D 11 ? 
1 A DA 8  1_555 D DT 10 1_555 A DG 9  1_555 D DC 9  1_555 0.887  -0.478 3.445 -1.817 0.785  41.427 -0.762 -1.455 3.395 1.108  
2.567  41.472 6  AA_DA8DG9:DC10DT11_DD A 8  ? D 11 ? A 9  ? D 10 ? 
1 A DG 9  1_555 D DC 9  1_555 A DA 10 1_555 C DT 3  1_555 -1.774 -0.482 3.005 -7.140 4.728  32.931 -1.555 1.932  3.210 8.170  
12.337 33.997 7  AA_DG9DA10:DT2DC10_CD A 9  ? D 10 ? A 10 ? C 2  ? 
1 A DA 10 1_555 C DT 3  1_555 A DG 11 1_555 C DC 2  1_555 -0.031 -0.428 3.101 -0.448 6.543  28.363 -2.190 -0.030 2.930 13.132 
0.899  29.097 8  AA_DA10DG11:DC1DT2_CC A 10 ? C 2  ? A 11 ? C 1  ? 
1 A DG 11 1_555 C DC 2  1_555 A DA 12 1_555 C DT 1  1_555 -0.423 0.151  3.303 -4.139 1.471  39.558 0.048  0.133  3.332 2.166  
6.093  39.791 9  AA_DG11DA12:DT0DC1_CC A 11 ? C 1  ? A 12 ? C 0  ? 
1 B DC 1  1_555 C DG 6  1_555 B DG 2  1_555 C DC 5  1_555 0.003  -0.417 3.011 4.057  8.734  40.267 -1.442 0.392  2.851 12.472 
-5.793 41.356 10 BB_DC12DG13:DC4DG5_CC B 12 ? C 5  ? B 13 ? C 4  ? 
1 B DG 2  1_555 C DC 5  1_555 B DC 3  1_555 C DG 4  1_555 0.956  -1.337 3.191 -0.565 0.821  31.871 -2.578 -1.840 3.139 1.494  
1.029  31.886 11 BB_DG13DC14:DG3DC4_CC B 13 ? C 4  ? B 14 ? C 3  ? 
1 B DC 3  1_555 C DG 4  1_555 B DC 4  1_555 D DG 8  1_555 -0.833 -1.635 3.422 -5.315 3.540  25.855 -4.516 0.362  3.275 7.763  
11.653 26.619 12 BB_DC14DC15:DG9DG3_DC B 14 ? C 3  ? B 15 ? D 9  ? 
1 B DC 4  1_555 D DG 8  1_555 B DG 5  1_555 D DC 7  1_555 -0.521 0.494  3.334 -1.849 3.937  40.346 0.260  0.540  3.385 5.688  
2.671  40.570 13 BB_DC15DG16:DC8DG9_DD B 15 ? D 9  ? B 16 ? D 8  ? 
1 B DG 5  1_555 D DC 7  1_555 B DA 6  1_555 D DT 6  1_555 -0.301 -0.538 3.210 -1.094 3.654  39.364 -1.213 0.320  3.157 5.409  
1.620  39.542 14 BB_DG16DA17:DT7DC8_DD B 16 ? D 8  ? B 17 ? D 7  ? 
1 B DA 6  1_555 D DT 6  1_555 B DC 7  1_555 D DG 5  1_555 0.690  -1.606 3.261 2.996  2.451  29.392 -3.649 -0.725 3.173 4.804  
-5.873 29.640 15 BB_DA17DC18:DG6DT7_DD B 17 ? D 7  ? B 18 ? D 6  ? 
1 B DC 7  1_555 D DG 5  1_555 B DT 8  1_555 D DA 4  1_555 -0.440 -0.413 3.340 5.137  2.744  32.384 -1.201 1.660  3.190 4.870  
-9.118 32.890 16 BB_DC18DT19:DA5DG6_DD B 18 ? D 6  ? B 19 ? D 5  ? 
1 B DT 8  1_555 D DA 4  1_555 B DC 9  1_555 D DG 3  1_555 0.328  -0.183 3.541 0.177  2.708  40.669 -0.586 -0.450 3.524 3.891  
-0.254 40.755 17 BB_DT19DC20:DG4DA5_DD B 19 ? D 5  ? B 20 ? D 4  ? 
# 
loop_
_pdbx_audit_support.funding_organization 
_pdbx_audit_support.country 
_pdbx_audit_support.grant_number 
_pdbx_audit_support.ordinal 
'National Science Foundation (NSF, United States)'                                         'United States' 1360635     1 
'National Institutes of Health/National Institute of General Medical Sciences (NIH/NIGMS)' 'United States' R01GM104960 2 
'National Science Foundation (NSF, United States)'                                         'United States' NSF2004250  3 
# 
_pdbx_entity_nonpoly.entity_id   5 
_pdbx_entity_nonpoly.name        'CACODYLATE ION' 
_pdbx_entity_nonpoly.comp_id     CAC 
# 
_pdbx_initial_refinement_model.id               1 
_pdbx_initial_refinement_model.entity_id_list   ? 
_pdbx_initial_refinement_model.type             'experimental model' 
_pdbx_initial_refinement_model.source_name      PDB 
_pdbx_initial_refinement_model.accession_code   6XNA 
_pdbx_initial_refinement_model.details          ? 
# 
_pdbx_struct_assembly_auth_evidence.id                     1 
_pdbx_struct_assembly_auth_evidence.assembly_id            1 
_pdbx_struct_assembly_auth_evidence.experimental_support   none 
_pdbx_struct_assembly_auth_evidence.details                ? 
# 
